data_9B5K
#
_entry.id   9B5K
#
_cell.length_a   1.00
_cell.length_b   1.00
_cell.length_c   1.00
_cell.angle_alpha   90.00
_cell.angle_beta   90.00
_cell.angle_gamma   90.00
#
_symmetry.space_group_name_H-M   'P 1'
#
loop_
_entity.id
_entity.type
_entity.pdbx_description
1 polymer 'Ubiquitin-activating enzyme E1 1'
2 polymer 'Large ribosomal subunit protein eL40B'
3 polymer 'Ubiquitin-conjugating enzyme E2 4'
4 polymer Ubiquitin
5 non-polymer 'MAGNESIUM ION'
6 non-polymer "ADENOSINE-5'-TRIPHOSPHATE"
7 non-polymer 4-aminobutanenitrile
#
loop_
_entity_poly.entity_id
_entity_poly.type
_entity_poly.pdbx_seq_one_letter_code
_entity_poly.pdbx_strand_id
1 'polypeptide(L)'
;SNTIDEGLYSRQLYVLGHEAMKQMSQSNVLIIGCKGLGVEIAKNVCLAGVKSVTLYDPQPTRIEDLSSQYFLTEDDIGVP
RAKVTVSKLAELNQYVPVSVVDELSTEYLKNFKCVVVTETSLTKQLEINDFTHKNHIAYIAADSRGLFGSIFCDFGENFI
CTDTDGNEPLTGMIASITDDGVVTMLEETRHGLENGDFVKFTEVKGMPGLNDGTPRKVEVKGPYTFSIGSVKDLGSAGYN
GVFTQVKVPTKISFKSLRESLKDPEYVYPDFGKMMRPPQYHIAFQALSAFADAHEGSLPRPRNDIDAAEFFEFCKKIAST
LQFDVELDEKLIKEISYQARGDLVAMSAFLGGAVAQEVLKATTSKFYPLKQYFYFDSLESLPSSVTISEETCKPRGCRYD
GQIAVFGSEFQEKIASLSTFLVGAGAIGCEMLKNWAMMGVATGESGHISVTDMDSIEKSNLNRQFLFRPRDVGKLKSECA
STAVSIMNPSLTGKITSYQERVGPESEGIFGDEFFEKLSLVTNALDNVEARMYVDRRCVFFEKPLLESGTLGTKGNTQVV
VPHLTESYGSSQDPPEKSFPICTLKNFPNRIEHTIAWARDLFEGLFKQPIDNVNMYLSSPNFLETSLKTSSNPREVLENI
RDYLVTEKPLSFEECIMWARLQFDKFFNNNIQQLLFNFPKDSVTSTGQPFWSGPKRAPTPLSFDIHNREHFDFIVAAASL
YAFNYGLKSETDPAIYERVLAGYNPPPFAPKSGIKIQVNENEEAPETAANKDKQELKSIADSLPPPSSLVGFRLTPAEFE
KDDDSNHHIDFITAASNLRAMNYDITPADRFKTKFVAGKIVPAMCTSTAVVSGLVCLELVKLVDGKKKIEEYKNGFFNLA
IGLFTFSDPIASPKMKVNGKEIDKIWDRYNLPDCTLQELIDYFQKEEGLEVTMLSSGVSLLYANFQPPKKLAERLPLKIS
ELVEQITKKKLEPFRKHLVLEICCDDANGEDVEVPFICIKL
;
A
2 'polypeptide(L)' MQIFVKTLTGKTITLEVESSDTIDNVKSKIQDKEGIPPDQQRLIFAGKQLEDGRTLSDYNIQKESTLHLVLRLRGG B
3 'polypeptide(L)'
;MALKRINRELADLGKDPPSSSSAGPVGDDLFHWQATIMGPADSPYAGGVFFLSIHFPTDYPFKPPKVNFTTRIYHPNINS
NGSICLDILRDQWSPALTISKVLLSISSLLTDPNPDDPLVPEIAHVYKTDRSRYELSAREWTRKYAIGGLVPR
;
C
4 'polypeptide(L)' GSGGMQIFVKTLTGKTITLEVESSDTIDNVKSKIQDKEGIPPDQQRLIFAGKQLEDGRTLSDYNIQKESTLHLVLRLRG D
#
loop_
_chem_comp.id
_chem_comp.type
_chem_comp.name
_chem_comp.formula
A1AIV non-polymer 4-aminobutanenitrile 'C4 H8 N2'
ATP non-polymer ADENOSINE-5'-TRIPHOSPHATE 'C10 H16 N5 O13 P3'
MG non-polymer 'MAGNESIUM ION' 'Mg 2'
#
# COMPACT_ATOMS: atom_id res chain seq x y z
N THR A 3 7.97 -1.16 28.83
CA THR A 3 7.48 -2.48 29.21
C THR A 3 6.22 -2.85 28.44
N ILE A 4 6.06 -2.25 27.26
CA ILE A 4 4.91 -2.54 26.41
C ILE A 4 5.07 -3.92 25.80
N ASP A 5 4.00 -4.70 25.82
CA ASP A 5 4.02 -6.04 25.25
C ASP A 5 4.00 -5.98 23.74
N GLU A 6 5.17 -5.97 23.11
CA GLU A 6 5.27 -5.85 21.66
C GLU A 6 4.73 -7.09 20.94
N GLY A 7 4.56 -8.20 21.64
CA GLY A 7 3.99 -9.37 20.99
C GLY A 7 2.51 -9.29 20.73
N LEU A 8 1.84 -8.31 21.33
CA LEU A 8 0.40 -8.10 21.14
C LEU A 8 0.09 -6.80 20.42
N TYR A 9 0.77 -5.71 20.77
CA TYR A 9 0.55 -4.41 20.15
C TYR A 9 1.52 -4.14 19.00
N SER A 10 1.96 -5.19 18.30
CA SER A 10 2.98 -5.01 17.28
C SER A 10 2.50 -4.10 16.16
N ARG A 11 1.27 -4.32 15.68
CA ARG A 11 0.77 -3.53 14.56
C ARG A 11 0.33 -2.15 15.00
N GLN A 12 -0.13 -1.99 16.24
CA GLN A 12 -0.60 -0.70 16.71
C GLN A 12 0.54 0.25 17.04
N LEU A 13 1.67 -0.28 17.52
CA LEU A 13 2.79 0.59 17.86
C LEU A 13 3.33 1.32 16.64
N TYR A 14 3.21 0.72 15.45
CA TYR A 14 3.64 1.39 14.24
C TYR A 14 2.72 2.55 13.88
N VAL A 15 1.52 2.59 14.44
CA VAL A 15 0.61 3.71 14.21
C VAL A 15 0.77 4.77 15.29
N LEU A 16 0.84 4.35 16.55
CA LEU A 16 0.92 5.30 17.66
C LEU A 16 2.36 5.57 18.08
N GLY A 17 3.08 4.53 18.47
CA GLY A 17 4.45 4.66 18.93
C GLY A 17 4.61 4.22 20.38
N HIS A 18 5.86 4.14 20.80
CA HIS A 18 6.15 3.70 22.16
C HIS A 18 5.73 4.74 23.18
N GLU A 19 6.09 6.01 22.95
CA GLU A 19 5.73 7.06 23.89
C GLU A 19 4.22 7.23 23.96
N ALA A 20 3.55 7.19 22.81
CA ALA A 20 2.09 7.38 22.79
C ALA A 20 1.40 6.29 23.61
N MET A 21 1.78 5.03 23.40
CA MET A 21 1.16 3.95 24.16
C MET A 21 1.55 4.00 25.63
N LYS A 22 2.79 4.40 25.92
CA LYS A 22 3.19 4.54 27.32
C LYS A 22 2.30 5.54 28.04
N GLN A 23 2.06 6.69 27.41
CA GLN A 23 1.19 7.68 28.04
C GLN A 23 -0.27 7.24 28.03
N MET A 24 -0.68 6.49 27.02
CA MET A 24 -2.07 6.02 26.95
C MET A 24 -2.37 5.03 28.06
N SER A 25 -1.41 4.15 28.37
CA SER A 25 -1.61 3.11 29.37
C SER A 25 -1.74 3.65 30.78
N GLN A 26 -1.75 4.97 30.99
CA GLN A 26 -1.94 5.56 32.31
C GLN A 26 -3.17 6.45 32.37
N SER A 27 -4.14 6.25 31.48
CA SER A 27 -5.33 7.07 31.40
C SER A 27 -6.57 6.24 31.68
N ASN A 28 -7.52 6.82 32.39
CA ASN A 28 -8.79 6.18 32.69
C ASN A 28 -9.89 6.78 31.84
N VAL A 29 -10.79 5.92 31.37
CA VAL A 29 -11.90 6.32 30.51
C VAL A 29 -13.20 5.86 31.16
N LEU A 30 -14.16 6.76 31.26
CA LEU A 30 -15.51 6.44 31.72
C LEU A 30 -16.45 6.51 30.54
N ILE A 31 -17.36 5.55 30.45
CA ILE A 31 -18.33 5.47 29.37
C ILE A 31 -19.73 5.41 29.96
N ILE A 32 -20.59 6.34 29.56
CA ILE A 32 -21.96 6.40 30.02
C ILE A 32 -22.86 5.95 28.88
N GLY A 33 -23.66 4.92 29.15
CA GLY A 33 -24.48 4.30 28.11
C GLY A 33 -23.83 3.06 27.57
N CYS A 34 -24.54 1.93 27.59
CA CYS A 34 -24.00 0.65 27.14
C CYS A 34 -24.90 0.02 26.08
N LYS A 35 -25.38 0.83 25.14
CA LYS A 35 -26.11 0.32 23.99
C LYS A 35 -25.09 0.02 22.89
N GLY A 36 -25.57 -0.17 21.66
CA GLY A 36 -24.66 -0.59 20.59
C GLY A 36 -23.49 0.36 20.43
N LEU A 37 -23.76 1.67 20.42
CA LEU A 37 -22.70 2.64 20.25
C LEU A 37 -21.76 2.63 21.45
N GLY A 38 -22.31 2.61 22.66
CA GLY A 38 -21.47 2.58 23.84
C GLY A 38 -20.61 1.34 23.92
N VAL A 39 -21.19 0.18 23.61
CA VAL A 39 -20.43 -1.06 23.69
C VAL A 39 -19.37 -1.10 22.59
N GLU A 40 -19.67 -0.56 21.42
CA GLU A 40 -18.66 -0.48 20.37
C GLU A 40 -17.48 0.39 20.81
N ILE A 41 -17.79 1.55 21.40
CA ILE A 41 -16.72 2.42 21.88
C ILE A 41 -15.91 1.71 22.96
N ALA A 42 -16.58 1.03 23.88
CA ALA A 42 -15.87 0.32 24.94
C ALA A 42 -14.98 -0.77 24.37
N LYS A 43 -15.48 -1.51 23.37
CA LYS A 43 -14.68 -2.56 22.75
C LYS A 43 -13.42 -1.96 22.12
N ASN A 44 -13.58 -0.89 21.35
CA ASN A 44 -12.42 -0.29 20.69
C ASN A 44 -11.42 0.23 21.71
N VAL A 45 -11.90 0.86 22.78
CA VAL A 45 -10.99 1.36 23.80
C VAL A 45 -10.27 0.22 24.51
N CYS A 46 -10.99 -0.85 24.85
CA CYS A 46 -10.34 -1.97 25.53
C CYS A 46 -9.28 -2.61 24.64
N LEU A 47 -9.58 -2.79 23.37
CA LEU A 47 -8.56 -3.34 22.47
C LEU A 47 -7.40 -2.38 22.30
N ALA A 48 -7.65 -1.06 22.38
CA ALA A 48 -6.57 -0.10 22.19
C ALA A 48 -5.52 -0.23 23.28
N GLY A 49 -5.94 -0.35 24.54
CA GLY A 49 -5.00 -0.59 25.62
C GLY A 49 -4.91 0.51 26.66
N VAL A 50 -6.01 1.23 26.94
CA VAL A 50 -6.00 2.24 27.97
C VAL A 50 -5.88 1.54 29.32
N LYS A 51 -5.64 2.32 30.38
CA LYS A 51 -5.40 1.70 31.68
C LYS A 51 -6.64 0.95 32.17
N SER A 52 -7.82 1.55 32.05
CA SER A 52 -9.03 0.89 32.50
C SER A 52 -10.24 1.56 31.86
N VAL A 53 -11.37 0.88 31.94
CA VAL A 53 -12.64 1.37 31.43
C VAL A 53 -13.70 1.14 32.51
N THR A 54 -14.57 2.12 32.68
CA THR A 54 -15.67 2.02 33.62
C THR A 54 -16.98 2.30 32.90
N LEU A 55 -17.99 1.48 33.19
CA LEU A 55 -19.28 1.58 32.53
C LEU A 55 -20.34 2.03 33.53
N TYR A 56 -21.30 2.82 33.06
CA TYR A 56 -22.41 3.27 33.90
C TYR A 56 -23.68 3.23 33.05
N ASP A 57 -24.54 2.26 33.32
CA ASP A 57 -25.82 2.17 32.63
C ASP A 57 -26.80 1.33 33.45
N PRO A 58 -27.56 1.96 34.36
CA PRO A 58 -28.47 1.18 35.21
C PRO A 58 -29.79 0.81 34.56
N GLN A 59 -30.02 1.20 33.31
CA GLN A 59 -31.30 0.91 32.67
C GLN A 59 -31.46 -0.59 32.47
N PRO A 60 -32.65 -1.14 32.72
CA PRO A 60 -32.86 -2.57 32.47
C PRO A 60 -32.87 -2.87 30.97
N THR A 61 -32.46 -4.09 30.65
CA THR A 61 -32.39 -4.49 29.24
C THR A 61 -33.78 -4.68 28.66
N ARG A 62 -33.96 -4.23 27.43
CA ARG A 62 -35.16 -4.46 26.65
C ARG A 62 -34.83 -5.30 25.43
N ILE A 63 -35.86 -5.80 24.76
CA ILE A 63 -35.65 -6.69 23.62
C ILE A 63 -35.03 -5.91 22.47
N GLU A 64 -35.58 -4.73 22.15
CA GLU A 64 -35.09 -3.97 21.02
C GLU A 64 -33.62 -3.59 21.17
N ASP A 65 -33.11 -3.54 22.40
CA ASP A 65 -31.70 -3.22 22.60
C ASP A 65 -30.79 -4.23 21.91
N LEU A 66 -31.27 -5.43 21.63
CA LEU A 66 -30.45 -6.41 20.93
C LEU A 66 -30.26 -6.08 19.46
N SER A 67 -30.89 -5.02 18.95
CA SER A 67 -30.77 -4.71 17.53
C SER A 67 -29.34 -4.34 17.16
N SER A 68 -28.56 -3.82 18.12
CA SER A 68 -27.17 -3.44 17.84
C SER A 68 -26.20 -3.83 18.95
N GLN A 69 -26.66 -4.42 20.05
CA GLN A 69 -25.80 -4.82 21.16
C GLN A 69 -25.47 -6.30 20.98
N TYR A 70 -24.21 -6.59 20.66
CA TYR A 70 -23.79 -7.96 20.39
C TYR A 70 -23.25 -8.68 21.63
N PHE A 71 -23.21 -8.02 22.79
CA PHE A 71 -22.86 -8.67 24.04
C PHE A 71 -24.08 -8.95 24.90
N LEU A 72 -25.29 -8.75 24.38
CA LEU A 72 -26.53 -9.06 25.07
C LEU A 72 -27.23 -10.21 24.37
N THR A 73 -27.87 -11.07 25.16
CA THR A 73 -28.61 -12.20 24.63
C THR A 73 -30.04 -12.15 25.17
N GLU A 74 -30.93 -12.91 24.52
CA GLU A 74 -32.34 -12.87 24.90
C GLU A 74 -32.59 -13.46 26.28
N ASP A 75 -31.59 -14.11 26.88
CA ASP A 75 -31.73 -14.60 28.25
C ASP A 75 -31.41 -13.53 29.28
N ASP A 76 -30.94 -12.36 28.86
CA ASP A 76 -30.55 -11.28 29.76
C ASP A 76 -31.58 -10.17 29.84
N ILE A 77 -32.81 -10.42 29.37
CA ILE A 77 -33.84 -9.40 29.42
C ILE A 77 -34.22 -9.13 30.88
N GLY A 78 -34.27 -7.86 31.24
CA GLY A 78 -34.58 -7.46 32.61
C GLY A 78 -33.39 -7.28 33.51
N VAL A 79 -32.18 -7.27 32.97
CA VAL A 79 -30.96 -7.10 33.77
C VAL A 79 -30.28 -5.81 33.32
N PRO A 80 -29.68 -5.04 34.23
CA PRO A 80 -28.97 -3.83 33.79
C PRO A 80 -27.90 -4.15 32.77
N ARG A 81 -27.77 -3.28 31.77
CA ARG A 81 -26.90 -3.58 30.63
C ARG A 81 -25.43 -3.65 31.04
N ALA A 82 -25.00 -2.77 31.93
CA ALA A 82 -23.60 -2.76 32.33
C ALA A 82 -23.22 -4.07 33.01
N LYS A 83 -24.10 -4.60 33.87
CA LYS A 83 -23.77 -5.80 34.61
C LYS A 83 -23.58 -6.98 33.66
N VAL A 84 -24.43 -7.10 32.64
CA VAL A 84 -24.32 -8.22 31.70
C VAL A 84 -23.31 -7.99 30.59
N THR A 85 -22.82 -6.76 30.42
CA THR A 85 -21.81 -6.48 29.41
C THR A 85 -20.39 -6.50 29.93
N VAL A 86 -20.18 -6.15 31.21
CA VAL A 86 -18.84 -6.06 31.74
C VAL A 86 -18.15 -7.43 31.73
N SER A 87 -18.89 -8.48 32.06
CA SER A 87 -18.28 -9.80 32.13
C SER A 87 -17.73 -10.22 30.77
N LYS A 88 -18.46 -9.93 29.70
CA LYS A 88 -17.97 -10.28 28.37
C LYS A 88 -16.91 -9.30 27.88
N LEU A 89 -16.94 -8.05 28.33
CA LEU A 89 -15.93 -7.09 27.89
C LEU A 89 -14.59 -7.35 28.57
N ALA A 90 -14.59 -7.92 29.78
CA ALA A 90 -13.35 -8.12 30.50
C ALA A 90 -12.43 -9.13 29.83
N GLU A 91 -12.92 -9.88 28.84
CA GLU A 91 -12.12 -10.90 28.19
C GLU A 91 -11.38 -10.40 26.96
N LEU A 92 -11.75 -9.24 26.43
CA LEU A 92 -11.13 -8.77 25.19
C LEU A 92 -9.64 -8.51 25.37
N ASN A 93 -9.26 -7.87 26.47
CA ASN A 93 -7.86 -7.56 26.74
C ASN A 93 -7.57 -7.83 28.20
N GLN A 94 -6.50 -8.58 28.46
CA GLN A 94 -6.16 -8.94 29.83
C GLN A 94 -5.50 -7.81 30.60
N TYR A 95 -4.96 -6.81 29.90
CA TYR A 95 -4.29 -5.70 30.55
C TYR A 95 -5.21 -4.54 30.89
N VAL A 96 -6.48 -4.60 30.48
CA VAL A 96 -7.42 -3.50 30.66
C VAL A 96 -8.56 -4.00 31.55
N PRO A 97 -8.52 -3.69 32.84
CA PRO A 97 -9.66 -4.01 33.71
C PRO A 97 -10.90 -3.21 33.30
N VAL A 98 -12.06 -3.83 33.50
CA VAL A 98 -13.35 -3.19 33.23
C VAL A 98 -14.20 -3.28 34.48
N SER A 99 -14.82 -2.16 34.85
CA SER A 99 -15.59 -2.06 36.08
C SER A 99 -16.92 -1.37 35.79
N VAL A 100 -17.83 -1.45 36.76
CA VAL A 100 -19.15 -0.86 36.67
C VAL A 100 -19.43 -0.06 37.92
N VAL A 101 -19.98 1.13 37.76
CA VAL A 101 -20.35 2.00 38.86
C VAL A 101 -21.87 2.16 38.84
N ASP A 102 -22.51 1.92 39.98
CA ASP A 102 -23.96 1.95 40.07
C ASP A 102 -24.52 3.33 40.39
N GLU A 103 -23.65 4.30 40.67
CA GLU A 103 -24.09 5.66 40.96
C GLU A 103 -23.02 6.61 40.47
N LEU A 104 -23.45 7.68 39.79
CA LEU A 104 -22.53 8.67 39.25
C LEU A 104 -22.73 9.98 39.99
N SER A 105 -21.67 10.49 40.60
CA SER A 105 -21.66 11.80 41.24
C SER A 105 -20.63 12.68 40.52
N THR A 106 -20.87 13.99 40.56
CA THR A 106 -20.02 14.90 39.81
C THR A 106 -18.57 14.77 40.23
N GLU A 107 -18.30 14.80 41.54
CA GLU A 107 -16.93 14.73 42.02
C GLU A 107 -16.22 13.47 41.54
N TYR A 108 -16.95 12.36 41.42
CA TYR A 108 -16.34 11.12 40.97
C TYR A 108 -15.66 11.29 39.61
N LEU A 109 -16.18 12.20 38.79
CA LEU A 109 -15.62 12.38 37.46
C LEU A 109 -14.15 12.77 37.51
N LYS A 110 -13.67 13.28 38.64
CA LYS A 110 -12.27 13.66 38.73
C LYS A 110 -11.32 12.48 38.63
N ASN A 111 -11.82 11.25 38.72
CA ASN A 111 -10.94 10.09 38.67
C ASN A 111 -10.58 9.66 37.26
N PHE A 112 -11.15 10.28 36.22
CA PHE A 112 -11.03 9.77 34.86
C PHE A 112 -10.33 10.78 33.96
N LYS A 113 -9.52 10.26 33.04
CA LYS A 113 -8.86 11.10 32.05
C LYS A 113 -9.81 11.50 30.93
N CYS A 114 -10.76 10.64 30.56
CA CYS A 114 -11.69 10.97 29.50
C CYS A 114 -13.08 10.45 29.86
N VAL A 115 -14.11 11.18 29.41
CA VAL A 115 -15.50 10.86 29.70
C VAL A 115 -16.28 10.84 28.39
N VAL A 116 -16.88 9.71 28.06
CA VAL A 116 -17.69 9.54 26.85
C VAL A 116 -19.14 9.38 27.29
N VAL A 117 -20.05 10.08 26.60
CA VAL A 117 -21.46 10.12 26.98
C VAL A 117 -22.30 9.76 25.77
N THR A 118 -23.17 8.77 25.92
CA THR A 118 -24.10 8.39 24.87
C THR A 118 -25.48 8.14 25.48
N GLU A 119 -26.51 8.35 24.68
CA GLU A 119 -27.89 8.06 25.07
C GLU A 119 -28.24 8.75 26.38
N THR A 120 -27.94 10.05 26.45
CA THR A 120 -28.21 10.86 27.63
C THR A 120 -28.86 12.17 27.19
N SER A 121 -29.81 12.64 27.99
CA SER A 121 -30.52 13.86 27.64
C SER A 121 -29.59 15.06 27.66
N LEU A 122 -30.02 16.13 27.00
CA LEU A 122 -29.15 17.30 26.85
C LEU A 122 -28.90 18.01 28.17
N THR A 123 -29.88 18.01 29.08
CA THR A 123 -29.69 18.66 30.36
C THR A 123 -28.56 17.98 31.15
N LYS A 124 -28.57 16.65 31.18
CA LYS A 124 -27.50 15.94 31.86
C LYS A 124 -26.16 16.17 31.18
N GLN A 125 -26.15 16.23 29.86
CA GLN A 125 -24.90 16.52 29.17
C GLN A 125 -24.36 17.88 29.55
N LEU A 126 -25.23 18.89 29.63
CA LEU A 126 -24.79 20.21 30.06
C LEU A 126 -24.27 20.18 31.49
N GLU A 127 -24.96 19.44 32.37
CA GLU A 127 -24.53 19.35 33.76
C GLU A 127 -23.14 18.71 33.87
N ILE A 128 -22.89 17.67 33.08
CA ILE A 128 -21.58 17.02 33.11
C ILE A 128 -20.51 17.94 32.52
N ASN A 129 -20.84 18.60 31.40
CA ASN A 129 -19.84 19.41 30.71
C ASN A 129 -19.46 20.63 31.52
N ASP A 130 -20.42 21.25 32.22
CA ASP A 130 -20.11 22.42 33.02
C ASP A 130 -19.03 22.11 34.06
N PHE A 131 -18.92 20.84 34.46
CA PHE A 131 -17.87 20.45 35.40
C PHE A 131 -16.61 19.98 34.69
N THR A 132 -16.75 19.17 33.64
CA THR A 132 -15.57 18.63 32.98
C THR A 132 -14.77 19.72 32.27
N HIS A 133 -15.42 20.81 31.87
CA HIS A 133 -14.70 21.85 31.13
C HIS A 133 -13.69 22.58 32.01
N LYS A 134 -14.09 22.95 33.23
CA LYS A 134 -13.25 23.76 34.09
C LYS A 134 -12.26 22.93 34.91
N ASN A 135 -12.31 21.60 34.84
CA ASN A 135 -11.35 20.75 35.52
C ASN A 135 -10.39 20.06 34.56
N HIS A 136 -10.39 20.44 33.29
CA HIS A 136 -9.48 19.88 32.30
C HIS A 136 -9.67 18.36 32.18
N ILE A 137 -10.88 17.98 31.81
CA ILE A 137 -11.22 16.58 31.54
C ILE A 137 -11.82 16.51 30.14
N ALA A 138 -11.28 15.61 29.33
CA ALA A 138 -11.79 15.45 27.97
C ALA A 138 -13.21 14.91 27.99
N TYR A 139 -14.09 15.52 27.20
CA TYR A 139 -15.50 15.16 27.16
C TYR A 139 -15.88 14.90 25.72
N ILE A 140 -16.43 13.72 25.46
CA ILE A 140 -16.89 13.34 24.12
C ILE A 140 -18.34 12.89 24.26
N ALA A 141 -19.21 13.38 23.38
CA ALA A 141 -20.61 13.03 23.40
C ALA A 141 -21.02 12.54 22.02
N ALA A 142 -21.63 11.36 21.98
CA ALA A 142 -22.02 10.74 20.71
C ALA A 142 -23.50 10.41 20.74
N ASP A 143 -24.09 10.42 19.55
CA ASP A 143 -25.52 10.12 19.42
C ASP A 143 -25.77 9.48 18.06
N SER A 144 -26.69 8.52 18.04
CA SER A 144 -27.01 7.77 16.82
C SER A 144 -28.52 7.58 16.76
N ARG A 145 -29.17 8.25 15.81
CA ARG A 145 -30.61 8.18 15.63
C ARG A 145 -30.87 7.68 14.21
N GLY A 146 -31.22 6.41 14.07
CA GLY A 146 -31.53 5.89 12.75
C GLY A 146 -30.33 6.01 11.84
N LEU A 147 -30.55 6.65 10.69
CA LEU A 147 -29.51 6.88 9.70
C LEU A 147 -28.78 8.21 9.91
N PHE A 148 -28.80 8.75 11.12
CA PHE A 148 -28.14 10.01 11.43
C PHE A 148 -27.26 9.84 12.65
N GLY A 149 -26.17 10.58 12.71
CA GLY A 149 -25.23 10.48 13.81
C GLY A 149 -24.59 11.81 14.10
N SER A 150 -24.19 12.00 15.35
CA SER A 150 -23.56 13.23 15.79
C SER A 150 -22.45 12.93 16.78
N ILE A 151 -21.37 13.69 16.69
CA ILE A 151 -20.25 13.60 17.61
C ILE A 151 -19.85 15.01 18.05
N PHE A 152 -19.51 15.16 19.32
CA PHE A 152 -19.06 16.42 19.87
C PHE A 152 -17.86 16.16 20.76
N CYS A 153 -16.81 16.98 20.62
CA CYS A 153 -15.58 16.81 21.37
C CYS A 153 -15.21 18.11 22.07
N ASP A 154 -14.70 17.99 23.29
CA ASP A 154 -14.27 19.16 24.07
C ASP A 154 -13.12 18.70 24.96
N PHE A 155 -11.90 19.04 24.58
CA PHE A 155 -10.70 18.60 25.28
C PHE A 155 -10.11 19.68 26.17
N GLY A 156 -10.82 20.77 26.39
CA GLY A 156 -10.34 21.85 27.23
C GLY A 156 -9.86 23.04 26.42
N GLU A 157 -9.58 24.12 27.15
CA GLU A 157 -9.18 25.38 26.53
C GLU A 157 -7.70 25.44 26.19
N ASN A 158 -6.89 24.49 26.65
CA ASN A 158 -5.45 24.51 26.45
C ASN A 158 -4.94 23.15 26.00
N PHE A 159 -5.60 22.55 25.01
CA PHE A 159 -5.13 21.27 24.50
C PHE A 159 -3.82 21.46 23.76
N ILE A 160 -2.89 20.53 23.99
CA ILE A 160 -1.56 20.57 23.38
C ILE A 160 -1.44 19.36 22.47
N CYS A 161 -1.26 19.60 21.17
CA CYS A 161 -1.17 18.56 20.16
C CYS A 161 0.27 18.45 19.71
N THR A 162 0.92 17.33 20.02
CA THR A 162 2.32 17.15 19.66
C THR A 162 2.47 16.82 18.18
N ASP A 163 1.69 15.86 17.69
CA ASP A 163 1.69 15.47 16.28
C ASP A 163 0.36 15.82 15.66
N THR A 164 0.41 16.56 14.54
CA THR A 164 -0.80 17.11 13.93
C THR A 164 -1.35 16.24 12.80
N ASP A 165 -0.50 15.81 11.88
CA ASP A 165 -0.96 15.06 10.71
C ASP A 165 -0.67 13.56 10.80
N GLY A 166 0.14 13.14 11.76
CA GLY A 166 0.42 11.72 11.91
C GLY A 166 1.33 11.13 10.87
N ASN A 167 2.14 11.94 10.20
CA ASN A 167 3.07 11.47 9.19
C ASN A 167 4.50 11.48 9.73
N GLU A 168 5.33 10.60 9.19
CA GLU A 168 6.72 10.56 9.60
C GLU A 168 7.42 11.86 9.20
N PRO A 169 8.36 12.35 10.01
CA PRO A 169 9.10 13.55 9.61
C PRO A 169 9.84 13.33 8.30
N LEU A 170 9.82 14.36 7.46
CA LEU A 170 10.48 14.28 6.16
C LEU A 170 11.99 14.49 6.33
N THR A 171 12.76 13.70 5.59
CA THR A 171 14.21 13.82 5.62
C THR A 171 14.74 13.77 4.19
N GLY A 172 15.90 14.39 3.98
CA GLY A 172 16.46 14.43 2.65
C GLY A 172 17.93 14.79 2.64
N MET A 173 18.55 14.57 1.49
CA MET A 173 19.95 14.86 1.27
C MET A 173 20.09 16.11 0.41
N ILE A 174 20.90 17.05 0.87
CA ILE A 174 21.06 18.36 0.22
C ILE A 174 22.23 18.29 -0.74
N ALA A 175 22.09 18.95 -1.89
CA ALA A 175 23.20 19.10 -2.82
C ALA A 175 24.03 20.34 -2.51
N SER A 176 23.39 21.50 -2.37
CA SER A 176 24.11 22.73 -2.14
C SER A 176 23.19 23.71 -1.42
N ILE A 177 23.78 24.51 -0.53
CA ILE A 177 23.08 25.58 0.17
C ILE A 177 23.79 26.87 -0.18
N THR A 178 23.06 27.79 -0.81
CA THR A 178 23.64 29.05 -1.25
C THR A 178 23.79 29.99 -0.06
N ASP A 179 24.33 31.18 -0.31
CA ASP A 179 24.54 32.14 0.75
C ASP A 179 23.22 32.78 1.20
N ASP A 180 22.16 32.66 0.39
CA ASP A 180 20.85 33.22 0.73
C ASP A 180 19.90 32.16 1.27
N GLY A 181 20.42 31.03 1.74
CA GLY A 181 19.60 30.00 2.33
C GLY A 181 18.85 29.13 1.34
N VAL A 182 19.10 29.26 0.04
CA VAL A 182 18.40 28.47 -0.96
C VAL A 182 18.95 27.05 -0.94
N VAL A 183 18.22 26.15 -0.29
CA VAL A 183 18.60 24.75 -0.19
C VAL A 183 18.04 24.02 -1.39
N THR A 184 18.88 23.18 -2.01
CA THR A 184 18.52 22.40 -3.18
C THR A 184 18.70 20.92 -2.87
N MET A 185 17.72 20.11 -3.27
CA MET A 185 17.78 18.67 -3.06
C MET A 185 18.68 18.02 -4.11
N LEU A 186 18.87 16.71 -3.98
CA LEU A 186 19.61 15.96 -4.99
C LEU A 186 18.75 15.81 -6.24
N GLU A 187 19.27 15.07 -7.22
CA GLU A 187 18.58 14.94 -8.49
C GLU A 187 17.24 14.25 -8.35
N GLU A 188 16.21 14.84 -8.95
CA GLU A 188 14.88 14.23 -9.03
C GLU A 188 14.38 13.78 -7.66
N THR A 189 14.59 14.63 -6.66
CA THR A 189 14.13 14.36 -5.31
C THR A 189 13.30 15.54 -4.83
N ARG A 190 12.12 15.26 -4.29
CA ARG A 190 11.22 16.28 -3.79
C ARG A 190 11.26 16.32 -2.27
N HIS A 191 11.48 17.51 -1.71
CA HIS A 191 11.51 17.64 -0.26
C HIS A 191 10.13 17.37 0.34
N GLY A 192 9.07 17.89 -0.29
CA GLY A 192 7.74 17.69 0.22
C GLY A 192 7.32 18.60 1.35
N LEU A 193 8.10 19.63 1.66
CA LEU A 193 7.78 20.53 2.75
C LEU A 193 6.69 21.52 2.33
N GLU A 194 6.11 22.18 3.34
CA GLU A 194 5.16 23.26 3.14
C GLU A 194 5.69 24.53 3.80
N ASN A 195 5.04 25.64 3.49
CA ASN A 195 5.45 26.92 4.06
C ASN A 195 5.26 26.91 5.57
N GLY A 196 6.22 27.48 6.28
CA GLY A 196 6.13 27.62 7.72
C GLY A 196 6.66 26.45 8.52
N ASP A 197 7.11 25.38 7.86
CA ASP A 197 7.65 24.23 8.58
C ASP A 197 9.04 24.55 9.14
N PHE A 198 9.49 23.69 10.04
CA PHE A 198 10.79 23.83 10.68
C PHE A 198 11.65 22.63 10.36
N VAL A 199 12.93 22.89 10.05
CA VAL A 199 13.87 21.84 9.69
C VAL A 199 15.18 22.06 10.43
N LYS A 200 15.94 20.98 10.56
CA LYS A 200 17.27 21.03 11.18
C LYS A 200 18.25 20.25 10.30
N PHE A 201 19.45 20.78 10.17
CA PHE A 201 20.45 20.24 9.25
C PHE A 201 21.55 19.54 10.02
N THR A 202 22.23 18.63 9.33
CA THR A 202 23.36 17.90 9.90
C THR A 202 24.32 17.50 8.79
N GLU A 203 25.57 17.27 9.18
CA GLU A 203 26.61 16.81 8.28
C GLU A 203 26.80 17.76 7.09
N VAL A 204 26.67 19.05 7.35
CA VAL A 204 26.83 20.07 6.32
C VAL A 204 28.27 20.55 6.32
N LYS A 205 28.89 20.59 5.15
CA LYS A 205 30.27 21.03 4.99
C LYS A 205 30.28 22.43 4.39
N GLY A 206 31.05 23.32 5.01
CA GLY A 206 31.14 24.71 4.60
C GLY A 206 30.28 25.66 5.41
N MET A 207 29.25 25.14 6.10
CA MET A 207 28.39 25.94 6.96
C MET A 207 28.20 25.18 8.27
N PRO A 208 29.23 25.11 9.10
CA PRO A 208 29.08 24.38 10.37
C PRO A 208 28.00 24.95 11.27
N GLY A 209 27.70 26.24 11.16
CA GLY A 209 26.73 26.85 12.04
C GLY A 209 25.36 26.21 11.94
N LEU A 210 24.98 25.73 10.76
CA LEU A 210 23.68 25.10 10.59
C LEU A 210 23.60 23.71 11.24
N ASN A 211 24.73 23.17 11.69
CA ASN A 211 24.75 21.84 12.30
C ASN A 211 24.49 21.88 13.80
N ASP A 212 24.22 23.06 14.38
CA ASP A 212 23.98 23.15 15.81
C ASP A 212 22.71 22.41 16.20
N GLY A 213 21.68 22.46 15.37
CA GLY A 213 20.40 21.85 15.67
C GLY A 213 19.26 22.82 15.88
N THR A 214 19.47 24.10 15.68
CA THR A 214 18.40 25.08 15.85
C THR A 214 17.42 24.98 14.68
N PRO A 215 16.14 24.73 14.92
CA PRO A 215 15.19 24.68 13.80
C PRO A 215 15.05 26.04 13.14
N ARG A 216 14.75 26.02 11.84
CA ARG A 216 14.65 27.23 11.05
C ARG A 216 13.41 27.16 10.17
N LYS A 217 12.92 28.34 9.80
CA LYS A 217 11.73 28.43 8.95
C LYS A 217 12.02 27.87 7.56
N VAL A 218 10.94 27.51 6.86
CA VAL A 218 11.02 26.96 5.51
C VAL A 218 10.08 27.76 4.61
N GLU A 219 10.60 28.22 3.48
CA GLU A 219 9.82 28.92 2.46
C GLU A 219 9.94 28.11 1.17
N VAL A 220 8.92 27.33 0.86
CA VAL A 220 8.98 26.41 -0.29
C VAL A 220 8.92 27.25 -1.56
N LYS A 221 10.04 27.34 -2.26
CA LYS A 221 10.11 28.08 -3.53
C LYS A 221 9.93 27.18 -4.75
N GLY A 222 9.74 25.88 -4.55
CA GLY A 222 9.57 24.96 -5.65
C GLY A 222 9.61 23.51 -5.18
N PRO A 223 9.26 22.59 -6.08
CA PRO A 223 9.24 21.17 -5.70
C PRO A 223 10.59 20.61 -5.33
N TYR A 224 11.69 21.24 -5.76
CA TYR A 224 13.03 20.73 -5.48
C TYR A 224 13.87 21.63 -4.61
N THR A 225 13.54 22.91 -4.47
CA THR A 225 14.33 23.86 -3.72
C THR A 225 13.45 24.61 -2.74
N PHE A 226 14.03 25.01 -1.62
CA PHE A 226 13.33 25.84 -0.64
C PHE A 226 14.33 26.83 -0.05
N SER A 227 13.88 27.61 0.93
CA SER A 227 14.69 28.63 1.57
C SER A 227 14.54 28.56 3.07
N ILE A 228 15.58 29.04 3.77
CA ILE A 228 15.57 29.03 5.23
C ILE A 228 15.87 30.43 5.75
N GLY A 229 16.30 31.34 4.87
CA GLY A 229 16.63 32.70 5.25
C GLY A 229 18.06 33.04 4.89
N SER A 230 18.67 33.87 5.73
CA SER A 230 20.02 34.37 5.51
C SER A 230 21.01 33.59 6.38
N VAL A 231 22.05 33.04 5.75
CA VAL A 231 23.11 32.32 6.45
C VAL A 231 24.44 32.98 6.12
N LYS A 232 24.41 34.30 5.92
CA LYS A 232 25.62 35.02 5.53
C LYS A 232 26.74 34.82 6.55
N ASP A 233 26.44 35.00 7.83
CA ASP A 233 27.50 34.97 8.84
C ASP A 233 28.12 33.59 8.96
N LEU A 234 27.30 32.53 8.88
CA LEU A 234 27.80 31.19 9.14
C LEU A 234 28.73 30.69 8.05
N GLY A 235 28.71 31.31 6.88
CA GLY A 235 29.58 30.88 5.80
C GLY A 235 29.16 31.50 4.48
N SER A 236 29.78 31.00 3.42
CA SER A 236 29.52 31.46 2.06
C SER A 236 28.70 30.49 1.24
N ALA A 237 29.03 29.20 1.31
CA ALA A 237 28.26 28.17 0.61
C ALA A 237 28.47 26.84 1.32
N GLY A 238 27.44 26.01 1.31
CA GLY A 238 27.49 24.71 1.94
C GLY A 238 27.29 23.60 0.93
N TYR A 239 28.02 22.50 1.10
CA TYR A 239 27.98 21.37 0.19
C TYR A 239 27.54 20.12 0.94
N ASN A 240 26.68 19.33 0.30
CA ASN A 240 26.22 18.07 0.87
C ASN A 240 25.54 18.30 2.21
N GLY A 241 25.17 17.22 2.89
CA GLY A 241 24.49 17.28 4.15
C GLY A 241 23.07 16.74 4.07
N VAL A 242 22.46 16.61 5.24
CA VAL A 242 21.13 16.05 5.38
C VAL A 242 20.27 17.02 6.15
N PHE A 243 18.97 17.00 5.90
CA PHE A 243 18.00 17.82 6.61
C PHE A 243 16.86 16.94 7.08
N THR A 244 16.33 17.26 8.27
CA THR A 244 15.24 16.52 8.88
C THR A 244 14.20 17.50 9.38
N GLN A 245 12.93 17.20 9.11
CA GLN A 245 11.85 18.07 9.55
C GLN A 245 11.69 17.99 11.05
N VAL A 246 11.32 19.12 11.66
CA VAL A 246 11.04 19.22 13.08
C VAL A 246 9.58 19.58 13.23
N LYS A 247 8.84 18.77 13.98
CA LYS A 247 7.41 18.97 14.18
C LYS A 247 7.21 19.62 15.54
N VAL A 248 6.53 20.76 15.57
CA VAL A 248 6.38 21.55 16.78
C VAL A 248 4.97 21.38 17.34
N PRO A 249 4.78 21.47 18.65
CA PRO A 249 3.43 21.33 19.21
C PRO A 249 2.54 22.48 18.79
N THR A 250 1.24 22.24 18.86
CA THR A 250 0.23 23.22 18.52
C THR A 250 -0.74 23.37 19.69
N LYS A 251 -1.22 24.58 19.89
CA LYS A 251 -2.16 24.88 20.97
C LYS A 251 -3.56 24.99 20.37
N ILE A 252 -4.46 24.11 20.81
CA ILE A 252 -5.83 24.07 20.34
C ILE A 252 -6.75 24.44 21.49
N SER A 253 -7.70 25.33 21.22
CA SER A 253 -8.65 25.82 22.23
C SER A 253 -10.04 25.37 21.84
N PHE A 254 -10.69 24.62 22.73
CA PHE A 254 -12.06 24.17 22.55
C PHE A 254 -13.02 25.05 23.35
N LYS A 255 -14.31 24.95 22.99
CA LYS A 255 -15.36 25.68 23.68
C LYS A 255 -16.30 24.71 24.37
N SER A 256 -16.83 25.14 25.51
CA SER A 256 -17.74 24.29 26.27
C SER A 256 -19.02 24.05 25.49
N LEU A 257 -19.77 23.02 25.93
CA LEU A 257 -21.01 22.68 25.25
C LEU A 257 -22.02 23.82 25.34
N ARG A 258 -22.12 24.47 26.50
CA ARG A 258 -23.11 25.52 26.65
C ARG A 258 -22.84 26.66 25.68
N GLU A 259 -21.58 27.06 25.53
CA GLU A 259 -21.23 28.07 24.53
C GLU A 259 -21.36 27.52 23.12
N SER A 260 -21.00 26.26 22.93
CA SER A 260 -20.96 25.69 21.59
C SER A 260 -22.34 25.54 20.99
N LEU A 261 -23.38 25.42 21.82
CA LEU A 261 -24.72 25.28 21.27
C LEU A 261 -25.12 26.53 20.50
N LYS A 262 -24.76 27.71 20.99
CA LYS A 262 -25.16 28.95 20.33
C LYS A 262 -24.53 29.07 18.94
N ASP A 263 -23.20 28.93 18.86
CA ASP A 263 -22.46 29.12 17.61
C ASP A 263 -21.49 27.96 17.42
N PRO A 264 -21.98 26.83 16.92
CA PRO A 264 -21.11 25.66 16.75
C PRO A 264 -20.13 25.85 15.60
N GLU A 265 -19.08 25.03 15.62
CA GLU A 265 -18.10 24.97 14.55
C GLU A 265 -18.15 23.56 13.97
N TYR A 266 -18.64 23.44 12.74
CA TYR A 266 -18.96 22.15 12.15
C TYR A 266 -17.74 21.52 11.49
N VAL A 267 -17.77 20.20 11.40
CA VAL A 267 -16.87 19.43 10.57
C VAL A 267 -17.72 18.68 9.56
N TYR A 268 -17.44 18.91 8.28
CA TYR A 268 -18.31 18.40 7.22
C TYR A 268 -17.76 17.07 6.71
N PRO A 269 -18.48 15.97 6.87
CA PRO A 269 -18.00 14.71 6.28
C PRO A 269 -18.18 14.63 4.78
N ASP A 270 -19.10 15.40 4.21
CA ASP A 270 -19.35 15.36 2.77
C ASP A 270 -19.59 16.79 2.30
N PHE A 271 -18.77 17.24 1.34
CA PHE A 271 -18.91 18.59 0.81
C PHE A 271 -20.02 18.69 -0.23
N GLY A 272 -20.59 17.57 -0.67
CA GLY A 272 -21.71 17.65 -1.58
C GLY A 272 -22.98 18.16 -0.95
N LYS A 273 -23.13 18.02 0.36
CA LYS A 273 -24.30 18.47 1.10
C LYS A 273 -23.78 19.27 2.29
N MET A 274 -23.53 20.56 2.07
CA MET A 274 -23.02 21.45 3.09
C MET A 274 -24.11 22.21 3.82
N MET A 275 -25.36 22.09 3.39
CA MET A 275 -26.47 22.81 4.02
C MET A 275 -27.20 21.98 5.05
N ARG A 276 -26.81 20.72 5.24
CA ARG A 276 -27.54 19.83 6.14
C ARG A 276 -27.13 20.00 7.61
N PRO A 277 -25.85 20.12 7.93
CA PRO A 277 -25.45 20.15 9.34
C PRO A 277 -26.17 21.24 10.12
N PRO A 278 -26.39 22.42 9.52
CA PRO A 278 -27.23 23.41 10.21
C PRO A 278 -28.61 22.88 10.52
N GLN A 279 -29.17 22.02 9.66
CA GLN A 279 -30.46 21.42 9.93
C GLN A 279 -30.36 20.41 11.06
N TYR A 280 -29.35 19.54 11.03
CA TYR A 280 -29.21 18.51 12.04
C TYR A 280 -28.97 19.10 13.41
N HIS A 281 -28.26 20.22 13.49
CA HIS A 281 -28.02 20.84 14.79
C HIS A 281 -29.33 21.21 15.47
N ILE A 282 -30.28 21.75 14.71
CA ILE A 282 -31.59 22.04 15.27
C ILE A 282 -32.36 20.75 15.53
N ALA A 283 -32.25 19.78 14.62
CA ALA A 283 -33.07 18.58 14.73
C ALA A 283 -32.74 17.77 15.98
N PHE A 284 -31.46 17.61 16.30
CA PHE A 284 -31.10 16.80 17.46
C PHE A 284 -31.50 17.48 18.77
N GLN A 285 -31.34 18.80 18.84
CA GLN A 285 -31.83 19.52 20.01
C GLN A 285 -33.34 19.40 20.15
N ALA A 286 -34.06 19.45 19.02
CA ALA A 286 -35.50 19.26 19.08
C ALA A 286 -35.85 17.85 19.54
N LEU A 287 -35.07 16.86 19.12
CA LEU A 287 -35.28 15.50 19.61
C LEU A 287 -35.12 15.43 21.13
N SER A 288 -34.07 16.06 21.64
CA SER A 288 -33.85 16.05 23.09
C SER A 288 -34.99 16.75 23.82
N ALA A 289 -35.44 17.90 23.31
CA ALA A 289 -36.55 18.61 23.94
C ALA A 289 -37.83 17.77 23.90
N PHE A 290 -38.11 17.13 22.78
CA PHE A 290 -39.29 16.29 22.66
C PHE A 290 -39.23 15.14 23.66
N ALA A 291 -38.07 14.51 23.80
CA ALA A 291 -37.93 13.45 24.79
C ALA A 291 -38.17 13.98 26.19
N ASP A 292 -37.63 15.16 26.51
CA ASP A 292 -37.84 15.74 27.83
C ASP A 292 -39.28 16.14 28.07
N ALA A 293 -40.06 16.37 27.01
CA ALA A 293 -41.46 16.76 27.14
C ALA A 293 -42.42 15.59 27.03
N HIS A 294 -41.92 14.36 26.89
CA HIS A 294 -42.78 13.18 26.78
C HIS A 294 -42.21 12.04 27.62
N GLU A 295 -41.70 12.36 28.80
CA GLU A 295 -41.19 11.37 29.74
C GLU A 295 -40.15 10.46 29.09
N GLY A 296 -39.23 11.08 28.37
CA GLY A 296 -38.15 10.33 27.75
C GLY A 296 -38.60 9.34 26.70
N SER A 297 -39.56 9.72 25.86
CA SER A 297 -40.05 8.88 24.79
C SER A 297 -39.74 9.54 23.46
N LEU A 298 -39.13 8.79 22.56
CA LEU A 298 -38.83 9.30 21.23
C LEU A 298 -40.05 9.21 20.34
N PRO A 299 -40.09 10.00 19.26
CA PRO A 299 -41.25 9.94 18.35
C PRO A 299 -41.43 8.53 17.80
N ARG A 300 -42.69 8.12 17.69
CA ARG A 300 -42.98 6.80 17.15
C ARG A 300 -42.60 6.74 15.67
N PRO A 301 -42.22 5.56 15.18
CA PRO A 301 -41.75 5.48 13.79
C PRO A 301 -42.86 5.82 12.80
N ARG A 302 -42.53 6.69 11.85
CA ARG A 302 -43.44 7.04 10.75
C ARG A 302 -44.80 7.51 11.27
N ASN A 303 -44.78 8.35 12.31
CA ASN A 303 -46.00 8.90 12.88
C ASN A 303 -46.12 10.35 12.47
N ASP A 304 -47.29 10.73 11.92
CA ASP A 304 -47.47 12.09 11.41
C ASP A 304 -47.67 13.09 12.54
N ILE A 305 -48.43 12.73 13.58
CA ILE A 305 -48.67 13.66 14.68
C ILE A 305 -47.36 13.96 15.39
N ASP A 306 -46.57 12.92 15.67
CA ASP A 306 -45.29 13.12 16.31
C ASP A 306 -44.36 13.94 15.42
N ALA A 307 -44.42 13.72 14.10
CA ALA A 307 -43.60 14.50 13.19
C ALA A 307 -43.98 15.98 13.23
N ALA A 308 -45.29 16.27 13.26
CA ALA A 308 -45.72 17.67 13.34
C ALA A 308 -45.27 18.31 14.64
N GLU A 309 -45.41 17.60 15.76
CA GLU A 309 -44.96 18.15 17.02
C GLU A 309 -43.46 18.37 17.03
N PHE A 310 -42.70 17.44 16.45
CA PHE A 310 -41.26 17.59 16.36
C PHE A 310 -40.89 18.79 15.51
N PHE A 311 -41.62 19.02 14.42
CA PHE A 311 -41.35 20.18 13.59
C PHE A 311 -41.66 21.47 14.33
N GLU A 312 -42.73 21.46 15.14
CA GLU A 312 -43.00 22.63 15.97
C GLU A 312 -41.85 22.90 16.94
N PHE A 313 -41.33 21.84 17.56
CA PHE A 313 -40.17 22.01 18.44
C PHE A 313 -38.97 22.55 17.67
N CYS A 314 -38.76 22.06 16.44
CA CYS A 314 -37.66 22.54 15.63
C CYS A 314 -37.80 24.03 15.33
N LYS A 315 -39.00 24.46 14.96
CA LYS A 315 -39.22 25.88 14.68
C LYS A 315 -39.00 26.71 15.95
N LYS A 316 -39.47 26.21 17.08
CA LYS A 316 -39.28 26.94 18.34
C LYS A 316 -37.80 27.09 18.66
N ILE A 317 -37.02 26.03 18.47
CA ILE A 317 -35.58 26.11 18.74
C ILE A 317 -34.91 27.06 17.76
N ALA A 318 -35.28 27.00 16.49
CA ALA A 318 -34.68 27.89 15.50
C ALA A 318 -34.96 29.35 15.85
N SER A 319 -36.19 29.66 16.27
CA SER A 319 -36.49 31.01 16.69
C SER A 319 -35.70 31.40 17.94
N THR A 320 -35.59 30.48 18.91
CA THR A 320 -34.92 30.79 20.16
C THR A 320 -33.44 31.06 19.95
N LEU A 321 -32.77 30.26 19.12
CA LEU A 321 -31.33 30.37 18.91
C LEU A 321 -30.96 31.39 17.85
N GLN A 322 -31.93 32.11 17.29
CA GLN A 322 -31.66 33.13 16.27
C GLN A 322 -30.90 32.54 15.08
N PHE A 323 -31.25 31.32 14.69
CA PHE A 323 -30.66 30.68 13.53
C PHE A 323 -31.26 31.27 12.27
N ASP A 324 -30.40 31.80 11.39
CA ASP A 324 -30.86 32.40 10.14
C ASP A 324 -30.84 31.36 9.01
N VAL A 325 -31.53 30.25 9.26
CA VAL A 325 -31.61 29.13 8.32
C VAL A 325 -33.07 28.83 8.05
N GLU A 326 -33.37 28.46 6.82
CA GLU A 326 -34.71 28.01 6.44
C GLU A 326 -34.79 26.51 6.65
N LEU A 327 -35.69 26.08 7.54
CA LEU A 327 -35.79 24.67 7.88
C LEU A 327 -36.39 23.88 6.73
N ASP A 328 -35.74 22.78 6.37
CA ASP A 328 -36.23 21.88 5.33
C ASP A 328 -37.16 20.88 5.99
N GLU A 329 -38.46 21.00 5.70
CA GLU A 329 -39.45 20.18 6.39
C GLU A 329 -39.24 18.70 6.12
N LYS A 330 -38.92 18.33 4.88
CA LYS A 330 -38.78 16.92 4.54
C LYS A 330 -37.68 16.27 5.36
N LEU A 331 -36.48 16.87 5.38
CA LEU A 331 -35.36 16.26 6.10
C LEU A 331 -35.63 16.19 7.59
N ILE A 332 -36.20 17.25 8.17
CA ILE A 332 -36.47 17.26 9.60
C ILE A 332 -37.49 16.19 9.96
N LYS A 333 -38.56 16.07 9.16
CA LYS A 333 -39.54 15.03 9.45
C LYS A 333 -38.96 13.64 9.20
N GLU A 334 -37.99 13.52 8.29
CA GLU A 334 -37.29 12.26 8.14
C GLU A 334 -36.53 11.91 9.41
N ILE A 335 -35.86 12.89 10.00
CA ILE A 335 -35.20 12.66 11.28
C ILE A 335 -36.21 12.23 12.33
N SER A 336 -37.40 12.85 12.30
CA SER A 336 -38.43 12.49 13.27
C SER A 336 -38.90 11.05 13.08
N TYR A 337 -39.05 10.62 11.83
CA TYR A 337 -39.58 9.28 11.56
C TYR A 337 -38.63 8.20 12.07
N GLN A 338 -37.34 8.38 11.87
CA GLN A 338 -36.34 7.38 12.21
C GLN A 338 -35.76 7.56 13.61
N ALA A 339 -36.51 8.20 14.51
CA ALA A 339 -35.95 8.53 15.82
C ALA A 339 -35.63 7.27 16.62
N ARG A 340 -36.49 6.26 16.54
CA ARG A 340 -36.30 5.03 17.32
C ARG A 340 -35.45 4.01 16.60
N GLY A 341 -34.88 4.36 15.44
CA GLY A 341 -34.03 3.42 14.74
C GLY A 341 -32.74 3.16 15.47
N ASP A 342 -32.20 1.96 15.26
CA ASP A 342 -30.95 1.56 15.89
C ASP A 342 -30.26 0.58 14.93
N LEU A 343 -29.36 1.11 14.10
CA LEU A 343 -28.66 0.31 13.11
C LEU A 343 -27.26 -0.02 13.59
N VAL A 344 -26.82 -1.25 13.29
CA VAL A 344 -25.50 -1.67 13.72
C VAL A 344 -24.42 -0.99 12.88
N ALA A 345 -24.74 -0.63 11.63
CA ALA A 345 -23.73 0.01 10.77
C ALA A 345 -23.38 1.39 11.29
N MET A 346 -24.39 2.21 11.59
CA MET A 346 -24.12 3.54 12.14
C MET A 346 -23.43 3.42 13.49
N SER A 347 -23.84 2.45 14.30
CA SER A 347 -23.18 2.25 15.59
C SER A 347 -21.71 1.94 15.42
N ALA A 348 -21.38 1.06 14.47
CA ALA A 348 -19.97 0.74 14.25
C ALA A 348 -19.19 1.94 13.74
N PHE A 349 -19.76 2.68 12.79
CA PHE A 349 -19.08 3.86 12.25
C PHE A 349 -18.78 4.87 13.34
N LEU A 350 -19.81 5.26 14.11
CA LEU A 350 -19.61 6.25 15.15
C LEU A 350 -18.74 5.71 16.26
N GLY A 351 -18.81 4.41 16.57
CA GLY A 351 -17.95 3.85 17.58
C GLY A 351 -16.50 3.92 17.20
N GLY A 352 -16.17 3.60 15.95
CA GLY A 352 -14.80 3.74 15.49
C GLY A 352 -14.32 5.18 15.59
N ALA A 353 -15.15 6.11 15.11
CA ALA A 353 -14.76 7.51 15.15
C ALA A 353 -14.52 7.97 16.59
N VAL A 354 -15.46 7.65 17.49
CA VAL A 354 -15.36 8.12 18.87
C VAL A 354 -14.20 7.46 19.60
N ALA A 355 -13.94 6.18 19.31
CA ALA A 355 -12.78 5.53 19.92
C ALA A 355 -11.49 6.19 19.48
N GLN A 356 -11.39 6.54 18.20
CA GLN A 356 -10.22 7.28 17.74
C GLN A 356 -10.10 8.61 18.46
N GLU A 357 -11.23 9.30 18.66
CA GLU A 357 -11.18 10.57 19.39
C GLU A 357 -10.71 10.36 20.83
N VAL A 358 -11.14 9.29 21.47
CA VAL A 358 -10.71 9.00 22.83
C VAL A 358 -9.20 8.76 22.86
N LEU A 359 -8.69 8.00 21.89
CA LEU A 359 -7.24 7.78 21.84
C LEU A 359 -6.49 9.09 21.61
N LYS A 360 -7.04 9.97 20.77
CA LYS A 360 -6.43 11.29 20.59
C LYS A 360 -6.39 12.05 21.89
N ALA A 361 -7.49 12.04 22.64
CA ALA A 361 -7.55 12.78 23.90
C ALA A 361 -6.53 12.25 24.89
N THR A 362 -6.40 10.93 24.99
CA THR A 362 -5.49 10.35 25.97
C THR A 362 -4.03 10.55 25.57
N THR A 363 -3.71 10.35 24.29
CA THR A 363 -2.32 10.38 23.84
C THR A 363 -1.85 11.78 23.43
N SER A 364 -2.75 12.75 23.33
CA SER A 364 -2.39 14.09 22.85
C SER A 364 -1.67 14.00 21.50
N LYS A 365 -2.28 13.26 20.57
CA LYS A 365 -1.71 13.04 19.26
C LYS A 365 -2.80 13.16 18.21
N PHE A 366 -2.39 13.45 16.98
CA PHE A 366 -3.32 13.62 15.87
C PHE A 366 -4.26 14.80 16.11
N TYR A 367 -4.90 15.29 15.05
CA TYR A 367 -5.77 16.45 15.15
C TYR A 367 -7.19 15.99 15.45
N PRO A 368 -7.82 16.45 16.53
CA PRO A 368 -9.17 15.97 16.85
C PRO A 368 -10.24 16.75 16.10
N LEU A 369 -11.47 16.24 16.18
CA LEU A 369 -12.61 16.96 15.63
C LEU A 369 -12.84 18.23 16.42
N LYS A 370 -13.20 19.31 15.70
CA LYS A 370 -13.37 20.63 16.31
C LYS A 370 -14.56 21.31 15.65
N GLN A 371 -15.75 21.13 16.21
CA GLN A 371 -16.09 20.32 17.37
C GLN A 371 -17.29 19.42 17.08
N TYR A 372 -18.16 19.85 16.18
CA TYR A 372 -19.36 19.10 15.85
C TYR A 372 -19.16 18.32 14.57
N PHE A 373 -19.60 17.07 14.56
CA PHE A 373 -19.52 16.21 13.38
C PHE A 373 -20.88 15.56 13.20
N TYR A 374 -21.65 16.05 12.23
CA TYR A 374 -22.98 15.52 11.94
C TYR A 374 -22.94 14.76 10.62
N PHE A 375 -23.41 13.52 10.64
CA PHE A 375 -23.31 12.63 9.51
C PHE A 375 -24.65 11.97 9.25
N ASP A 376 -24.92 11.68 7.98
CA ASP A 376 -26.15 10.99 7.60
C ASP A 376 -25.87 10.10 6.40
N SER A 377 -26.69 9.07 6.26
CA SER A 377 -26.66 8.18 5.11
C SER A 377 -28.07 7.97 4.58
N LEU A 378 -28.81 9.07 4.42
CA LEU A 378 -30.22 8.98 4.08
C LEU A 378 -30.46 8.36 2.71
N GLU A 379 -29.41 8.27 1.87
CA GLU A 379 -29.58 7.62 0.58
C GLU A 379 -29.81 6.12 0.70
N SER A 380 -29.59 5.55 1.89
CA SER A 380 -29.74 4.11 2.09
C SER A 380 -31.17 3.70 2.38
N LEU A 381 -32.09 4.64 2.50
CA LEU A 381 -33.47 4.31 2.84
C LEU A 381 -34.13 3.56 1.68
N PRO A 382 -34.67 2.36 1.89
CA PRO A 382 -35.24 1.61 0.77
C PRO A 382 -36.40 2.35 0.13
N SER A 383 -36.55 2.15 -1.18
CA SER A 383 -37.65 2.72 -1.94
C SER A 383 -38.46 1.70 -2.72
N SER A 384 -38.04 0.44 -2.76
CA SER A 384 -38.74 -0.60 -3.50
C SER A 384 -39.75 -1.36 -2.65
N VAL A 385 -39.94 -0.97 -1.39
CA VAL A 385 -40.89 -1.61 -0.49
C VAL A 385 -41.77 -0.53 0.13
N THR A 386 -42.87 -0.97 0.73
CA THR A 386 -43.81 -0.03 1.35
C THR A 386 -43.33 0.29 2.75
N ILE A 387 -42.90 1.53 2.94
CA ILE A 387 -42.48 2.03 4.24
C ILE A 387 -43.56 2.98 4.75
N SER A 388 -44.32 2.52 5.75
CA SER A 388 -45.42 3.29 6.29
C SER A 388 -45.48 3.07 7.79
N GLU A 389 -46.50 3.65 8.43
CA GLU A 389 -46.65 3.47 9.87
C GLU A 389 -46.99 2.04 10.22
N GLU A 390 -47.72 1.34 9.35
CA GLU A 390 -48.15 -0.02 9.66
C GLU A 390 -47.03 -1.04 9.50
N THR A 391 -46.11 -0.82 8.56
CA THR A 391 -45.03 -1.77 8.33
C THR A 391 -43.83 -1.55 9.25
N CYS A 392 -43.63 -0.34 9.76
CA CYS A 392 -42.49 -0.02 10.59
C CYS A 392 -42.77 -0.18 12.08
N LYS A 393 -43.98 -0.58 12.45
CA LYS A 393 -44.29 -0.76 13.86
C LYS A 393 -43.51 -1.95 14.42
N PRO A 394 -43.10 -1.89 15.68
CA PRO A 394 -42.34 -3.01 16.25
C PRO A 394 -43.17 -4.27 16.37
N ARG A 395 -42.51 -5.41 16.21
CA ARG A 395 -43.15 -6.72 16.31
C ARG A 395 -42.70 -7.49 17.55
N GLY A 396 -42.00 -6.84 18.47
CA GLY A 396 -41.51 -7.53 19.66
C GLY A 396 -40.45 -8.56 19.37
N CYS A 397 -39.57 -8.29 18.43
CA CYS A 397 -38.45 -9.18 18.10
C CYS A 397 -37.15 -8.40 18.26
N ARG A 398 -36.04 -9.11 18.12
CA ARG A 398 -34.74 -8.49 18.32
C ARG A 398 -34.35 -7.55 17.19
N TYR A 399 -35.11 -7.51 16.09
CA TYR A 399 -34.78 -6.65 14.96
C TYR A 399 -35.61 -5.37 14.95
N ASP A 400 -36.29 -5.05 16.05
CA ASP A 400 -37.14 -3.86 16.07
C ASP A 400 -36.35 -2.60 15.76
N GLY A 401 -35.12 -2.52 16.27
CA GLY A 401 -34.31 -1.34 16.01
C GLY A 401 -34.00 -1.12 14.54
N GLN A 402 -34.11 -2.17 13.73
CA GLN A 402 -33.93 -2.07 12.28
C GLN A 402 -35.24 -2.00 11.52
N ILE A 403 -36.27 -2.71 11.99
CA ILE A 403 -37.58 -2.61 11.37
C ILE A 403 -38.13 -1.20 11.51
N ALA A 404 -37.76 -0.50 12.57
CA ALA A 404 -38.22 0.87 12.76
C ALA A 404 -37.69 1.82 11.71
N VAL A 405 -36.69 1.41 10.92
CA VAL A 405 -36.13 2.22 9.86
C VAL A 405 -36.47 1.66 8.49
N PHE A 406 -36.37 0.35 8.32
CA PHE A 406 -36.51 -0.27 7.00
C PHE A 406 -37.86 -0.94 6.78
N GLY A 407 -38.48 -1.49 7.81
CA GLY A 407 -39.77 -2.14 7.70
C GLY A 407 -39.65 -3.65 7.65
N SER A 408 -40.81 -4.30 7.70
CA SER A 408 -40.84 -5.76 7.75
C SER A 408 -40.50 -6.38 6.40
N GLU A 409 -41.01 -5.80 5.30
CA GLU A 409 -40.73 -6.38 3.98
C GLU A 409 -39.24 -6.34 3.66
N PHE A 410 -38.58 -5.22 3.95
CA PHE A 410 -37.15 -5.17 3.73
C PHE A 410 -36.41 -6.10 4.67
N GLN A 411 -36.96 -6.35 5.86
CA GLN A 411 -36.36 -7.35 6.75
C GLN A 411 -36.42 -8.73 6.11
N GLU A 412 -37.55 -9.06 5.49
CA GLU A 412 -37.66 -10.34 4.78
C GLU A 412 -36.67 -10.39 3.62
N LYS A 413 -36.49 -9.26 2.93
CA LYS A 413 -35.50 -9.21 1.85
C LYS A 413 -34.10 -9.50 2.39
N ILE A 414 -33.74 -8.87 3.52
CA ILE A 414 -32.41 -9.08 4.08
C ILE A 414 -32.22 -10.53 4.50
N ALA A 415 -33.24 -11.12 5.13
CA ALA A 415 -33.10 -12.48 5.64
C ALA A 415 -32.91 -13.52 4.55
N SER A 416 -33.15 -13.17 3.29
CA SER A 416 -33.04 -14.11 2.18
C SER A 416 -31.75 -13.93 1.39
N LEU A 417 -30.78 -13.21 1.93
CA LEU A 417 -29.52 -13.00 1.23
C LEU A 417 -28.67 -14.28 1.24
N SER A 418 -27.84 -14.42 0.21
CA SER A 418 -26.87 -15.50 0.10
C SER A 418 -25.53 -14.84 -0.24
N THR A 419 -24.79 -14.42 0.78
CA THR A 419 -23.58 -13.65 0.59
C THR A 419 -22.35 -14.54 0.55
N PHE A 420 -21.23 -13.97 0.12
CA PHE A 420 -19.95 -14.67 0.12
C PHE A 420 -18.85 -13.72 0.58
N LEU A 421 -18.24 -14.03 1.72
CA LEU A 421 -17.20 -13.20 2.32
C LEU A 421 -15.84 -13.85 2.09
N VAL A 422 -14.92 -13.10 1.50
CA VAL A 422 -13.58 -13.59 1.21
C VAL A 422 -12.63 -13.03 2.25
N GLY A 423 -12.01 -13.90 3.02
CA GLY A 423 -11.12 -13.45 4.08
C GLY A 423 -11.82 -13.34 5.41
N ALA A 424 -11.05 -13.55 6.49
CA ALA A 424 -11.59 -13.52 7.84
C ALA A 424 -10.65 -12.74 8.75
N GLY A 425 -10.07 -11.67 8.24
CA GLY A 425 -9.21 -10.81 9.03
C GLY A 425 -10.02 -9.92 9.95
N ALA A 426 -9.48 -8.73 10.22
CA ALA A 426 -10.21 -7.76 11.05
C ALA A 426 -11.49 -7.32 10.35
N ILE A 427 -11.39 -6.93 9.09
CA ILE A 427 -12.57 -6.51 8.34
C ILE A 427 -13.55 -7.67 8.23
N GLY A 428 -13.03 -8.88 8.07
CA GLY A 428 -13.92 -10.04 8.04
C GLY A 428 -14.70 -10.21 9.32
N CYS A 429 -14.02 -10.09 10.46
CA CYS A 429 -14.72 -10.21 11.73
C CYS A 429 -15.77 -9.13 11.91
N GLU A 430 -15.44 -7.88 11.58
CA GLU A 430 -16.42 -6.81 11.71
C GLU A 430 -17.60 -7.04 10.79
N MET A 431 -17.34 -7.47 9.55
CA MET A 431 -18.42 -7.71 8.60
C MET A 431 -19.33 -8.83 9.09
N LEU A 432 -18.74 -9.90 9.62
CA LEU A 432 -19.56 -11.00 10.13
C LEU A 432 -20.40 -10.54 11.33
N LYS A 433 -19.82 -9.73 12.22
CA LYS A 433 -20.61 -9.20 13.33
C LYS A 433 -21.80 -8.40 12.81
N ASN A 434 -21.55 -7.52 11.84
CA ASN A 434 -22.64 -6.70 11.32
C ASN A 434 -23.71 -7.55 10.66
N TRP A 435 -23.30 -8.56 9.89
CA TRP A 435 -24.27 -9.43 9.24
C TRP A 435 -25.10 -10.19 10.27
N ALA A 436 -24.45 -10.68 11.34
CA ALA A 436 -25.19 -11.39 12.37
C ALA A 436 -26.20 -10.47 13.04
N MET A 437 -25.80 -9.23 13.35
CA MET A 437 -26.71 -8.30 13.99
C MET A 437 -27.88 -7.94 13.08
N MET A 438 -27.60 -7.73 11.79
CA MET A 438 -28.64 -7.36 10.84
C MET A 438 -29.55 -8.52 10.48
N GLY A 439 -29.23 -9.73 10.90
CA GLY A 439 -30.05 -10.87 10.56
C GLY A 439 -29.86 -11.37 9.14
N VAL A 440 -28.70 -11.12 8.54
CA VAL A 440 -28.47 -11.56 7.18
C VAL A 440 -28.49 -13.07 7.10
N ALA A 441 -29.21 -13.60 6.12
CA ALA A 441 -29.23 -15.03 5.85
C ALA A 441 -29.75 -15.82 7.05
N THR A 442 -30.75 -15.27 7.74
CA THR A 442 -31.45 -15.99 8.79
C THR A 442 -32.76 -16.58 8.30
N GLY A 443 -33.10 -16.42 7.02
CA GLY A 443 -34.32 -16.95 6.47
C GLY A 443 -34.15 -18.37 5.99
N GLU A 444 -35.20 -18.87 5.32
CA GLU A 444 -35.18 -20.24 4.84
C GLU A 444 -34.19 -20.41 3.68
N SER A 445 -34.08 -19.40 2.82
CA SER A 445 -33.23 -19.47 1.64
C SER A 445 -31.89 -18.77 1.83
N GLY A 446 -31.57 -18.35 3.06
CA GLY A 446 -30.32 -17.66 3.29
C GLY A 446 -29.15 -18.59 3.51
N HIS A 447 -27.96 -18.05 3.36
CA HIS A 447 -26.73 -18.80 3.55
C HIS A 447 -25.56 -17.84 3.54
N ILE A 448 -24.53 -18.16 4.32
CA ILE A 448 -23.30 -17.38 4.38
C ILE A 448 -22.13 -18.34 4.17
N SER A 449 -21.16 -17.92 3.35
CA SER A 449 -19.95 -18.69 3.11
C SER A 449 -18.75 -17.80 3.36
N VAL A 450 -17.78 -18.31 4.11
CA VAL A 450 -16.58 -17.55 4.45
C VAL A 450 -15.36 -18.44 4.23
N THR A 451 -14.33 -17.89 3.61
CA THR A 451 -13.12 -18.64 3.28
C THR A 451 -11.88 -17.88 3.72
N ASP A 452 -10.93 -18.61 4.30
CA ASP A 452 -9.64 -18.05 4.72
C ASP A 452 -8.75 -19.21 5.10
N MET A 453 -7.47 -19.15 4.68
CA MET A 453 -6.55 -20.25 4.87
C MET A 453 -5.50 -20.00 5.95
N ASP A 454 -5.60 -18.90 6.68
CA ASP A 454 -4.59 -18.57 7.68
C ASP A 454 -4.99 -19.11 9.05
N SER A 455 -4.09 -18.95 10.01
CA SER A 455 -4.30 -19.39 11.38
C SER A 455 -4.09 -18.23 12.34
N ILE A 456 -4.81 -18.28 13.47
CA ILE A 456 -4.77 -17.18 14.42
C ILE A 456 -3.40 -17.11 15.07
N GLU A 457 -2.87 -15.89 15.22
CA GLU A 457 -1.60 -15.66 15.89
C GLU A 457 -1.81 -14.65 17.02
N LYS A 458 -0.78 -14.52 17.85
CA LYS A 458 -0.89 -13.65 19.02
C LYS A 458 -1.12 -12.20 18.61
N SER A 459 -0.41 -11.73 17.58
CA SER A 459 -0.54 -10.34 17.17
C SER A 459 -1.89 -10.04 16.53
N ASN A 460 -2.65 -11.05 16.13
CA ASN A 460 -3.96 -10.82 15.54
C ASN A 460 -5.01 -10.43 16.56
N LEU A 461 -4.79 -10.72 17.84
CA LEU A 461 -5.79 -10.46 18.86
C LEU A 461 -5.97 -8.98 19.14
N ASN A 462 -5.10 -8.12 18.60
CA ASN A 462 -5.20 -6.70 18.90
C ASN A 462 -6.36 -6.03 18.18
N ARG A 463 -6.78 -6.57 17.04
CA ARG A 463 -7.84 -5.97 16.25
C ARG A 463 -8.90 -6.94 15.77
N GLN A 464 -8.69 -8.25 15.89
CA GLN A 464 -9.68 -9.25 15.49
C GLN A 464 -10.35 -9.74 16.78
N PHE A 465 -11.45 -9.06 17.15
CA PHE A 465 -12.04 -9.23 18.47
C PHE A 465 -12.78 -10.54 18.64
N LEU A 466 -13.05 -11.28 17.56
CA LEU A 466 -13.78 -12.54 17.70
C LEU A 466 -12.92 -13.68 18.23
N PHE A 467 -11.61 -13.47 18.35
CA PHE A 467 -10.67 -14.51 18.73
C PHE A 467 -10.09 -14.21 20.10
N ARG A 468 -9.68 -15.26 20.80
CA ARG A 468 -9.20 -15.17 22.17
C ARG A 468 -7.85 -15.87 22.27
N PRO A 469 -7.08 -15.58 23.32
CA PRO A 469 -5.78 -16.24 23.47
C PRO A 469 -5.87 -17.75 23.47
N ARG A 470 -6.97 -18.32 24.00
CA ARG A 470 -7.16 -19.76 23.92
C ARG A 470 -7.36 -20.24 22.49
N ASP A 471 -7.68 -19.35 21.56
CA ASP A 471 -7.92 -19.71 20.17
C ASP A 471 -6.69 -19.60 19.28
N VAL A 472 -5.53 -19.26 19.85
CA VAL A 472 -4.32 -19.13 19.04
C VAL A 472 -3.94 -20.49 18.46
N GLY A 473 -3.66 -20.52 17.16
CA GLY A 473 -3.30 -21.73 16.46
C GLY A 473 -4.42 -22.37 15.66
N LYS A 474 -5.67 -21.97 15.91
CA LYS A 474 -6.79 -22.54 15.18
C LYS A 474 -6.98 -21.82 13.85
N LEU A 475 -8.03 -22.20 13.12
CA LEU A 475 -8.33 -21.61 11.83
C LEU A 475 -9.27 -20.42 12.01
N LYS A 476 -8.98 -19.34 11.30
CA LYS A 476 -9.74 -18.11 11.49
C LYS A 476 -11.21 -18.32 11.14
N SER A 477 -11.48 -19.01 10.03
CA SER A 477 -12.86 -19.13 9.56
C SER A 477 -13.73 -19.87 10.57
N GLU A 478 -13.22 -20.98 11.11
CA GLU A 478 -13.99 -21.76 12.07
C GLU A 478 -14.29 -20.93 13.32
N CYS A 479 -13.29 -20.23 13.84
CA CYS A 479 -13.50 -19.44 15.04
C CYS A 479 -14.50 -18.33 14.81
N ALA A 480 -14.39 -17.63 13.68
CA ALA A 480 -15.34 -16.56 13.39
C ALA A 480 -16.75 -17.10 13.24
N SER A 481 -16.92 -18.21 12.52
CA SER A 481 -18.24 -18.80 12.36
C SER A 481 -18.84 -19.19 13.70
N THR A 482 -18.04 -19.85 14.55
CA THR A 482 -18.56 -20.25 15.85
C THR A 482 -18.93 -19.04 16.71
N ALA A 483 -18.08 -18.02 16.71
CA ALA A 483 -18.38 -16.85 17.52
C ALA A 483 -19.67 -16.17 17.07
N VAL A 484 -19.86 -16.03 15.76
CA VAL A 484 -21.06 -15.34 15.29
C VAL A 484 -22.30 -16.21 15.47
N SER A 485 -22.13 -17.53 15.45
CA SER A 485 -23.26 -18.40 15.81
C SER A 485 -23.62 -18.20 17.28
N ILE A 486 -22.62 -18.01 18.14
CA ILE A 486 -22.90 -17.73 19.55
C ILE A 486 -23.62 -16.40 19.70
N MET A 487 -23.19 -15.37 18.96
CA MET A 487 -23.81 -14.06 19.08
C MET A 487 -25.28 -14.11 18.68
N ASN A 488 -25.58 -14.64 17.50
CA ASN A 488 -26.95 -14.71 16.99
C ASN A 488 -27.31 -16.17 16.78
N PRO A 489 -28.08 -16.79 17.68
CA PRO A 489 -28.38 -18.22 17.54
C PRO A 489 -29.12 -18.57 16.27
N SER A 490 -29.83 -17.63 15.65
CA SER A 490 -30.58 -17.95 14.44
C SER A 490 -29.68 -18.37 13.28
N LEU A 491 -28.39 -18.04 13.34
CA LEU A 491 -27.47 -18.38 12.26
C LEU A 491 -26.85 -19.76 12.42
N THR A 492 -27.24 -20.52 13.43
CA THR A 492 -26.70 -21.87 13.60
C THR A 492 -27.12 -22.74 12.42
N GLY A 493 -26.13 -23.35 11.77
CA GLY A 493 -26.40 -24.18 10.61
C GLY A 493 -26.58 -23.42 9.31
N LYS A 494 -26.32 -22.12 9.29
CA LYS A 494 -26.44 -21.31 8.09
C LYS A 494 -25.14 -20.59 7.74
N ILE A 495 -24.00 -21.10 8.22
CA ILE A 495 -22.69 -20.56 7.90
C ILE A 495 -21.79 -21.72 7.51
N THR A 496 -21.11 -21.58 6.38
CA THR A 496 -20.17 -22.59 5.89
C THR A 496 -18.79 -21.97 5.80
N SER A 497 -17.81 -22.62 6.41
CA SER A 497 -16.45 -22.12 6.47
C SER A 497 -15.53 -23.03 5.68
N TYR A 498 -14.72 -22.43 4.81
CA TYR A 498 -13.73 -23.15 4.02
C TYR A 498 -12.34 -22.66 4.42
N GLN A 499 -11.36 -23.55 4.30
CA GLN A 499 -9.96 -23.21 4.56
C GLN A 499 -9.17 -23.17 3.26
N GLU A 500 -9.80 -22.69 2.19
CA GLU A 500 -9.21 -22.69 0.86
C GLU A 500 -8.80 -21.28 0.46
N ARG A 501 -7.66 -21.16 -0.22
CA ARG A 501 -7.22 -19.89 -0.75
C ARG A 501 -7.95 -19.60 -2.06
N VAL A 502 -8.50 -18.40 -2.18
CA VAL A 502 -9.21 -18.00 -3.39
C VAL A 502 -8.17 -17.64 -4.45
N GLY A 503 -8.14 -18.42 -5.54
CA GLY A 503 -7.20 -18.20 -6.61
C GLY A 503 -7.44 -19.14 -7.77
N PRO A 504 -6.53 -19.14 -8.74
CA PRO A 504 -6.72 -20.02 -9.92
C PRO A 504 -6.72 -21.50 -9.57
N GLU A 505 -6.16 -21.90 -8.43
CA GLU A 505 -6.07 -23.30 -8.06
C GLU A 505 -7.27 -23.78 -7.26
N SER A 506 -8.24 -22.91 -6.98
CA SER A 506 -9.41 -23.27 -6.18
C SER A 506 -10.71 -23.08 -6.94
N GLU A 507 -10.66 -23.13 -8.28
CA GLU A 507 -11.86 -23.00 -9.08
C GLU A 507 -12.71 -24.27 -9.09
N GLY A 508 -12.20 -25.38 -8.55
CA GLY A 508 -12.99 -26.58 -8.46
C GLY A 508 -14.04 -26.56 -7.38
N ILE A 509 -13.88 -25.70 -6.37
CA ILE A 509 -14.83 -25.56 -5.29
C ILE A 509 -15.72 -24.34 -5.49
N PHE A 510 -15.13 -23.20 -5.83
CA PHE A 510 -15.87 -21.97 -6.08
C PHE A 510 -16.17 -21.82 -7.57
N GLY A 511 -16.87 -22.81 -8.11
CA GLY A 511 -17.16 -22.88 -9.52
C GLY A 511 -18.46 -22.21 -9.88
N ASP A 512 -19.01 -22.61 -11.03
CA ASP A 512 -20.23 -22.00 -11.53
C ASP A 512 -21.40 -22.27 -10.58
N GLU A 513 -21.52 -23.51 -10.08
CA GLU A 513 -22.63 -23.84 -9.21
C GLU A 513 -22.58 -23.00 -7.93
N PHE A 514 -21.39 -22.83 -7.37
CA PHE A 514 -21.27 -22.04 -6.15
C PHE A 514 -21.64 -20.58 -6.38
N PHE A 515 -21.14 -19.99 -7.48
CA PHE A 515 -21.32 -18.56 -7.69
C PHE A 515 -22.72 -18.21 -8.19
N GLU A 516 -23.39 -19.11 -8.93
CA GLU A 516 -24.67 -18.76 -9.49
C GLU A 516 -25.77 -18.65 -8.43
N LYS A 517 -25.51 -19.04 -7.19
CA LYS A 517 -26.49 -18.95 -6.13
C LYS A 517 -26.26 -17.78 -5.19
N LEU A 518 -25.16 -17.05 -5.34
CA LEU A 518 -24.84 -15.95 -4.44
C LEU A 518 -25.70 -14.73 -4.74
N SER A 519 -25.64 -13.76 -3.84
CA SER A 519 -26.25 -12.46 -4.01
C SER A 519 -25.25 -11.32 -4.02
N LEU A 520 -24.16 -11.43 -3.27
CA LEU A 520 -23.11 -10.41 -3.30
C LEU A 520 -21.84 -11.02 -2.72
N VAL A 521 -20.71 -10.40 -3.09
CA VAL A 521 -19.39 -10.84 -2.65
C VAL A 521 -18.73 -9.68 -1.93
N THR A 522 -18.12 -9.95 -0.78
CA THR A 522 -17.47 -8.93 0.03
C THR A 522 -16.02 -9.33 0.25
N ASN A 523 -15.10 -8.46 -0.20
CA ASN A 523 -13.67 -8.73 -0.07
C ASN A 523 -13.14 -8.16 1.24
N ALA A 524 -12.37 -8.96 1.96
CA ALA A 524 -11.69 -8.57 3.18
C ALA A 524 -10.25 -9.03 3.15
N LEU A 525 -9.57 -8.77 2.03
CA LEU A 525 -8.23 -9.29 1.79
C LEU A 525 -7.18 -8.27 2.19
N ASP A 526 -5.91 -8.60 1.92
CA ASP A 526 -4.81 -7.70 2.23
C ASP A 526 -3.77 -7.65 1.12
N ASN A 527 -4.11 -8.09 -0.09
CA ASN A 527 -3.19 -8.03 -1.21
C ASN A 527 -3.98 -7.72 -2.48
N VAL A 528 -3.27 -7.18 -3.47
CA VAL A 528 -3.94 -6.72 -4.69
C VAL A 528 -4.24 -7.87 -5.63
N GLU A 529 -3.40 -8.91 -5.64
CA GLU A 529 -3.61 -10.01 -6.57
C GLU A 529 -4.95 -10.71 -6.31
N ALA A 530 -5.22 -11.02 -5.05
CA ALA A 530 -6.48 -11.69 -4.71
C ALA A 530 -7.67 -10.78 -5.01
N ARG A 531 -7.53 -9.48 -4.73
CA ARG A 531 -8.60 -8.55 -5.04
C ARG A 531 -8.92 -8.56 -6.53
N MET A 532 -7.88 -8.51 -7.37
CA MET A 532 -8.10 -8.53 -8.81
C MET A 532 -8.75 -9.84 -9.26
N TYR A 533 -8.30 -10.96 -8.69
CA TYR A 533 -8.89 -12.25 -9.08
C TYR A 533 -10.37 -12.29 -8.73
N VAL A 534 -10.72 -11.92 -7.50
CA VAL A 534 -12.13 -11.94 -7.10
C VAL A 534 -12.93 -10.97 -7.94
N ASP A 535 -12.34 -9.83 -8.28
CA ASP A 535 -13.03 -8.86 -9.12
C ASP A 535 -13.33 -9.45 -10.50
N ARG A 536 -12.36 -10.14 -11.09
CA ARG A 536 -12.59 -10.75 -12.40
C ARG A 536 -13.68 -11.80 -12.32
N ARG A 537 -13.68 -12.62 -11.27
CA ARG A 537 -14.71 -13.63 -11.13
C ARG A 537 -16.10 -12.98 -11.00
N CYS A 538 -16.20 -11.93 -10.18
CA CYS A 538 -17.48 -11.25 -10.01
C CYS A 538 -17.94 -10.61 -11.31
N VAL A 539 -17.02 -10.01 -12.05
CA VAL A 539 -17.38 -9.42 -13.35
C VAL A 539 -17.91 -10.50 -14.28
N PHE A 540 -17.24 -11.65 -14.32
CA PHE A 540 -17.68 -12.71 -15.21
C PHE A 540 -19.07 -13.23 -14.83
N PHE A 541 -19.32 -13.41 -13.54
CA PHE A 541 -20.60 -13.94 -13.09
C PHE A 541 -21.66 -12.85 -12.85
N GLU A 542 -21.29 -11.58 -12.96
CA GLU A 542 -22.23 -10.47 -12.77
C GLU A 542 -22.86 -10.51 -11.38
N LYS A 543 -22.02 -10.35 -10.36
CA LYS A 543 -22.46 -10.28 -8.98
C LYS A 543 -21.95 -9.00 -8.35
N PRO A 544 -22.73 -8.34 -7.49
CA PRO A 544 -22.21 -7.15 -6.81
C PRO A 544 -21.01 -7.48 -5.93
N LEU A 545 -20.08 -6.55 -5.87
CA LEU A 545 -18.86 -6.70 -5.09
C LEU A 545 -18.67 -5.51 -4.17
N LEU A 546 -18.17 -5.76 -2.97
CA LEU A 546 -17.90 -4.73 -1.98
C LEU A 546 -16.44 -4.83 -1.55
N GLU A 547 -15.63 -3.85 -1.95
CA GLU A 547 -14.22 -3.82 -1.61
C GLU A 547 -13.98 -2.80 -0.49
N SER A 548 -13.02 -3.12 0.38
CA SER A 548 -12.67 -2.25 1.48
C SER A 548 -11.22 -2.47 1.86
N GLY A 549 -10.54 -1.39 2.22
CA GLY A 549 -9.15 -1.47 2.61
C GLY A 549 -8.81 -0.48 3.70
N THR A 550 -7.82 -0.83 4.50
CA THR A 550 -7.36 0.02 5.60
C THR A 550 -5.84 0.06 5.59
N LEU A 551 -5.30 1.14 6.16
CA LEU A 551 -3.85 1.26 6.34
C LEU A 551 -3.63 2.26 7.46
N GLY A 552 -3.21 1.77 8.62
CA GLY A 552 -3.07 2.65 9.77
C GLY A 552 -4.40 3.30 10.10
N THR A 553 -4.47 4.62 9.96
CA THR A 553 -5.69 5.37 10.22
C THR A 553 -6.44 5.75 8.97
N LYS A 554 -6.00 5.33 7.79
CA LYS A 554 -6.67 5.62 6.54
C LYS A 554 -7.52 4.44 6.11
N GLY A 555 -8.60 4.72 5.38
CA GLY A 555 -9.45 3.66 4.89
C GLY A 555 -10.24 4.08 3.68
N ASN A 556 -10.67 3.10 2.91
CA ASN A 556 -11.49 3.35 1.74
C ASN A 556 -12.43 2.18 1.50
N THR A 557 -13.56 2.48 0.87
CA THR A 557 -14.55 1.47 0.49
C THR A 557 -15.12 1.80 -0.88
N GLN A 558 -15.30 0.75 -1.68
CA GLN A 558 -15.77 0.87 -3.06
C GLN A 558 -16.80 -0.21 -3.34
N VAL A 559 -17.72 0.08 -4.26
CA VAL A 559 -18.82 -0.82 -4.62
C VAL A 559 -18.83 -1.02 -6.12
N VAL A 560 -19.03 -2.27 -6.54
CA VAL A 560 -19.10 -2.64 -7.95
C VAL A 560 -20.47 -3.27 -8.19
N VAL A 561 -21.23 -2.70 -9.12
CA VAL A 561 -22.61 -3.09 -9.39
C VAL A 561 -22.69 -3.57 -10.84
N PRO A 562 -23.26 -4.74 -11.12
CA PRO A 562 -23.32 -5.21 -12.51
C PRO A 562 -24.11 -4.27 -13.40
N HIS A 563 -23.62 -4.11 -14.63
CA HIS A 563 -24.26 -3.34 -15.70
C HIS A 563 -24.44 -1.88 -15.36
N LEU A 564 -23.89 -1.40 -14.25
CA LEU A 564 -24.04 0.00 -13.86
C LEU A 564 -22.70 0.73 -13.75
N THR A 565 -21.76 0.21 -12.97
CA THR A 565 -20.50 0.87 -12.67
C THR A 565 -19.34 0.07 -13.23
N GLU A 566 -18.14 0.60 -13.05
CA GLU A 566 -16.92 -0.07 -13.49
C GLU A 566 -16.45 -1.06 -12.43
N SER A 567 -15.51 -1.91 -12.83
CA SER A 567 -15.01 -2.95 -11.96
C SER A 567 -13.83 -2.43 -11.13
N TYR A 568 -13.38 -3.26 -10.19
CA TYR A 568 -12.25 -2.89 -9.35
C TYR A 568 -10.97 -2.77 -10.15
N GLY A 569 -10.80 -3.60 -11.17
CA GLY A 569 -9.58 -3.65 -11.94
C GLY A 569 -9.44 -2.63 -13.04
N SER A 570 -10.39 -1.69 -13.15
CA SER A 570 -10.34 -0.66 -14.18
C SER A 570 -9.58 0.58 -13.74
N SER A 571 -8.97 0.55 -12.56
CA SER A 571 -8.20 1.68 -12.04
C SER A 571 -6.85 1.19 -11.56
N GLN A 572 -5.90 2.12 -11.48
CA GLN A 572 -4.53 1.82 -11.09
C GLN A 572 -4.26 2.31 -9.68
N ASP A 573 -3.23 1.74 -9.08
CA ASP A 573 -2.73 2.15 -7.77
C ASP A 573 -1.22 2.30 -7.82
N PRO A 574 -0.65 3.16 -6.99
CA PRO A 574 0.81 3.31 -6.98
C PRO A 574 1.47 1.98 -6.68
N PRO A 575 2.52 1.60 -7.41
CA PRO A 575 3.20 0.34 -7.14
C PRO A 575 4.20 0.46 -6.00
N GLU A 576 4.56 -0.69 -5.45
CA GLU A 576 5.57 -0.72 -4.41
C GLU A 576 6.93 -0.33 -4.98
N LYS A 577 7.71 0.40 -4.19
CA LYS A 577 8.99 0.91 -4.64
C LYS A 577 10.08 -0.12 -4.36
N SER A 578 10.92 -0.37 -5.36
CA SER A 578 12.05 -1.26 -5.23
C SER A 578 13.32 -0.49 -5.54
N PHE A 579 14.41 -0.91 -4.93
CA PHE A 579 15.66 -0.21 -5.14
C PHE A 579 16.48 -0.86 -6.24
N PRO A 580 17.26 -0.09 -6.99
CA PRO A 580 18.09 -0.69 -8.03
C PRO A 580 19.12 -1.64 -7.45
N ILE A 581 19.44 -2.69 -8.20
CA ILE A 581 20.35 -3.72 -7.70
C ILE A 581 21.72 -3.12 -7.42
N CYS A 582 22.17 -2.19 -8.26
CA CYS A 582 23.49 -1.60 -8.06
C CYS A 582 23.55 -0.85 -6.72
N THR A 583 22.49 -0.14 -6.36
CA THR A 583 22.48 0.57 -5.09
C THR A 583 22.56 -0.38 -3.91
N LEU A 584 21.78 -1.48 -3.95
CA LEU A 584 21.79 -2.42 -2.84
C LEU A 584 23.11 -3.17 -2.74
N LYS A 585 23.72 -3.50 -3.89
CA LYS A 585 24.87 -4.40 -3.88
C LYS A 585 26.11 -3.70 -3.34
N ASN A 586 26.37 -2.47 -3.75
CA ASN A 586 27.66 -1.85 -3.46
C ASN A 586 27.56 -0.48 -2.81
N PHE A 587 26.57 0.34 -3.18
CA PHE A 587 26.53 1.75 -2.80
C PHE A 587 25.20 2.09 -2.14
N PRO A 588 25.01 1.67 -0.89
CA PRO A 588 23.81 2.08 -0.16
C PRO A 588 24.00 3.43 0.51
N ASN A 589 22.88 4.13 0.72
CA ASN A 589 22.89 5.39 1.45
C ASN A 589 21.72 5.54 2.40
N ARG A 590 20.88 4.51 2.56
CA ARG A 590 19.76 4.56 3.47
C ARG A 590 19.72 3.25 4.25
N ILE A 591 19.09 3.30 5.43
CA ILE A 591 19.03 2.09 6.25
C ILE A 591 18.18 1.02 5.56
N GLU A 592 17.23 1.42 4.72
CA GLU A 592 16.42 0.43 4.01
C GLU A 592 17.28 -0.42 3.08
N HIS A 593 18.27 0.21 2.42
CA HIS A 593 19.16 -0.55 1.56
C HIS A 593 19.93 -1.60 2.36
N THR A 594 20.44 -1.21 3.52
CA THR A 594 21.18 -2.16 4.34
C THR A 594 20.28 -3.28 4.84
N ILE A 595 19.03 -2.95 5.19
CA ILE A 595 18.11 -4.00 5.64
C ILE A 595 17.82 -4.99 4.52
N ALA A 596 17.59 -4.48 3.30
CA ALA A 596 17.35 -5.37 2.18
C ALA A 596 18.57 -6.24 1.90
N TRP A 597 19.77 -5.65 1.97
CA TRP A 597 20.99 -6.44 1.78
C TRP A 597 21.13 -7.51 2.86
N ALA A 598 20.79 -7.16 4.10
CA ALA A 598 20.86 -8.15 5.18
C ALA A 598 19.89 -9.28 4.96
N ARG A 599 18.68 -8.95 4.48
CA ARG A 599 17.71 -10.01 4.17
C ARG A 599 18.24 -10.92 3.07
N ASP A 600 18.83 -10.34 2.02
CA ASP A 600 19.39 -11.16 0.96
C ASP A 600 20.53 -12.04 1.49
N LEU A 601 21.37 -11.48 2.36
CA LEU A 601 22.45 -12.26 2.93
C LEU A 601 21.90 -13.42 3.77
N PHE A 602 20.87 -13.16 4.57
CA PHE A 602 20.26 -14.22 5.36
C PHE A 602 19.75 -15.34 4.46
N GLU A 603 19.01 -14.97 3.41
CA GLU A 603 18.46 -15.97 2.51
C GLU A 603 19.57 -16.76 1.83
N GLY A 604 20.64 -16.09 1.40
CA GLY A 604 21.71 -16.76 0.70
C GLY A 604 22.61 -17.58 1.59
N LEU A 605 22.64 -17.31 2.89
CA LEU A 605 23.48 -18.07 3.80
C LEU A 605 22.75 -19.25 4.42
N PHE A 606 21.48 -19.11 4.77
CA PHE A 606 20.78 -20.13 5.54
C PHE A 606 19.60 -20.76 4.83
N LYS A 607 19.31 -20.39 3.59
CA LYS A 607 18.16 -20.93 2.88
C LYS A 607 18.52 -21.63 1.58
N GLN A 608 19.34 -21.01 0.74
CA GLN A 608 19.57 -21.55 -0.60
C GLN A 608 20.56 -22.72 -0.60
N PRO A 609 21.73 -22.59 0.05
CA PRO A 609 22.64 -23.74 0.07
C PRO A 609 22.02 -24.99 0.65
N ILE A 610 21.19 -24.84 1.69
CA ILE A 610 20.53 -26.00 2.29
C ILE A 610 19.60 -26.66 1.29
N ASP A 611 18.82 -25.85 0.56
CA ASP A 611 17.93 -26.41 -0.45
C ASP A 611 18.71 -27.12 -1.54
N ASN A 612 19.83 -26.54 -1.97
CA ASN A 612 20.65 -27.20 -2.99
C ASN A 612 21.18 -28.54 -2.48
N VAL A 613 21.67 -28.58 -1.25
CA VAL A 613 22.19 -29.83 -0.71
C VAL A 613 21.09 -30.86 -0.63
N ASN A 614 19.91 -30.47 -0.14
CA ASN A 614 18.82 -31.42 -0.01
C ASN A 614 18.39 -31.95 -1.38
N MET A 615 18.28 -31.07 -2.38
CA MET A 615 17.88 -31.51 -3.70
C MET A 615 18.92 -32.43 -4.32
N TYR A 616 20.20 -32.18 -4.05
CA TYR A 616 21.24 -33.07 -4.55
C TYR A 616 21.11 -34.46 -3.96
N LEU A 617 20.79 -34.55 -2.66
CA LEU A 617 20.66 -35.85 -2.00
C LEU A 617 19.37 -36.55 -2.36
N SER A 618 18.38 -35.85 -2.92
CA SER A 618 17.11 -36.46 -3.28
C SER A 618 17.11 -36.93 -4.73
N SER A 619 17.32 -36.02 -5.67
CA SER A 619 17.30 -36.39 -7.08
C SER A 619 18.56 -37.18 -7.42
N PRO A 620 18.45 -38.37 -8.02
CA PRO A 620 19.65 -39.14 -8.36
C PRO A 620 20.52 -38.49 -9.42
N ASN A 621 19.99 -37.57 -10.21
CA ASN A 621 20.72 -36.93 -11.31
C ASN A 621 20.57 -35.41 -11.25
N PHE A 622 20.75 -34.86 -10.05
CA PHE A 622 20.64 -33.41 -9.89
C PHE A 622 21.80 -32.69 -10.54
N LEU A 623 22.96 -33.35 -10.67
CA LEU A 623 24.15 -32.67 -11.15
C LEU A 623 23.97 -32.16 -12.57
N GLU A 624 23.42 -33.00 -13.46
CA GLU A 624 23.23 -32.58 -14.85
C GLU A 624 22.27 -31.41 -14.94
N THR A 625 21.16 -31.47 -14.18
CA THR A 625 20.20 -30.37 -14.21
C THR A 625 20.83 -29.09 -13.71
N SER A 626 21.60 -29.16 -12.62
CA SER A 626 22.27 -27.97 -12.13
C SER A 626 23.24 -27.41 -13.16
N LEU A 627 24.02 -28.30 -13.81
CA LEU A 627 25.00 -27.83 -14.78
C LEU A 627 24.35 -27.17 -15.98
N LYS A 628 23.28 -27.75 -16.50
CA LYS A 628 22.67 -27.27 -17.73
C LYS A 628 21.56 -26.26 -17.51
N THR A 629 21.19 -25.98 -16.26
CA THR A 629 20.09 -25.07 -15.98
C THR A 629 20.54 -23.85 -15.17
N SER A 630 21.31 -24.06 -14.11
CA SER A 630 21.69 -22.95 -13.24
C SER A 630 22.56 -21.96 -14.01
N SER A 631 22.33 -20.67 -13.76
CA SER A 631 23.16 -19.64 -14.38
C SER A 631 24.60 -19.72 -13.88
N ASN A 632 24.79 -20.19 -12.64
CA ASN A 632 26.12 -20.31 -12.03
C ASN A 632 26.24 -21.70 -11.42
N PRO A 633 26.41 -22.73 -12.26
CA PRO A 633 26.51 -24.09 -11.71
C PRO A 633 27.70 -24.28 -10.78
N ARG A 634 28.82 -23.61 -11.04
CA ARG A 634 30.00 -23.82 -10.21
C ARG A 634 29.78 -23.36 -8.78
N GLU A 635 29.02 -22.27 -8.59
CA GLU A 635 28.71 -21.86 -7.23
C GLU A 635 27.80 -22.87 -6.54
N VAL A 636 26.90 -23.52 -7.31
CA VAL A 636 26.07 -24.57 -6.73
C VAL A 636 26.95 -25.74 -6.26
N LEU A 637 27.90 -26.14 -7.10
CA LEU A 637 28.82 -27.21 -6.70
C LEU A 637 29.62 -26.81 -5.48
N GLU A 638 30.09 -25.57 -5.43
CA GLU A 638 30.83 -25.10 -4.26
C GLU A 638 29.97 -25.14 -3.00
N ASN A 639 28.71 -24.71 -3.13
CA ASN A 639 27.81 -24.76 -1.97
C ASN A 639 27.64 -26.18 -1.48
N ILE A 640 27.38 -27.12 -2.39
CA ILE A 640 27.22 -28.51 -1.98
C ILE A 640 28.49 -29.00 -1.29
N ARG A 641 29.64 -28.73 -1.89
CA ARG A 641 30.89 -29.25 -1.37
C ARG A 641 31.17 -28.73 0.02
N ASP A 642 31.07 -27.42 0.21
CA ASP A 642 31.46 -26.83 1.49
C ASP A 642 30.35 -26.92 2.54
N TYR A 643 29.13 -27.28 2.16
CA TYR A 643 28.10 -27.59 3.16
C TYR A 643 28.04 -29.06 3.48
N LEU A 644 28.67 -29.94 2.69
CA LEU A 644 28.71 -31.36 3.01
C LEU A 644 30.00 -31.78 3.68
N VAL A 645 31.15 -31.51 3.06
CA VAL A 645 32.42 -32.11 3.47
C VAL A 645 33.36 -31.08 4.09
N THR A 646 33.60 -29.98 3.40
CA THR A 646 34.67 -29.07 3.82
C THR A 646 34.32 -28.35 5.12
N GLU A 647 33.26 -27.55 5.11
CA GLU A 647 32.88 -26.72 6.24
C GLU A 647 31.71 -27.28 7.02
N LYS A 648 31.61 -28.60 7.13
CA LYS A 648 30.56 -29.21 7.92
C LYS A 648 30.93 -29.12 9.40
N PRO A 649 30.11 -28.49 10.24
CA PRO A 649 30.47 -28.39 11.66
C PRO A 649 30.29 -29.71 12.37
N LEU A 650 31.13 -29.93 13.39
CA LEU A 650 31.01 -31.08 14.28
C LEU A 650 30.72 -30.68 15.72
N SER A 651 30.80 -29.41 16.05
CA SER A 651 30.46 -28.91 17.38
C SER A 651 29.99 -27.47 17.22
N PHE A 652 29.73 -26.80 18.34
CA PHE A 652 29.31 -25.41 18.27
C PHE A 652 30.51 -24.47 18.12
N GLU A 653 31.68 -24.88 18.58
CA GLU A 653 32.86 -24.04 18.41
C GLU A 653 33.17 -23.84 16.94
N GLU A 654 33.01 -24.88 16.13
CA GLU A 654 33.20 -24.73 14.69
C GLU A 654 32.17 -23.76 14.11
N CYS A 655 30.95 -23.77 14.64
CA CYS A 655 29.96 -22.79 14.20
C CYS A 655 30.39 -21.38 14.53
N ILE A 656 30.96 -21.18 15.73
CA ILE A 656 31.43 -19.84 16.10
C ILE A 656 32.55 -19.40 15.19
N MET A 657 33.49 -20.31 14.89
CA MET A 657 34.59 -19.97 13.99
C MET A 657 34.06 -19.63 12.60
N TRP A 658 33.07 -20.39 12.13
CA TRP A 658 32.45 -20.10 10.84
C TRP A 658 31.80 -18.71 10.85
N ALA A 659 31.13 -18.37 11.94
CA ALA A 659 30.52 -17.04 12.03
C ALA A 659 31.58 -15.95 11.99
N ARG A 660 32.70 -16.15 12.68
CA ARG A 660 33.78 -15.17 12.62
C ARG A 660 34.32 -15.05 11.20
N LEU A 661 34.50 -16.18 10.51
CA LEU A 661 34.99 -16.14 9.15
C LEU A 661 34.02 -15.40 8.24
N GLN A 662 32.73 -15.61 8.41
CA GLN A 662 31.74 -14.91 7.59
C GLN A 662 31.75 -13.42 7.90
N PHE A 663 31.92 -13.05 9.18
CA PHE A 663 32.07 -11.65 9.52
C PHE A 663 33.21 -11.03 8.72
N ASP A 664 34.37 -11.69 8.73
CA ASP A 664 35.50 -11.17 7.96
C ASP A 664 35.17 -11.09 6.48
N LYS A 665 34.49 -12.12 5.95
CA LYS A 665 34.22 -12.15 4.52
C LYS A 665 33.32 -11.00 4.10
N PHE A 666 32.28 -10.71 4.88
CA PHE A 666 31.24 -9.79 4.43
C PHE A 666 31.38 -8.37 4.97
N PHE A 667 32.25 -8.13 5.95
CA PHE A 667 32.37 -6.79 6.51
C PHE A 667 33.78 -6.25 6.53
N ASN A 668 34.79 -7.03 6.14
CA ASN A 668 36.16 -6.52 6.16
C ASN A 668 36.86 -6.73 4.83
N ASN A 669 36.58 -7.83 4.14
CA ASN A 669 37.29 -8.14 2.90
C ASN A 669 36.62 -7.54 1.67
N ASN A 670 35.29 -7.62 1.58
CA ASN A 670 34.62 -7.06 0.40
C ASN A 670 34.79 -5.56 0.34
N ILE A 671 34.79 -4.90 1.50
CA ILE A 671 35.02 -3.45 1.52
C ILE A 671 36.43 -3.12 1.04
N GLN A 672 37.42 -3.91 1.46
CA GLN A 672 38.78 -3.69 0.98
C GLN A 672 38.86 -3.89 -0.52
N GLN A 673 38.19 -4.91 -1.05
CA GLN A 673 38.20 -5.12 -2.49
C GLN A 673 37.54 -3.95 -3.22
N LEU A 674 36.42 -3.46 -2.69
CA LEU A 674 35.74 -2.33 -3.33
C LEU A 674 36.62 -1.09 -3.33
N LEU A 675 37.29 -0.81 -2.20
CA LEU A 675 38.18 0.35 -2.17
C LEU A 675 39.38 0.15 -3.08
N PHE A 676 39.83 -1.10 -3.26
CA PHE A 676 40.89 -1.36 -4.23
C PHE A 676 40.42 -1.05 -5.64
N ASN A 677 39.15 -1.38 -5.95
CA ASN A 677 38.62 -1.06 -7.27
C ASN A 677 38.40 0.44 -7.44
N PHE A 678 37.84 1.10 -6.45
CA PHE A 678 37.50 2.52 -6.51
C PHE A 678 38.09 3.23 -5.30
N PRO A 679 39.36 3.60 -5.37
CA PRO A 679 40.01 4.23 -4.21
C PRO A 679 39.31 5.54 -3.84
N LYS A 680 39.44 5.91 -2.57
CA LYS A 680 38.75 7.08 -2.05
C LYS A 680 39.14 8.36 -2.79
N ASP A 681 40.31 8.39 -3.41
CA ASP A 681 40.77 9.56 -4.15
C ASP A 681 40.45 9.49 -5.63
N SER A 682 39.75 8.45 -6.09
CA SER A 682 39.47 8.30 -7.51
C SER A 682 38.46 9.35 -7.96
N VAL A 683 38.47 9.60 -9.27
CA VAL A 683 37.57 10.56 -9.89
C VAL A 683 36.85 9.88 -11.04
N THR A 684 35.68 10.42 -11.37
CA THR A 684 34.88 9.88 -12.46
C THR A 684 35.51 10.29 -13.80
N SER A 685 34.83 9.98 -14.89
CA SER A 685 35.33 10.34 -16.21
C SER A 685 35.28 11.84 -16.44
N THR A 686 34.45 12.57 -15.71
CA THR A 686 34.32 14.01 -15.86
C THR A 686 35.18 14.78 -14.88
N GLY A 687 36.03 14.11 -14.10
CA GLY A 687 36.92 14.77 -13.18
C GLY A 687 36.37 14.97 -11.79
N GLN A 688 35.08 14.75 -11.58
CA GLN A 688 34.51 14.90 -10.25
C GLN A 688 34.86 13.69 -9.38
N PRO A 689 34.97 13.88 -8.07
CA PRO A 689 35.28 12.75 -7.20
C PRO A 689 34.21 11.67 -7.29
N PHE A 690 34.65 10.41 -7.24
CA PHE A 690 33.72 9.30 -7.39
C PHE A 690 32.77 9.22 -6.20
N TRP A 691 33.31 9.25 -4.98
CA TRP A 691 32.50 9.10 -3.78
C TRP A 691 31.92 10.46 -3.36
N SER A 692 31.02 10.96 -4.21
CA SER A 692 30.35 12.23 -3.96
C SER A 692 28.86 12.08 -4.23
N GLY A 693 28.05 12.60 -3.32
CA GLY A 693 26.61 12.57 -3.48
C GLY A 693 26.00 11.33 -2.86
N PRO A 694 25.23 10.57 -3.65
CA PRO A 694 24.56 9.38 -3.10
C PRO A 694 25.49 8.23 -2.79
N LYS A 695 26.78 8.34 -3.13
CA LYS A 695 27.75 7.29 -2.85
C LYS A 695 28.61 7.69 -1.66
N ARG A 696 28.66 6.83 -0.66
CA ARG A 696 29.40 7.09 0.57
C ARG A 696 30.59 6.15 0.63
N ALA A 697 31.75 6.69 0.94
CA ALA A 697 32.97 5.89 0.98
C ALA A 697 32.94 4.96 2.19
N PRO A 698 33.03 3.65 2.00
CA PRO A 698 33.00 2.74 3.14
C PRO A 698 34.38 2.61 3.78
N THR A 699 34.40 2.00 4.97
CA THR A 699 35.63 1.72 5.68
C THR A 699 35.56 0.32 6.28
N PRO A 700 36.64 -0.46 6.22
CA PRO A 700 36.59 -1.81 6.78
C PRO A 700 36.37 -1.80 8.28
N LEU A 701 35.75 -2.87 8.78
CA LEU A 701 35.52 -3.06 10.21
C LEU A 701 36.53 -4.07 10.74
N SER A 702 37.23 -3.69 11.80
CA SER A 702 38.12 -4.60 12.50
C SER A 702 37.37 -5.23 13.67
N PHE A 703 37.37 -6.55 13.73
CA PHE A 703 36.58 -7.26 14.72
C PHE A 703 37.04 -6.90 16.12
N ASP A 704 36.10 -6.49 16.96
CA ASP A 704 36.36 -6.17 18.37
C ASP A 704 35.27 -6.81 19.21
N ILE A 705 35.66 -7.75 20.07
CA ILE A 705 34.67 -8.52 20.83
C ILE A 705 33.91 -7.62 21.79
N HIS A 706 34.55 -6.56 22.31
CA HIS A 706 33.89 -5.70 23.28
C HIS A 706 32.74 -4.93 22.66
N ASN A 707 32.77 -4.69 21.36
CA ASN A 707 31.66 -3.99 20.70
C ASN A 707 30.42 -4.87 20.73
N ARG A 708 29.28 -4.25 21.00
CA ARG A 708 28.04 -5.02 21.16
C ARG A 708 27.55 -5.57 19.83
N GLU A 709 27.64 -4.78 18.76
CA GLU A 709 27.08 -5.21 17.48
C GLU A 709 27.83 -6.42 16.93
N HIS A 710 29.15 -6.42 17.06
CA HIS A 710 29.94 -7.56 16.58
C HIS A 710 29.55 -8.83 17.31
N PHE A 711 29.42 -8.75 18.63
CA PHE A 711 29.04 -9.93 19.41
C PHE A 711 27.64 -10.38 19.04
N ASP A 712 26.71 -9.45 18.84
CA ASP A 712 25.36 -9.82 18.44
C ASP A 712 25.37 -10.57 17.11
N PHE A 713 26.12 -10.05 16.13
CA PHE A 713 26.18 -10.73 14.85
C PHE A 713 26.78 -12.13 14.99
N ILE A 714 27.85 -12.26 15.78
CA ILE A 714 28.47 -13.57 15.95
C ILE A 714 27.47 -14.54 16.57
N VAL A 715 26.77 -14.11 17.60
CA VAL A 715 25.80 -14.99 18.27
C VAL A 715 24.72 -15.41 17.30
N ALA A 716 24.16 -14.45 16.55
CA ALA A 716 23.07 -14.76 15.66
C ALA A 716 23.51 -15.72 14.56
N ALA A 717 24.66 -15.46 13.95
CA ALA A 717 25.13 -16.32 12.87
C ALA A 717 25.43 -17.72 13.37
N ALA A 718 26.09 -17.83 14.53
CA ALA A 718 26.39 -19.15 15.07
C ALA A 718 25.12 -19.90 15.41
N SER A 719 24.13 -19.22 16.01
CA SER A 719 22.88 -19.90 16.35
C SER A 719 22.17 -20.38 15.10
N LEU A 720 22.12 -19.56 14.05
CA LEU A 720 21.42 -19.99 12.84
C LEU A 720 22.15 -21.14 12.16
N TYR A 721 23.49 -21.11 12.15
CA TYR A 721 24.22 -22.23 11.57
C TYR A 721 23.96 -23.52 12.36
N ALA A 722 23.96 -23.42 13.69
CA ALA A 722 23.67 -24.59 14.51
C ALA A 722 22.27 -25.11 14.22
N PHE A 723 21.30 -24.21 14.08
CA PHE A 723 19.95 -24.63 13.74
C PHE A 723 19.92 -25.35 12.40
N ASN A 724 20.68 -24.84 11.42
CA ASN A 724 20.74 -25.52 10.13
C ASN A 724 21.29 -26.93 10.28
N TYR A 725 22.34 -27.11 11.07
CA TYR A 725 22.90 -28.43 11.29
C TYR A 725 22.34 -29.11 12.53
N GLY A 726 21.39 -28.47 13.22
CA GLY A 726 20.72 -29.12 14.34
C GLY A 726 21.61 -29.44 15.52
N LEU A 727 22.48 -28.51 15.91
CA LEU A 727 23.34 -28.68 17.07
C LEU A 727 22.84 -27.80 18.21
N LYS A 728 23.29 -28.14 19.42
CA LYS A 728 22.97 -27.33 20.58
C LYS A 728 23.74 -26.02 20.53
N SER A 729 23.02 -24.91 20.73
CA SER A 729 23.60 -23.58 20.65
C SER A 729 23.68 -22.98 22.05
N GLU A 730 24.86 -22.48 22.41
CA GLU A 730 25.06 -21.84 23.70
C GLU A 730 24.75 -20.35 23.60
N THR A 731 24.65 -19.70 24.77
CA THR A 731 24.39 -18.27 24.82
C THR A 731 25.28 -17.53 25.81
N ASP A 732 25.98 -18.21 26.70
CA ASP A 732 26.82 -17.52 27.67
C ASP A 732 28.01 -16.88 26.96
N PRO A 733 28.30 -15.60 27.19
CA PRO A 733 29.39 -14.95 26.45
C PRO A 733 30.77 -15.51 26.74
N ALA A 734 30.94 -16.25 27.84
CA ALA A 734 32.27 -16.72 28.21
C ALA A 734 32.83 -17.67 27.15
N ILE A 735 32.02 -18.59 26.66
CA ILE A 735 32.49 -19.52 25.62
C ILE A 735 32.84 -18.77 24.35
N TYR A 736 32.02 -17.79 23.98
CA TYR A 736 32.31 -17.01 22.78
C TYR A 736 33.65 -16.29 22.92
N GLU A 737 33.88 -15.66 24.08
CA GLU A 737 35.15 -14.96 24.28
C GLU A 737 36.32 -15.93 24.25
N ARG A 738 36.17 -17.11 24.87
CA ARG A 738 37.25 -18.07 24.89
C ARG A 738 37.58 -18.57 23.49
N VAL A 739 36.55 -18.86 22.69
CA VAL A 739 36.80 -19.40 21.36
C VAL A 739 37.38 -18.34 20.44
N LEU A 740 36.80 -17.14 20.45
CA LEU A 740 37.24 -16.11 19.52
C LEU A 740 38.59 -15.52 19.90
N ALA A 741 39.02 -15.65 21.16
CA ALA A 741 40.33 -15.14 21.55
C ALA A 741 41.44 -15.86 20.80
N GLY A 742 41.33 -17.16 20.66
CA GLY A 742 42.35 -17.95 19.97
C GLY A 742 42.09 -18.12 18.50
N TYR A 743 41.86 -17.02 17.78
CA TYR A 743 41.62 -17.04 16.35
C TYR A 743 42.72 -16.28 15.63
N ASN A 744 43.29 -16.89 14.61
CA ASN A 744 44.33 -16.26 13.80
C ASN A 744 43.80 -16.02 12.39
N PRO A 745 43.44 -14.80 12.02
CA PRO A 745 42.86 -14.55 10.70
C PRO A 745 43.81 -14.94 9.59
N PRO A 746 43.33 -15.60 8.54
CA PRO A 746 44.19 -15.83 7.38
C PRO A 746 44.52 -14.52 6.70
N PRO A 747 45.70 -14.42 6.07
CA PRO A 747 46.03 -13.19 5.35
C PRO A 747 45.11 -12.98 4.16
N PHE A 748 44.86 -11.70 3.85
CA PHE A 748 44.04 -11.33 2.72
C PHE A 748 44.70 -10.16 1.99
N ALA A 749 44.78 -10.28 0.66
CA ALA A 749 45.32 -9.22 -0.17
C ALA A 749 44.39 -9.09 -1.38
N PRO A 750 43.87 -7.89 -1.66
CA PRO A 750 42.98 -7.74 -2.82
C PRO A 750 43.67 -8.16 -4.10
N LYS A 751 42.90 -8.78 -4.99
CA LYS A 751 43.42 -9.28 -6.25
C LYS A 751 43.14 -8.30 -7.37
N SER A 752 44.08 -8.19 -8.30
CA SER A 752 43.96 -7.29 -9.44
C SER A 752 43.36 -7.96 -10.67
N GLY A 753 42.93 -9.21 -10.55
CA GLY A 753 42.36 -9.93 -11.69
C GLY A 753 43.45 -10.70 -12.44
N ILE A 754 43.67 -10.33 -13.70
CA ILE A 754 44.69 -10.96 -14.52
C ILE A 754 44.41 -12.46 -14.64
N ALA A 769 40.67 -22.31 -20.45
CA ALA A 769 39.84 -22.92 -21.47
C ALA A 769 39.12 -24.16 -20.92
N ASN A 770 39.84 -25.28 -20.88
CA ASN A 770 39.29 -26.53 -20.35
C ASN A 770 39.59 -26.72 -18.87
N LYS A 771 40.30 -25.78 -18.25
CA LYS A 771 40.58 -25.90 -16.82
C LYS A 771 39.30 -25.83 -15.99
N ASP A 772 38.37 -24.96 -16.40
CA ASP A 772 37.13 -24.81 -15.64
C ASP A 772 36.35 -26.12 -15.61
N LYS A 773 36.27 -26.82 -16.74
CA LYS A 773 35.63 -28.13 -16.75
C LYS A 773 36.39 -29.11 -15.85
N GLN A 774 37.72 -29.05 -15.87
CA GLN A 774 38.50 -29.91 -14.99
C GLN A 774 38.19 -29.64 -13.53
N GLU A 775 38.10 -28.36 -13.16
CA GLU A 775 37.78 -28.01 -11.78
C GLU A 775 36.38 -28.49 -11.42
N LEU A 776 35.41 -28.33 -12.33
CA LEU A 776 34.06 -28.81 -12.06
C LEU A 776 34.04 -30.30 -11.83
N LYS A 777 34.75 -31.06 -12.66
CA LYS A 777 34.81 -32.51 -12.47
C LYS A 777 35.49 -32.88 -11.17
N SER A 778 36.57 -32.17 -10.82
CA SER A 778 37.25 -32.45 -9.56
C SER A 778 36.33 -32.21 -8.38
N ILE A 779 35.55 -31.13 -8.41
CA ILE A 779 34.58 -30.87 -7.36
C ILE A 779 33.52 -31.97 -7.34
N ALA A 780 33.04 -32.37 -8.52
CA ALA A 780 31.97 -33.35 -8.60
C ALA A 780 32.39 -34.67 -7.98
N ASP A 781 33.59 -35.15 -8.31
CA ASP A 781 34.04 -36.43 -7.77
C ASP A 781 34.36 -36.33 -6.29
N SER A 782 34.66 -35.13 -5.77
CA SER A 782 34.94 -34.99 -4.36
C SER A 782 33.67 -35.15 -3.51
N LEU A 783 32.50 -34.89 -4.10
CA LEU A 783 31.27 -35.03 -3.35
C LEU A 783 31.02 -36.49 -3.01
N PRO A 784 30.64 -36.81 -1.77
CA PRO A 784 30.30 -38.19 -1.45
C PRO A 784 29.08 -38.64 -2.21
N PRO A 785 28.98 -39.92 -2.56
CA PRO A 785 27.81 -40.38 -3.31
C PRO A 785 26.55 -40.26 -2.47
N PRO A 786 25.39 -40.02 -3.10
CA PRO A 786 24.14 -39.99 -2.33
C PRO A 786 23.86 -41.27 -1.58
N SER A 787 24.32 -42.41 -2.10
CA SER A 787 24.08 -43.68 -1.42
C SER A 787 24.71 -43.68 -0.03
N SER A 788 25.90 -43.09 0.11
CA SER A 788 26.56 -43.04 1.40
C SER A 788 25.80 -42.16 2.39
N LEU A 789 24.90 -41.31 1.93
CA LEU A 789 24.12 -40.41 2.79
C LEU A 789 22.64 -40.67 2.52
N VAL A 790 22.04 -41.53 3.35
CA VAL A 790 20.62 -41.83 3.28
C VAL A 790 20.01 -41.46 4.62
N GLY A 791 18.92 -40.70 4.58
CA GLY A 791 18.25 -40.24 5.79
C GLY A 791 18.86 -39.00 6.41
N PHE A 792 19.95 -38.49 5.86
CA PHE A 792 20.59 -37.28 6.39
C PHE A 792 20.10 -36.08 5.59
N ARG A 793 19.45 -35.15 6.27
CA ARG A 793 18.92 -33.95 5.64
C ARG A 793 19.23 -32.74 6.51
N LEU A 794 19.34 -31.59 5.86
CA LEU A 794 19.64 -30.32 6.52
C LEU A 794 18.39 -29.46 6.55
N THR A 795 18.17 -28.79 7.68
CA THR A 795 16.95 -28.02 7.87
C THR A 795 17.15 -26.61 7.35
N PRO A 796 16.42 -26.18 6.31
CA PRO A 796 16.52 -24.80 5.85
C PRO A 796 15.88 -23.85 6.86
N ALA A 797 16.31 -22.60 6.81
CA ALA A 797 15.80 -21.56 7.70
C ALA A 797 14.72 -20.79 6.95
N GLU A 798 13.47 -20.96 7.38
CA GLU A 798 12.34 -20.26 6.78
C GLU A 798 12.09 -18.97 7.56
N PHE A 799 12.11 -17.83 6.86
CA PHE A 799 12.01 -16.55 7.53
C PHE A 799 10.69 -16.45 8.28
N GLU A 800 10.77 -16.00 9.54
CA GLU A 800 9.59 -15.85 10.39
C GLU A 800 9.82 -14.67 11.31
N LYS A 801 9.17 -13.55 11.03
CA LYS A 801 9.40 -12.33 11.81
C LYS A 801 8.72 -12.37 13.16
N ASP A 802 7.54 -12.99 13.26
CA ASP A 802 6.72 -12.86 14.47
C ASP A 802 7.27 -13.63 15.65
N ASP A 803 8.28 -14.47 15.47
CA ASP A 803 8.87 -15.24 16.55
C ASP A 803 10.18 -14.58 16.98
N ASP A 804 10.31 -14.32 18.27
CA ASP A 804 11.45 -13.59 18.81
C ASP A 804 12.50 -14.49 19.45
N SER A 805 12.44 -15.80 19.20
CA SER A 805 13.41 -16.74 19.76
C SER A 805 14.11 -17.54 18.66
N ASN A 806 14.03 -17.11 17.42
CA ASN A 806 14.67 -17.80 16.31
C ASN A 806 15.91 -17.08 15.78
N HIS A 807 16.22 -15.90 16.31
CA HIS A 807 17.41 -15.15 15.91
C HIS A 807 17.36 -14.71 14.46
N HIS A 808 16.16 -14.56 13.90
CA HIS A 808 16.05 -14.06 12.53
C HIS A 808 16.17 -12.54 12.49
N ILE A 809 15.26 -11.84 13.17
CA ILE A 809 15.32 -10.39 13.20
C ILE A 809 16.59 -9.92 13.90
N ASP A 810 17.08 -10.69 14.87
CA ASP A 810 18.34 -10.32 15.51
C ASP A 810 19.49 -10.34 14.51
N PHE A 811 19.57 -11.40 13.71
CA PHE A 811 20.62 -11.47 12.71
C PHE A 811 20.48 -10.36 11.68
N ILE A 812 19.26 -10.10 11.22
CA ILE A 812 19.06 -9.06 10.22
C ILE A 812 19.46 -7.70 10.78
N THR A 813 19.06 -7.42 12.03
CA THR A 813 19.42 -6.15 12.65
C THR A 813 20.93 -6.03 12.80
N ALA A 814 21.59 -7.08 13.25
CA ALA A 814 23.04 -7.01 13.44
C ALA A 814 23.75 -6.77 12.11
N ALA A 815 23.39 -7.53 11.08
CA ALA A 815 24.03 -7.35 9.78
C ALA A 815 23.75 -5.96 9.21
N SER A 816 22.51 -5.48 9.32
CA SER A 816 22.20 -4.17 8.81
C SER A 816 22.97 -3.08 9.54
N ASN A 817 23.07 -3.18 10.86
CA ASN A 817 23.79 -2.16 11.61
C ASN A 817 25.28 -2.21 11.29
N LEU A 818 25.84 -3.40 11.10
CA LEU A 818 27.26 -3.48 10.73
C LEU A 818 27.50 -2.86 9.37
N ARG A 819 26.65 -3.16 8.38
CA ARG A 819 26.83 -2.55 7.08
C ARG A 819 26.64 -1.04 7.14
N ALA A 820 25.73 -0.56 7.98
CA ALA A 820 25.59 0.88 8.17
C ALA A 820 26.86 1.47 8.76
N MET A 821 27.47 0.78 9.72
CA MET A 821 28.75 1.24 10.26
C MET A 821 29.83 1.25 9.17
N ASN A 822 29.73 0.36 8.19
CA ASN A 822 30.68 0.39 7.08
C ASN A 822 30.57 1.69 6.30
N TYR A 823 29.35 2.13 6.02
CA TYR A 823 29.10 3.28 5.15
C TYR A 823 28.71 4.54 5.92
N ASP A 824 28.88 4.55 7.24
CA ASP A 824 28.55 5.72 8.05
C ASP A 824 27.09 6.12 7.86
N ILE A 825 26.20 5.20 8.24
CA ILE A 825 24.76 5.42 8.21
C ILE A 825 24.23 5.19 9.61
N THR A 826 23.28 6.01 10.03
CA THR A 826 22.76 5.91 11.40
C THR A 826 22.02 4.58 11.55
N PRO A 827 22.43 3.69 12.45
CA PRO A 827 21.77 2.40 12.55
C PRO A 827 20.38 2.52 13.13
N ALA A 828 19.54 1.54 12.79
CA ALA A 828 18.16 1.47 13.27
C ALA A 828 18.03 0.35 14.30
N ASP A 829 17.10 0.53 15.22
CA ASP A 829 16.89 -0.45 16.29
C ASP A 829 16.14 -1.66 15.74
N ARG A 830 15.83 -2.61 16.62
CA ARG A 830 15.17 -3.83 16.21
C ARG A 830 13.74 -3.58 15.77
N PHE A 831 13.08 -2.58 16.35
CA PHE A 831 11.69 -2.30 16.02
C PHE A 831 11.56 -1.87 14.55
N LYS A 832 12.34 -0.88 14.14
CA LYS A 832 12.27 -0.42 12.76
C LYS A 832 12.76 -1.49 11.80
N THR A 833 13.77 -2.26 12.19
CA THR A 833 14.24 -3.35 11.34
C THR A 833 13.14 -4.36 11.11
N LYS A 834 12.41 -4.72 12.16
CA LYS A 834 11.28 -5.64 12.00
C LYS A 834 10.21 -5.03 11.11
N PHE A 835 9.96 -3.73 11.25
CA PHE A 835 8.95 -3.09 10.42
C PHE A 835 9.33 -3.14 8.94
N VAL A 836 10.60 -2.88 8.63
CA VAL A 836 11.01 -2.77 7.24
C VAL A 836 11.19 -4.14 6.62
N ALA A 837 11.93 -5.03 7.28
CA ALA A 837 12.23 -6.33 6.69
C ALA A 837 10.96 -7.17 6.53
N GLY A 838 10.08 -7.13 7.52
CA GLY A 838 8.88 -7.95 7.47
C GLY A 838 7.76 -7.41 6.62
N LYS A 839 7.89 -6.19 6.10
CA LYS A 839 6.85 -5.57 5.30
C LYS A 839 5.52 -5.54 6.05
N ILE A 840 5.60 -5.21 7.34
CA ILE A 840 4.40 -5.14 8.18
C ILE A 840 3.54 -3.97 7.73
N VAL A 841 2.23 -4.22 7.64
CA VAL A 841 1.25 -3.19 7.30
C VAL A 841 0.65 -2.67 8.60
N PRO A 842 0.79 -1.39 8.92
CA PRO A 842 0.17 -0.88 10.14
C PRO A 842 -1.34 -1.09 10.12
N ALA A 843 -1.90 -1.41 11.28
CA ALA A 843 -3.31 -1.73 11.38
C ALA A 843 -3.87 -1.19 12.68
N MET A 844 -5.19 -0.97 12.69
CA MET A 844 -5.88 -0.40 13.83
C MET A 844 -7.28 -0.99 13.89
N CYS A 845 -7.89 -0.93 15.06
CA CYS A 845 -9.26 -1.42 15.20
C CYS A 845 -10.28 -0.37 14.78
N THR A 846 -10.01 0.90 15.03
CA THR A 846 -10.97 1.95 14.68
C THR A 846 -11.17 2.03 13.17
N SER A 847 -10.10 1.96 12.41
CA SER A 847 -10.22 2.01 10.95
C SER A 847 -11.03 0.84 10.44
N THR A 848 -10.79 -0.35 11.00
CA THR A 848 -11.56 -1.52 10.61
C THR A 848 -13.04 -1.33 10.91
N ALA A 849 -13.36 -0.80 12.09
CA ALA A 849 -14.76 -0.57 12.42
C ALA A 849 -15.40 0.40 11.44
N VAL A 850 -14.70 1.49 11.10
CA VAL A 850 -15.27 2.49 10.20
C VAL A 850 -15.51 1.90 8.82
N VAL A 851 -14.55 1.15 8.28
CA VAL A 851 -14.73 0.61 6.94
C VAL A 851 -15.86 -0.43 6.94
N SER A 852 -15.96 -1.23 8.00
CA SER A 852 -17.06 -2.18 8.07
C SER A 852 -18.40 -1.46 8.12
N GLY A 853 -18.47 -0.36 8.87
CA GLY A 853 -19.71 0.41 8.90
C GLY A 853 -20.08 0.95 7.54
N LEU A 854 -19.11 1.51 6.82
CA LEU A 854 -19.42 2.05 5.49
C LEU A 854 -19.86 0.94 4.54
N VAL A 855 -19.17 -0.20 4.57
CA VAL A 855 -19.54 -1.31 3.68
C VAL A 855 -20.95 -1.79 4.00
N CYS A 856 -21.29 -1.89 5.28
CA CYS A 856 -22.64 -2.36 5.62
C CYS A 856 -23.69 -1.31 5.30
N LEU A 857 -23.31 -0.03 5.27
CA LEU A 857 -24.25 0.98 4.81
C LEU A 857 -24.48 0.87 3.30
N GLU A 858 -23.46 0.46 2.55
CA GLU A 858 -23.65 0.23 1.11
C GLU A 858 -24.41 -1.06 0.83
N LEU A 859 -24.32 -2.03 1.74
CA LEU A 859 -24.98 -3.31 1.52
C LEU A 859 -26.49 -3.15 1.43
N VAL A 860 -27.08 -2.29 2.27
CA VAL A 860 -28.52 -2.11 2.22
C VAL A 860 -28.93 -1.44 0.91
N LYS A 861 -28.10 -0.56 0.37
CA LYS A 861 -28.37 -0.04 -0.96
C LYS A 861 -28.36 -1.16 -1.99
N LEU A 862 -27.36 -2.05 -1.91
CA LEU A 862 -27.29 -3.14 -2.87
C LEU A 862 -28.51 -4.05 -2.79
N VAL A 863 -28.97 -4.34 -1.57
CA VAL A 863 -30.12 -5.23 -1.40
C VAL A 863 -31.36 -4.64 -2.07
N ASP A 864 -31.59 -3.34 -1.87
CA ASP A 864 -32.76 -2.70 -2.46
C ASP A 864 -32.70 -2.65 -3.98
N GLY A 865 -31.54 -2.92 -4.57
CA GLY A 865 -31.43 -2.95 -6.02
C GLY A 865 -31.63 -1.60 -6.69
N LYS A 866 -31.00 -0.56 -6.15
CA LYS A 866 -31.11 0.76 -6.76
C LYS A 866 -30.46 0.76 -8.13
N LYS A 867 -31.15 1.34 -9.11
CA LYS A 867 -30.72 1.31 -10.50
C LYS A 867 -30.04 2.58 -10.97
N LYS A 868 -29.88 3.57 -10.08
CA LYS A 868 -29.28 4.85 -10.45
C LYS A 868 -27.91 4.98 -9.80
N ILE A 869 -26.98 5.61 -10.52
CA ILE A 869 -25.60 5.70 -10.04
C ILE A 869 -25.38 6.84 -9.07
N GLU A 870 -26.32 7.76 -8.97
CA GLU A 870 -26.19 8.89 -8.04
C GLU A 870 -26.54 8.52 -6.61
N GLU A 871 -27.00 7.30 -6.37
CA GLU A 871 -27.39 6.87 -5.03
C GLU A 871 -26.31 6.08 -4.30
N TYR A 872 -25.33 5.54 -5.03
CA TYR A 872 -24.23 4.84 -4.40
C TYR A 872 -23.11 5.80 -4.06
N LYS A 873 -22.29 5.41 -3.09
CA LYS A 873 -21.18 6.25 -2.63
C LYS A 873 -19.96 5.39 -2.35
N ASN A 874 -18.82 5.82 -2.90
CA ASN A 874 -17.52 5.30 -2.54
C ASN A 874 -16.92 6.23 -1.50
N GLY A 875 -16.37 5.67 -0.44
CA GLY A 875 -15.93 6.45 0.71
C GLY A 875 -14.43 6.40 0.90
N PHE A 876 -13.85 7.53 1.30
CA PHE A 876 -12.45 7.60 1.70
C PHE A 876 -12.37 8.39 2.99
N PHE A 877 -11.44 8.02 3.86
CA PHE A 877 -11.33 8.75 5.12
C PHE A 877 -9.95 8.58 5.70
N ASN A 878 -9.54 9.58 6.48
CA ASN A 878 -8.31 9.56 7.26
C ASN A 878 -8.65 10.08 8.64
N LEU A 879 -8.57 9.21 9.65
CA LEU A 879 -8.98 9.60 10.99
C LEU A 879 -7.93 10.45 11.70
N ALA A 880 -6.67 10.42 11.25
CA ALA A 880 -5.65 11.21 11.92
C ALA A 880 -5.95 12.70 11.81
N ILE A 881 -6.44 13.15 10.66
CA ILE A 881 -6.77 14.54 10.44
C ILE A 881 -8.27 14.78 10.40
N GLY A 882 -9.08 13.76 10.67
CA GLY A 882 -10.53 13.93 10.66
C GLY A 882 -11.09 14.28 9.30
N LEU A 883 -10.64 13.59 8.26
CA LEU A 883 -11.08 13.86 6.89
C LEU A 883 -11.99 12.72 6.43
N PHE A 884 -13.15 13.10 5.88
CA PHE A 884 -14.07 12.14 5.27
C PHE A 884 -14.52 12.70 3.92
N THR A 885 -14.68 11.81 2.95
CA THR A 885 -15.14 12.23 1.63
C THR A 885 -15.85 11.08 0.96
N PHE A 886 -16.84 11.42 0.13
CA PHE A 886 -17.62 10.42 -0.59
C PHE A 886 -17.79 10.89 -2.03
N SER A 887 -17.85 9.93 -2.95
CA SER A 887 -17.95 10.24 -4.37
C SER A 887 -18.73 9.15 -5.08
N ASP A 888 -19.54 9.54 -6.05
CA ASP A 888 -20.31 8.56 -6.81
C ASP A 888 -19.37 7.65 -7.62
N PRO A 889 -19.76 6.41 -7.84
CA PRO A 889 -18.93 5.52 -8.68
C PRO A 889 -18.90 5.98 -10.13
N ILE A 890 -17.86 5.57 -10.83
CA ILE A 890 -17.70 5.89 -12.24
C ILE A 890 -18.50 4.90 -13.06
N ALA A 891 -19.34 5.43 -13.96
CA ALA A 891 -20.14 4.57 -14.81
C ALA A 891 -19.26 3.80 -15.78
N SER A 892 -19.68 2.58 -16.12
CA SER A 892 -18.91 1.77 -17.03
C SER A 892 -18.91 2.39 -18.43
N PRO A 893 -17.77 2.42 -19.12
CA PRO A 893 -17.74 3.03 -20.44
C PRO A 893 -18.56 2.26 -21.45
N LYS A 894 -19.11 2.99 -22.42
CA LYS A 894 -19.88 2.42 -23.51
C LYS A 894 -19.09 2.51 -24.80
N MET A 895 -19.53 1.77 -25.80
CA MET A 895 -18.91 1.84 -27.12
C MET A 895 -19.93 1.40 -28.16
N LYS A 896 -19.57 1.60 -29.42
CA LYS A 896 -20.41 1.24 -30.56
C LYS A 896 -19.76 0.08 -31.29
N VAL A 897 -20.49 -1.03 -31.43
CA VAL A 897 -20.04 -2.19 -32.18
C VAL A 897 -21.15 -2.58 -33.14
N ASN A 898 -20.84 -2.56 -34.43
CA ASN A 898 -21.81 -2.95 -35.47
C ASN A 898 -23.09 -2.16 -35.34
N GLY A 899 -22.96 -0.87 -35.03
CA GLY A 899 -24.14 -0.02 -34.88
C GLY A 899 -24.98 -0.34 -33.67
N LYS A 900 -24.40 -0.95 -32.64
CA LYS A 900 -25.12 -1.26 -31.41
C LYS A 900 -24.34 -0.76 -30.21
N GLU A 901 -25.07 -0.39 -29.17
CA GLU A 901 -24.45 0.07 -27.92
C GLU A 901 -24.00 -1.14 -27.11
N ILE A 902 -22.73 -1.15 -26.72
CA ILE A 902 -22.13 -2.26 -26.00
C ILE A 902 -21.43 -1.72 -24.76
N ASP A 903 -21.70 -2.33 -23.62
CA ASP A 903 -20.98 -2.01 -22.39
C ASP A 903 -19.59 -2.63 -22.46
N LYS A 904 -18.57 -1.85 -22.15
CA LYS A 904 -17.20 -2.32 -22.35
C LYS A 904 -16.82 -3.39 -21.34
N ILE A 905 -17.43 -3.40 -20.17
CA ILE A 905 -17.01 -4.26 -19.07
C ILE A 905 -17.97 -5.43 -18.87
N TRP A 906 -19.27 -5.17 -18.86
CA TRP A 906 -20.25 -6.16 -18.42
C TRP A 906 -20.90 -6.93 -19.56
N ASP A 907 -20.48 -6.72 -20.79
CA ASP A 907 -21.04 -7.43 -21.93
C ASP A 907 -20.11 -8.55 -22.38
N ARG A 908 -20.69 -9.58 -22.96
CA ARG A 908 -19.92 -10.72 -23.46
C ARG A 908 -20.70 -11.38 -24.60
N TYR A 909 -19.99 -12.21 -25.36
CA TYR A 909 -20.59 -13.01 -26.41
C TYR A 909 -20.79 -14.44 -25.89
N ASN A 910 -21.98 -14.98 -26.10
CA ASN A 910 -22.29 -16.35 -25.73
C ASN A 910 -22.34 -17.19 -26.99
N LEU A 911 -21.37 -18.08 -27.16
CA LEU A 911 -21.26 -18.92 -28.33
C LEU A 911 -21.20 -20.38 -27.92
N PRO A 912 -21.64 -21.29 -28.79
CA PRO A 912 -21.45 -22.72 -28.51
C PRO A 912 -20.00 -23.12 -28.73
N ASP A 913 -19.68 -24.34 -28.31
CA ASP A 913 -18.34 -24.89 -28.49
C ASP A 913 -18.18 -25.35 -29.95
N CYS A 914 -18.09 -24.37 -30.83
CA CYS A 914 -18.01 -24.60 -32.26
C CYS A 914 -16.57 -24.58 -32.74
N THR A 915 -16.39 -24.90 -34.02
CA THR A 915 -15.06 -24.94 -34.61
C THR A 915 -14.47 -23.54 -34.69
N LEU A 916 -13.15 -23.48 -34.76
CA LEU A 916 -12.48 -22.19 -34.92
C LEU A 916 -12.87 -21.53 -36.23
N GLN A 917 -12.91 -22.31 -37.32
CA GLN A 917 -13.36 -21.76 -38.59
C GLN A 917 -14.80 -21.28 -38.49
N GLU A 918 -15.65 -22.04 -37.79
CA GLU A 918 -17.03 -21.60 -37.61
C GLU A 918 -17.10 -20.32 -36.79
N LEU A 919 -16.23 -20.19 -35.79
CA LEU A 919 -16.20 -18.96 -35.00
C LEU A 919 -15.82 -17.77 -35.87
N ILE A 920 -14.79 -17.94 -36.70
CA ILE A 920 -14.37 -16.84 -37.57
C ILE A 920 -15.48 -16.48 -38.55
N ASP A 921 -16.13 -17.49 -39.13
CA ASP A 921 -17.22 -17.21 -40.05
C ASP A 921 -18.37 -16.52 -39.36
N TYR A 922 -18.69 -16.92 -38.12
CA TYR A 922 -19.76 -16.27 -37.39
C TYR A 922 -19.44 -14.80 -37.15
N PHE A 923 -18.21 -14.50 -36.73
CA PHE A 923 -17.84 -13.11 -36.50
C PHE A 923 -17.86 -12.31 -37.79
N GLN A 924 -17.39 -12.90 -38.89
CA GLN A 924 -17.41 -12.20 -40.16
C GLN A 924 -18.84 -11.92 -40.62
N LYS A 925 -19.74 -12.87 -40.39
CA LYS A 925 -21.09 -12.76 -40.94
C LYS A 925 -21.96 -11.84 -40.09
N GLU A 926 -22.01 -12.07 -38.77
CA GLU A 926 -22.90 -11.30 -37.91
C GLU A 926 -22.36 -9.90 -37.65
N GLU A 927 -21.19 -9.81 -37.02
CA GLU A 927 -20.62 -8.52 -36.64
C GLU A 927 -19.91 -7.82 -37.79
N GLY A 928 -19.61 -8.51 -38.89
CA GLY A 928 -18.89 -7.89 -39.96
C GLY A 928 -17.45 -7.55 -39.62
N LEU A 929 -16.86 -8.25 -38.66
CA LEU A 929 -15.50 -8.00 -38.21
C LEU A 929 -14.60 -9.17 -38.57
N GLU A 930 -13.35 -8.87 -38.89
CA GLU A 930 -12.36 -9.88 -39.21
C GLU A 930 -11.54 -10.17 -37.96
N VAL A 931 -11.52 -11.44 -37.56
CA VAL A 931 -10.76 -11.84 -36.37
C VAL A 931 -9.28 -11.85 -36.71
N THR A 932 -8.48 -11.21 -35.84
CA THR A 932 -7.04 -11.17 -36.02
C THR A 932 -6.27 -11.88 -34.92
N MET A 933 -6.79 -11.91 -33.69
CA MET A 933 -6.12 -12.59 -32.60
C MET A 933 -7.15 -13.16 -31.67
N LEU A 934 -6.90 -14.39 -31.19
CA LEU A 934 -7.80 -15.07 -30.28
C LEU A 934 -6.96 -15.84 -29.29
N SER A 935 -7.10 -15.50 -27.99
CA SER A 935 -6.25 -16.07 -26.96
C SER A 935 -7.10 -16.50 -25.78
N SER A 936 -6.63 -17.53 -25.08
CA SER A 936 -7.29 -18.04 -23.88
C SER A 936 -6.24 -18.20 -22.79
N GLY A 937 -6.49 -17.61 -21.63
CA GLY A 937 -5.54 -17.66 -20.54
C GLY A 937 -4.29 -16.86 -20.83
N VAL A 938 -3.17 -17.54 -21.04
CA VAL A 938 -1.91 -16.89 -21.38
C VAL A 938 -1.33 -17.52 -22.64
N SER A 939 -2.19 -18.13 -23.46
CA SER A 939 -1.77 -18.80 -24.68
C SER A 939 -2.42 -18.12 -25.88
N LEU A 940 -1.69 -18.07 -26.98
CA LEU A 940 -2.15 -17.46 -28.23
C LEU A 940 -2.74 -18.55 -29.11
N LEU A 941 -4.06 -18.73 -29.03
CA LEU A 941 -4.69 -19.82 -29.77
C LEU A 941 -4.61 -19.58 -31.27
N TYR A 942 -4.93 -18.37 -31.73
CA TYR A 942 -4.99 -18.08 -33.15
C TYR A 942 -4.48 -16.68 -33.41
N ALA A 943 -3.64 -16.53 -34.43
CA ALA A 943 -3.11 -15.23 -34.82
C ALA A 943 -3.12 -15.12 -36.34
N ASN A 944 -3.34 -13.89 -36.81
CA ASN A 944 -3.53 -13.69 -38.25
C ASN A 944 -2.22 -13.86 -39.03
N PHE A 945 -1.08 -13.64 -38.38
CA PHE A 945 0.21 -13.66 -39.06
C PHE A 945 0.88 -15.03 -39.02
N GLN A 946 0.23 -16.05 -38.47
CA GLN A 946 0.83 -17.36 -38.39
C GLN A 946 0.90 -18.01 -39.77
N PRO A 947 1.84 -18.94 -39.96
CA PRO A 947 1.98 -19.56 -41.29
C PRO A 947 0.72 -20.30 -41.68
N PRO A 948 0.40 -20.35 -42.97
CA PRO A 948 -0.86 -21.00 -43.39
C PRO A 948 -0.95 -22.47 -42.99
N LYS A 949 0.16 -23.20 -42.99
CA LYS A 949 0.11 -24.61 -42.64
C LYS A 949 -0.33 -24.80 -41.19
N LYS A 950 0.21 -23.99 -40.28
CA LYS A 950 -0.18 -24.10 -38.88
C LYS A 950 -1.66 -23.81 -38.69
N LEU A 951 -2.16 -22.76 -39.34
CA LEU A 951 -3.58 -22.44 -39.23
C LEU A 951 -4.44 -23.58 -39.78
N ALA A 952 -4.09 -24.08 -40.97
CA ALA A 952 -4.84 -25.19 -41.54
C ALA A 952 -4.84 -26.39 -40.62
N GLU A 953 -3.73 -26.60 -39.89
CA GLU A 953 -3.70 -27.65 -38.88
C GLU A 953 -4.67 -27.35 -37.74
N ARG A 954 -4.72 -26.09 -37.30
CA ARG A 954 -5.50 -25.72 -36.13
C ARG A 954 -6.91 -25.22 -36.45
N LEU A 955 -7.28 -25.13 -37.72
CA LEU A 955 -8.58 -24.54 -38.04
C LEU A 955 -9.74 -25.49 -37.77
N PRO A 956 -9.73 -26.73 -38.26
CA PRO A 956 -10.92 -27.59 -38.15
C PRO A 956 -11.14 -28.18 -36.78
N LEU A 957 -10.40 -27.76 -35.75
CA LEU A 957 -10.56 -28.29 -34.41
C LEU A 957 -11.53 -27.43 -33.61
N LYS A 958 -12.21 -28.06 -32.65
CA LYS A 958 -13.09 -27.32 -31.76
C LYS A 958 -12.27 -26.50 -30.78
N ILE A 959 -12.94 -25.53 -30.14
CA ILE A 959 -12.23 -24.63 -29.22
C ILE A 959 -11.65 -25.40 -28.05
N SER A 960 -12.42 -26.33 -27.48
CA SER A 960 -11.90 -27.09 -26.35
C SER A 960 -10.69 -27.92 -26.75
N GLU A 961 -10.77 -28.59 -27.89
CA GLU A 961 -9.63 -29.36 -28.36
C GLU A 961 -8.43 -28.47 -28.66
N LEU A 962 -8.68 -27.29 -29.23
CA LEU A 962 -7.60 -26.37 -29.51
C LEU A 962 -6.91 -25.92 -28.22
N VAL A 963 -7.70 -25.59 -27.20
CA VAL A 963 -7.12 -25.19 -25.92
C VAL A 963 -6.31 -26.33 -25.32
N GLU A 964 -6.85 -27.54 -25.36
CA GLU A 964 -6.14 -28.68 -24.82
C GLU A 964 -4.81 -28.89 -25.54
N GLN A 965 -4.81 -28.74 -26.86
CA GLN A 965 -3.58 -28.94 -27.62
C GLN A 965 -2.56 -27.85 -27.33
N ILE A 966 -3.00 -26.58 -27.30
CA ILE A 966 -2.05 -25.49 -27.11
C ILE A 966 -1.48 -25.50 -25.69
N THR A 967 -2.35 -25.65 -24.69
CA THR A 967 -1.90 -25.64 -23.31
C THR A 967 -1.30 -26.97 -22.88
N LYS A 968 -1.43 -28.02 -23.69
CA LYS A 968 -0.87 -29.33 -23.38
C LYS A 968 -1.33 -29.83 -22.02
N LYS A 969 -2.61 -29.63 -21.72
CA LYS A 969 -3.20 -30.13 -20.49
C LYS A 969 -4.71 -30.24 -20.69
N LYS A 970 -5.28 -31.35 -20.23
CA LYS A 970 -6.70 -31.59 -20.43
C LYS A 970 -7.53 -30.64 -19.60
N LEU A 971 -8.73 -30.32 -20.11
CA LEU A 971 -9.66 -29.49 -19.38
C LEU A 971 -10.22 -30.25 -18.19
N GLU A 972 -10.40 -29.54 -17.08
CA GLU A 972 -10.88 -30.18 -15.87
C GLU A 972 -12.33 -30.64 -16.06
N PRO A 973 -12.74 -31.70 -15.37
CA PRO A 973 -14.15 -32.14 -15.49
C PRO A 973 -15.15 -31.08 -15.09
N PHE A 974 -14.83 -30.23 -14.13
CA PHE A 974 -15.77 -29.23 -13.64
C PHE A 974 -15.80 -27.97 -14.50
N ARG A 975 -14.95 -27.86 -15.51
CA ARG A 975 -14.96 -26.70 -16.38
C ARG A 975 -16.27 -26.68 -17.17
N LYS A 976 -17.01 -25.58 -17.05
CA LYS A 976 -18.26 -25.42 -17.77
C LYS A 976 -18.24 -24.23 -18.73
N HIS A 977 -17.14 -23.49 -18.81
CA HIS A 977 -17.06 -22.37 -19.71
C HIS A 977 -15.60 -22.06 -20.00
N LEU A 978 -15.38 -21.31 -21.07
CA LEU A 978 -14.07 -20.80 -21.44
C LEU A 978 -14.18 -19.31 -21.72
N VAL A 979 -13.24 -18.54 -21.19
CA VAL A 979 -13.20 -17.09 -21.39
C VAL A 979 -12.11 -16.80 -22.40
N LEU A 980 -12.49 -16.33 -23.59
CA LEU A 980 -11.57 -16.05 -24.66
C LEU A 980 -11.52 -14.55 -24.92
N GLU A 981 -10.32 -14.03 -25.16
CA GLU A 981 -10.12 -12.64 -25.51
C GLU A 981 -9.79 -12.56 -27.00
N ILE A 982 -10.52 -11.70 -27.71
CA ILE A 982 -10.45 -11.62 -29.16
C ILE A 982 -10.18 -10.18 -29.57
N CYS A 983 -9.21 -10.00 -30.46
CA CYS A 983 -8.95 -8.72 -31.10
C CYS A 983 -9.26 -8.86 -32.58
N CYS A 984 -10.11 -7.96 -33.09
CA CYS A 984 -10.59 -8.05 -34.47
C CYS A 984 -10.57 -6.68 -35.12
N ASP A 985 -10.51 -6.68 -36.45
CA ASP A 985 -10.52 -5.46 -37.24
C ASP A 985 -11.81 -5.39 -38.07
N ASP A 986 -12.22 -4.16 -38.38
CA ASP A 986 -13.43 -3.95 -39.17
C ASP A 986 -13.09 -4.08 -40.66
N ALA A 987 -14.06 -3.76 -41.52
CA ALA A 987 -13.86 -3.89 -42.95
C ALA A 987 -12.81 -2.90 -43.47
N ASN A 988 -12.79 -1.69 -42.90
CA ASN A 988 -11.86 -0.67 -43.35
C ASN A 988 -10.44 -0.89 -42.85
N GLY A 989 -10.23 -1.81 -41.92
CA GLY A 989 -8.91 -2.04 -41.35
C GLY A 989 -8.64 -1.29 -40.07
N GLU A 990 -9.64 -0.65 -39.48
CA GLU A 990 -9.47 0.09 -38.24
C GLU A 990 -9.81 -0.81 -37.06
N ASP A 991 -8.91 -0.88 -36.08
CA ASP A 991 -9.09 -1.76 -34.93
C ASP A 991 -10.29 -1.31 -34.11
N VAL A 992 -11.14 -2.26 -33.74
CA VAL A 992 -12.32 -2.01 -32.93
C VAL A 992 -12.31 -3.00 -31.76
N GLU A 993 -12.53 -2.49 -30.55
CA GLU A 993 -12.57 -3.33 -29.37
C GLU A 993 -13.91 -4.03 -29.25
N VAL A 994 -13.88 -5.29 -28.84
CA VAL A 994 -15.10 -6.07 -28.66
C VAL A 994 -15.04 -6.77 -27.29
N PRO A 995 -16.17 -7.08 -26.69
CA PRO A 995 -16.15 -7.80 -25.41
C PRO A 995 -15.69 -9.24 -25.59
N PHE A 996 -15.27 -9.83 -24.49
CA PHE A 996 -14.73 -11.19 -24.52
C PHE A 996 -15.82 -12.19 -24.88
N ILE A 997 -15.39 -13.42 -25.15
CA ILE A 997 -16.27 -14.49 -25.57
C ILE A 997 -16.36 -15.51 -24.45
N CYS A 998 -17.58 -15.97 -24.18
CA CYS A 998 -17.86 -16.96 -23.14
C CYS A 998 -18.31 -18.24 -23.82
N ILE A 999 -17.34 -19.07 -24.22
CA ILE A 999 -17.66 -20.35 -24.87
C ILE A 999 -18.28 -21.27 -23.84
N LYS A 1000 -19.42 -21.87 -24.19
CA LYS A 1000 -20.11 -22.82 -23.33
C LYS A 1000 -19.71 -24.23 -23.73
N LEU A 1001 -19.02 -24.92 -22.84
CA LEU A 1001 -18.54 -26.27 -23.10
C LEU A 1001 -19.68 -27.29 -22.98
N MET B 1 -8.05 32.41 -11.75
CA MET B 1 -8.73 31.42 -10.87
C MET B 1 -7.71 30.57 -10.13
N GLN B 2 -7.92 30.43 -8.82
CA GLN B 2 -7.03 29.66 -7.95
C GLN B 2 -7.86 28.62 -7.21
N ILE B 3 -7.36 27.38 -7.18
CA ILE B 3 -8.06 26.29 -6.53
C ILE B 3 -7.11 25.57 -5.58
N PHE B 4 -7.69 24.84 -4.63
CA PHE B 4 -6.93 24.11 -3.63
C PHE B 4 -7.26 22.63 -3.72
N VAL B 5 -6.22 21.81 -3.58
CA VAL B 5 -6.36 20.35 -3.60
C VAL B 5 -5.77 19.83 -2.30
N LYS B 6 -6.58 19.08 -1.55
CA LYS B 6 -6.15 18.52 -0.27
C LYS B 6 -5.93 17.03 -0.43
N THR B 7 -4.75 16.57 -0.04
CA THR B 7 -4.42 15.16 -0.16
C THR B 7 -5.03 14.38 1.00
N LEU B 8 -5.10 13.06 0.84
CA LEU B 8 -5.58 12.21 1.92
C LEU B 8 -4.63 12.18 3.11
N THR B 9 -3.37 12.58 2.91
CA THR B 9 -2.39 12.62 3.98
C THR B 9 -2.29 13.97 4.67
N GLY B 10 -3.13 14.94 4.28
CA GLY B 10 -3.18 16.23 4.94
C GLY B 10 -2.48 17.36 4.20
N LYS B 11 -1.71 17.05 3.16
CA LYS B 11 -1.01 18.09 2.43
C LYS B 11 -1.98 18.91 1.58
N THR B 12 -1.66 20.18 1.42
CA THR B 12 -2.47 21.11 0.64
C THR B 12 -1.64 21.66 -0.52
N ILE B 13 -2.28 21.77 -1.69
CA ILE B 13 -1.63 22.21 -2.91
C ILE B 13 -2.48 23.31 -3.53
N THR B 14 -1.83 24.36 -4.02
CA THR B 14 -2.51 25.48 -4.66
C THR B 14 -2.22 25.42 -6.16
N LEU B 15 -3.28 25.50 -6.96
CA LEU B 15 -3.17 25.43 -8.41
C LEU B 15 -3.78 26.69 -9.04
N GLU B 16 -3.10 27.21 -10.06
CA GLU B 16 -3.57 28.34 -10.84
C GLU B 16 -4.12 27.79 -12.16
N VAL B 17 -5.43 27.87 -12.34
CA VAL B 17 -6.10 27.32 -13.51
C VAL B 17 -7.09 28.35 -14.04
N GLU B 18 -7.81 27.96 -15.09
CA GLU B 18 -8.88 28.76 -15.67
C GLU B 18 -10.10 27.88 -15.89
N SER B 19 -11.25 28.53 -16.00
CA SER B 19 -12.51 27.79 -16.09
C SER B 19 -12.52 26.85 -17.30
N SER B 20 -11.88 27.24 -18.39
CA SER B 20 -11.92 26.44 -19.61
C SER B 20 -10.96 25.26 -19.60
N ASP B 21 -10.09 25.15 -18.60
CA ASP B 21 -9.12 24.07 -18.55
C ASP B 21 -9.82 22.72 -18.40
N THR B 22 -9.26 21.70 -19.04
CA THR B 22 -9.78 20.35 -18.93
C THR B 22 -9.18 19.65 -17.71
N ILE B 23 -9.78 18.52 -17.35
CA ILE B 23 -9.29 17.77 -16.19
C ILE B 23 -7.89 17.26 -16.44
N ASP B 24 -7.54 17.01 -17.71
CA ASP B 24 -6.20 16.50 -18.02
C ASP B 24 -5.13 17.52 -17.67
N ASN B 25 -5.39 18.81 -17.93
CA ASN B 25 -4.43 19.84 -17.56
C ASN B 25 -4.26 19.91 -16.04
N VAL B 26 -5.36 19.78 -15.30
CA VAL B 26 -5.26 19.81 -13.84
C VAL B 26 -4.44 18.62 -13.35
N LYS B 27 -4.68 17.44 -13.92
CA LYS B 27 -3.91 16.27 -13.53
C LYS B 27 -2.44 16.44 -13.87
N SER B 28 -2.14 17.07 -15.01
CA SER B 28 -0.74 17.31 -15.37
C SER B 28 -0.09 18.26 -14.38
N LYS B 29 -0.82 19.32 -13.97
CA LYS B 29 -0.26 20.24 -12.98
C LYS B 29 -0.01 19.54 -11.66
N ILE B 30 -0.94 18.67 -11.25
CA ILE B 30 -0.75 17.93 -10.00
C ILE B 30 0.46 17.01 -10.11
N GLN B 31 0.64 16.38 -11.27
CA GLN B 31 1.82 15.55 -11.48
C GLN B 31 3.09 16.38 -11.39
N ASP B 32 3.07 17.58 -11.98
CA ASP B 32 4.26 18.43 -11.93
C ASP B 32 4.59 18.82 -10.49
N LYS B 33 3.58 19.13 -9.69
CA LYS B 33 3.82 19.55 -8.32
C LYS B 33 4.01 18.39 -7.34
N GLU B 34 3.69 17.16 -7.75
CA GLU B 34 3.77 16.01 -6.84
C GLU B 34 4.44 14.78 -7.42
N GLY B 35 4.51 14.64 -8.74
CA GLY B 35 5.08 13.46 -9.35
C GLY B 35 4.15 12.28 -9.48
N ILE B 36 2.87 12.44 -9.14
CA ILE B 36 1.89 11.36 -9.24
C ILE B 36 1.41 11.28 -10.69
N PRO B 37 1.54 10.14 -11.35
CA PRO B 37 1.08 10.05 -12.74
C PRO B 37 -0.41 10.32 -12.83
N PRO B 38 -0.86 10.95 -13.92
CA PRO B 38 -2.30 11.27 -14.02
C PRO B 38 -3.21 10.07 -13.92
N ASP B 39 -2.77 8.89 -14.40
CA ASP B 39 -3.64 7.73 -14.37
C ASP B 39 -3.90 7.22 -12.96
N GLN B 40 -3.08 7.63 -11.98
CA GLN B 40 -3.21 7.16 -10.62
C GLN B 40 -3.83 8.20 -9.69
N GLN B 41 -4.33 9.30 -10.23
CA GLN B 41 -4.89 10.39 -9.42
C GLN B 41 -6.40 10.27 -9.38
N ARG B 42 -6.97 10.43 -8.19
CA ARG B 42 -8.40 10.39 -7.97
C ARG B 42 -8.83 11.71 -7.35
N LEU B 43 -9.46 12.56 -8.14
CA LEU B 43 -9.92 13.87 -7.68
C LEU B 43 -11.41 13.83 -7.43
N ILE B 44 -11.83 14.37 -6.29
CA ILE B 44 -13.24 14.40 -5.91
C ILE B 44 -13.61 15.86 -5.61
N PHE B 45 -14.74 16.29 -6.15
CA PHE B 45 -15.28 17.62 -5.87
C PHE B 45 -16.79 17.51 -5.70
N ALA B 46 -17.29 17.94 -4.55
CA ALA B 46 -18.72 18.00 -4.28
C ALA B 46 -19.39 16.65 -4.56
N GLY B 47 -18.73 15.58 -4.14
CA GLY B 47 -19.31 14.26 -4.29
C GLY B 47 -19.21 13.65 -5.67
N LYS B 48 -18.54 14.32 -6.61
CA LYS B 48 -18.37 13.83 -7.97
C LYS B 48 -16.89 13.59 -8.22
N GLN B 49 -16.56 12.42 -8.74
CA GLN B 49 -15.18 12.10 -9.11
C GLN B 49 -14.91 12.63 -10.51
N LEU B 50 -13.89 13.46 -10.64
CA LEU B 50 -13.60 14.08 -11.92
C LEU B 50 -13.10 13.04 -12.92
N GLU B 51 -13.60 13.13 -14.15
CA GLU B 51 -13.28 12.18 -15.21
C GLU B 51 -12.57 12.89 -16.34
N ASP B 52 -11.63 12.20 -16.98
CA ASP B 52 -10.88 12.77 -18.09
C ASP B 52 -11.81 13.04 -19.27
N GLY B 53 -11.49 14.09 -20.02
CA GLY B 53 -12.23 14.46 -21.21
C GLY B 53 -13.22 15.58 -21.03
N ARG B 54 -13.51 15.98 -19.79
CA ARG B 54 -14.46 17.04 -19.51
C ARG B 54 -13.74 18.28 -18.99
N THR B 55 -14.44 19.40 -19.00
CA THR B 55 -13.89 20.67 -18.58
C THR B 55 -14.32 20.98 -17.13
N LEU B 56 -13.67 21.98 -16.55
CA LEU B 56 -14.01 22.38 -15.19
C LEU B 56 -15.42 22.94 -15.11
N SER B 57 -15.81 23.74 -16.11
CA SER B 57 -17.14 24.32 -16.11
C SER B 57 -18.24 23.26 -16.11
N ASP B 58 -17.93 22.04 -16.56
CA ASP B 58 -18.92 20.97 -16.53
C ASP B 58 -19.27 20.58 -15.09
N TYR B 59 -18.31 20.70 -14.16
CA TYR B 59 -18.53 20.40 -12.77
C TYR B 59 -18.84 21.64 -11.94
N ASN B 60 -19.01 22.79 -12.57
CA ASN B 60 -19.30 24.04 -11.88
C ASN B 60 -18.24 24.36 -10.83
N ILE B 61 -16.98 24.12 -11.19
CA ILE B 61 -15.87 24.45 -10.32
C ILE B 61 -15.51 25.91 -10.53
N GLN B 62 -15.51 26.69 -9.45
CA GLN B 62 -15.24 28.11 -9.49
C GLN B 62 -13.99 28.41 -8.66
N LYS B 63 -13.71 29.70 -8.50
CA LYS B 63 -12.52 30.12 -7.76
C LYS B 63 -12.65 29.75 -6.28
N GLU B 64 -11.50 29.44 -5.68
CA GLU B 64 -11.42 29.02 -4.27
C GLU B 64 -12.20 27.73 -4.02
N SER B 65 -12.37 26.90 -5.04
CA SER B 65 -12.97 25.60 -4.86
C SER B 65 -11.96 24.64 -4.23
N THR B 66 -12.49 23.65 -3.52
CA THR B 66 -11.66 22.67 -2.83
C THR B 66 -11.90 21.30 -3.45
N LEU B 67 -10.82 20.64 -3.85
CA LEU B 67 -10.86 19.28 -4.35
C LEU B 67 -10.10 18.37 -3.39
N HIS B 68 -10.43 17.08 -3.42
CA HIS B 68 -9.76 16.08 -2.60
C HIS B 68 -9.04 15.09 -3.50
N LEU B 69 -7.77 14.88 -3.23
CA LEU B 69 -6.96 13.89 -3.95
C LEU B 69 -6.84 12.67 -3.05
N VAL B 70 -7.43 11.55 -3.49
CA VAL B 70 -7.55 10.36 -2.67
C VAL B 70 -6.87 9.19 -3.38
N LEU B 71 -6.76 8.08 -2.66
CA LEU B 71 -6.18 6.87 -3.22
C LEU B 71 -6.71 5.67 -2.46
N ARG B 72 -6.61 4.51 -3.10
CA ARG B 72 -7.05 3.26 -2.49
C ARG B 72 -5.93 2.63 -1.68
N LEU B 73 -6.32 1.82 -0.71
CA LEU B 73 -5.39 1.22 0.24
C LEU B 73 -5.50 -0.31 0.16
N ARG B 74 -4.34 -0.98 0.21
CA ARG B 74 -4.28 -2.41 -0.02
C ARG B 74 -4.43 -3.24 1.24
N GLY B 75 -4.24 -2.66 2.40
CA GLY B 75 -4.34 -3.41 3.65
C GLY B 75 -5.78 -3.73 3.99
N GLY B 76 -5.95 -4.35 5.16
CA GLY B 76 -7.27 -4.68 5.65
C GLY B 76 -7.39 -6.07 6.24
N ALA C 2 -3.36 -6.09 -21.07
CA ALA C 2 -2.32 -7.09 -20.92
C ALA C 2 -2.16 -7.90 -22.20
N LEU C 3 -3.06 -8.88 -22.39
CA LEU C 3 -2.98 -9.73 -23.57
C LEU C 3 -3.13 -8.91 -24.85
N LYS C 4 -4.06 -7.96 -24.86
CA LYS C 4 -4.26 -7.14 -26.05
C LYS C 4 -3.04 -6.28 -26.34
N ARG C 5 -2.43 -5.71 -25.30
CA ARG C 5 -1.22 -4.91 -25.49
C ARG C 5 -0.09 -5.76 -26.02
N ILE C 6 0.11 -6.96 -25.46
CA ILE C 6 1.17 -7.83 -25.92
C ILE C 6 0.95 -8.22 -27.37
N ASN C 7 -0.29 -8.57 -27.73
CA ASN C 7 -0.58 -8.92 -29.11
C ASN C 7 -0.35 -7.74 -30.04
N ARG C 8 -0.72 -6.53 -29.61
CA ARG C 8 -0.48 -5.36 -30.43
C ARG C 8 1.00 -5.18 -30.69
N GLU C 9 1.83 -5.30 -29.65
CA GLU C 9 3.27 -5.13 -29.81
C GLU C 9 3.85 -6.23 -30.71
N LEU C 10 3.38 -7.47 -30.53
CA LEU C 10 3.88 -8.56 -31.36
C LEU C 10 3.52 -8.33 -32.83
N ALA C 11 2.29 -7.90 -33.10
CA ALA C 11 1.89 -7.61 -34.47
C ALA C 11 2.72 -6.48 -35.05
N ASP C 12 2.97 -5.43 -34.25
CA ASP C 12 3.78 -4.32 -34.72
C ASP C 12 5.19 -4.79 -35.08
N LEU C 13 5.78 -5.64 -34.23
CA LEU C 13 7.10 -6.18 -34.55
C LEU C 13 7.04 -7.01 -35.83
N GLY C 14 5.96 -7.77 -36.02
CA GLY C 14 5.85 -8.58 -37.22
C GLY C 14 5.76 -7.75 -38.50
N LYS C 15 5.12 -6.59 -38.43
CA LYS C 15 4.92 -5.79 -39.64
C LYS C 15 6.24 -5.34 -40.25
N ASP C 16 7.09 -4.72 -39.44
CA ASP C 16 8.39 -4.22 -39.91
C ASP C 16 9.51 -4.97 -39.21
N PRO C 17 10.28 -5.81 -39.91
CA PRO C 17 11.40 -6.50 -39.27
C PRO C 17 12.41 -5.50 -38.74
N PRO C 18 12.73 -5.57 -37.44
CA PRO C 18 13.69 -4.60 -36.88
C PRO C 18 15.05 -4.67 -37.53
N SER C 19 15.46 -5.84 -38.04
CA SER C 19 16.75 -6.09 -38.68
C SER C 19 17.91 -6.08 -37.70
N SER C 20 17.66 -5.77 -36.42
CA SER C 20 18.69 -5.85 -35.40
C SER C 20 18.20 -6.57 -34.14
N SER C 21 16.93 -6.98 -34.11
CA SER C 21 16.37 -7.68 -32.96
C SER C 21 15.27 -8.60 -33.46
N SER C 22 14.98 -9.63 -32.66
CA SER C 22 13.92 -10.58 -33.02
C SER C 22 13.35 -11.14 -31.71
N ALA C 23 12.19 -10.62 -31.31
CA ALA C 23 11.52 -11.05 -30.09
C ALA C 23 10.22 -11.76 -30.46
N GLY C 24 9.98 -12.89 -29.80
CA GLY C 24 8.76 -13.64 -30.01
C GLY C 24 8.43 -14.52 -28.82
N PRO C 25 7.16 -14.84 -28.63
CA PRO C 25 6.80 -15.69 -27.48
C PRO C 25 7.47 -17.05 -27.57
N VAL C 26 7.85 -17.58 -26.41
CA VAL C 26 8.40 -18.93 -26.34
C VAL C 26 7.23 -19.91 -26.29
N GLY C 27 7.31 -20.96 -27.11
CA GLY C 27 6.20 -21.88 -27.24
C GLY C 27 4.97 -21.15 -27.68
N ASP C 28 4.01 -21.01 -26.77
CA ASP C 28 2.81 -20.19 -27.01
C ASP C 28 2.51 -19.26 -25.85
N ASP C 29 3.46 -19.06 -24.95
CA ASP C 29 3.22 -18.21 -23.78
C ASP C 29 3.45 -16.75 -24.15
N LEU C 30 2.39 -15.95 -24.10
CA LEU C 30 2.51 -14.55 -24.51
C LEU C 30 3.29 -13.73 -23.49
N PHE C 31 3.27 -14.14 -22.23
CA PHE C 31 3.93 -13.37 -21.18
C PHE C 31 5.41 -13.73 -21.01
N HIS C 32 5.91 -14.68 -21.79
CA HIS C 32 7.31 -15.08 -21.73
C HIS C 32 7.87 -15.05 -23.14
N TRP C 33 8.88 -14.20 -23.36
CA TRP C 33 9.46 -14.02 -24.69
C TRP C 33 10.95 -14.33 -24.66
N GLN C 34 11.47 -14.78 -25.80
CA GLN C 34 12.89 -14.94 -26.03
C GLN C 34 13.30 -13.99 -27.15
N ALA C 35 14.29 -13.14 -26.88
CA ALA C 35 14.73 -12.14 -27.84
C ALA C 35 16.19 -12.36 -28.19
N THR C 36 16.56 -11.88 -29.37
CA THR C 36 17.93 -12.00 -29.86
C THR C 36 18.46 -10.62 -30.21
N ILE C 37 19.67 -10.33 -29.78
CA ILE C 37 20.33 -9.05 -30.04
C ILE C 37 21.65 -9.32 -30.73
N MET C 38 21.92 -8.59 -31.81
CA MET C 38 23.19 -8.67 -32.52
C MET C 38 24.13 -7.60 -31.98
N GLY C 39 25.36 -8.00 -31.69
CA GLY C 39 26.35 -7.09 -31.16
C GLY C 39 26.63 -5.94 -32.10
N PRO C 40 26.74 -4.71 -31.57
CA PRO C 40 27.02 -3.57 -32.44
C PRO C 40 28.32 -3.74 -33.20
N ALA C 41 28.34 -3.23 -34.44
CA ALA C 41 29.52 -3.35 -35.28
C ALA C 41 30.71 -2.60 -34.67
N ASP C 42 30.48 -1.38 -34.20
CA ASP C 42 31.54 -0.55 -33.62
C ASP C 42 31.59 -0.74 -32.10
N SER C 43 31.88 -1.96 -31.70
CA SER C 43 31.93 -2.31 -30.28
C SER C 43 32.76 -3.58 -30.14
N PRO C 44 33.27 -3.86 -28.94
CA PRO C 44 33.98 -5.14 -28.74
C PRO C 44 33.10 -6.34 -29.00
N TYR C 45 31.79 -6.20 -28.83
CA TYR C 45 30.85 -7.31 -28.98
C TYR C 45 30.41 -7.51 -30.43
N ALA C 46 31.14 -6.94 -31.39
CA ALA C 46 30.74 -7.07 -32.79
C ALA C 46 30.74 -8.53 -33.21
N GLY C 47 29.81 -8.87 -34.09
CA GLY C 47 29.68 -10.24 -34.55
C GLY C 47 29.28 -11.22 -33.47
N GLY C 48 28.33 -10.84 -32.63
CA GLY C 48 27.87 -11.70 -31.56
C GLY C 48 26.36 -11.71 -31.47
N VAL C 49 25.83 -12.84 -31.04
CA VAL C 49 24.40 -13.05 -30.89
C VAL C 49 24.12 -13.35 -29.42
N PHE C 50 23.30 -12.52 -28.79
CA PHE C 50 22.98 -12.64 -27.37
C PHE C 50 21.49 -12.91 -27.21
N PHE C 51 21.16 -13.92 -26.41
CA PHE C 51 19.78 -14.31 -26.17
C PHE C 51 19.32 -13.76 -24.82
N LEU C 52 18.13 -13.16 -24.81
CA LEU C 52 17.57 -12.56 -23.62
C LEU C 52 16.21 -13.19 -23.34
N SER C 53 15.88 -13.28 -22.06
CA SER C 53 14.58 -13.76 -21.61
C SER C 53 13.79 -12.60 -21.04
N ILE C 54 12.57 -12.43 -21.51
CA ILE C 54 11.73 -11.28 -21.18
C ILE C 54 10.45 -11.82 -20.55
N HIS C 55 10.35 -11.74 -19.23
CA HIS C 55 9.12 -12.07 -18.53
C HIS C 55 8.25 -10.82 -18.42
N PHE C 56 6.99 -10.95 -18.81
CA PHE C 56 6.12 -9.79 -18.92
C PHE C 56 5.31 -9.59 -17.65
N PRO C 57 4.98 -8.34 -17.32
CA PRO C 57 4.18 -8.08 -16.11
C PRO C 57 2.70 -8.04 -16.43
N THR C 58 1.91 -8.47 -15.45
CA THR C 58 0.46 -8.53 -15.63
C THR C 58 -0.12 -7.15 -15.89
N ASP C 59 0.43 -6.12 -15.25
CA ASP C 59 -0.07 -4.76 -15.39
C ASP C 59 0.46 -4.05 -16.62
N TYR C 60 1.28 -4.72 -17.43
CA TYR C 60 1.81 -4.15 -18.67
C TYR C 60 0.69 -3.45 -19.44
N PRO C 61 0.93 -2.24 -19.99
CA PRO C 61 2.19 -1.51 -20.07
C PRO C 61 2.52 -0.72 -18.81
N PHE C 62 1.64 -0.72 -17.80
CA PHE C 62 1.83 0.14 -16.64
C PHE C 62 3.09 -0.23 -15.88
N LYS C 63 3.24 -1.51 -15.55
CA LYS C 63 4.45 -1.97 -14.87
C LYS C 63 5.53 -2.31 -15.90
N PRO C 64 6.79 -2.32 -15.49
CA PRO C 64 7.88 -2.57 -16.44
C PRO C 64 8.08 -4.06 -16.68
N PRO C 65 8.63 -4.45 -17.83
CA PRO C 65 8.98 -5.86 -18.05
C PRO C 65 10.14 -6.31 -17.19
N LYS C 66 10.54 -7.58 -17.34
CA LYS C 66 11.67 -8.14 -16.59
C LYS C 66 12.59 -8.83 -17.59
N VAL C 67 13.65 -8.14 -17.99
CA VAL C 67 14.60 -8.64 -18.99
C VAL C 67 15.81 -9.19 -18.27
N ASN C 68 16.34 -10.32 -18.79
CA ASN C 68 17.54 -10.91 -18.25
C ASN C 68 18.39 -11.48 -19.38
N PHE C 69 19.69 -11.20 -19.35
CA PHE C 69 20.60 -11.82 -20.30
C PHE C 69 20.74 -13.30 -20.03
N THR C 70 20.84 -14.09 -21.08
CA THR C 70 21.12 -15.52 -20.98
C THR C 70 22.53 -15.87 -21.41
N THR C 71 23.03 -15.26 -22.47
CA THR C 71 24.40 -15.46 -22.91
C THR C 71 25.36 -14.70 -22.00
N ARG C 72 26.48 -15.34 -21.67
CA ARG C 72 27.48 -14.69 -20.83
C ARG C 72 28.09 -13.51 -21.57
N ILE C 73 28.19 -12.38 -20.89
CA ILE C 73 28.73 -11.16 -21.49
C ILE C 73 29.63 -10.48 -20.47
N TYR C 74 30.75 -9.93 -20.95
CA TYR C 74 31.74 -9.28 -20.10
C TYR C 74 31.51 -7.77 -20.18
N HIS C 75 30.54 -7.30 -19.40
CA HIS C 75 30.12 -5.91 -19.45
C HIS C 75 30.08 -5.33 -18.05
N PRO C 76 30.50 -4.07 -17.87
CA PRO C 76 30.50 -3.48 -16.52
C PRO C 76 29.13 -3.43 -15.88
N ASN C 77 28.07 -3.27 -16.65
CA ASN C 77 26.72 -3.10 -16.11
C ASN C 77 25.89 -4.38 -16.13
N ILE C 78 26.51 -5.52 -16.43
CA ILE C 78 25.82 -6.80 -16.43
C ILE C 78 26.61 -7.77 -15.58
N ASN C 79 25.94 -8.41 -14.61
CA ASN C 79 26.58 -9.34 -13.71
C ASN C 79 26.45 -10.76 -14.25
N SER C 80 26.87 -11.75 -13.46
CA SER C 80 26.87 -13.13 -13.94
C SER C 80 25.47 -13.71 -14.06
N ASN C 81 24.49 -13.15 -13.36
CA ASN C 81 23.12 -13.65 -13.42
C ASN C 81 22.34 -13.08 -14.60
N GLY C 82 22.96 -12.25 -15.42
CA GLY C 82 22.27 -11.66 -16.55
C GLY C 82 21.49 -10.40 -16.24
N SER C 83 21.50 -9.95 -14.99
CA SER C 83 20.79 -8.72 -14.65
C SER C 83 21.37 -7.54 -15.42
N ILE C 84 20.50 -6.59 -15.76
CA ILE C 84 20.87 -5.43 -16.56
C ILE C 84 20.65 -4.18 -15.72
N CYS C 85 21.69 -3.34 -15.63
CA CYS C 85 21.56 -2.02 -15.01
C CYS C 85 21.13 -1.06 -16.10
N LEU C 86 19.83 -0.90 -16.26
CA LEU C 86 19.26 -0.05 -17.29
C LEU C 86 18.27 0.91 -16.66
N ASP C 87 18.03 2.03 -17.35
CA ASP C 87 17.15 3.09 -16.88
C ASP C 87 15.75 3.01 -17.47
N ILE C 88 15.63 2.70 -18.75
CA ILE C 88 14.32 2.59 -19.41
C ILE C 88 13.72 1.23 -19.07
N LEU C 89 14.39 0.48 -18.20
CA LEU C 89 13.83 -0.69 -17.55
C LEU C 89 13.42 -0.38 -16.11
N ARG C 90 13.34 0.90 -15.76
CA ARG C 90 13.18 1.33 -14.38
C ARG C 90 12.40 2.64 -14.39
N ASP C 91 12.47 3.38 -13.28
CA ASP C 91 11.71 4.61 -13.08
C ASP C 91 11.58 5.45 -14.36
N GLN C 92 12.65 5.53 -15.15
CA GLN C 92 12.59 6.30 -16.39
C GLN C 92 11.53 5.75 -17.34
N TRP C 93 11.18 4.47 -17.21
CA TRP C 93 10.20 3.85 -18.07
C TRP C 93 8.78 4.10 -17.55
N SER C 94 7.86 4.34 -18.48
CA SER C 94 6.45 4.51 -18.19
C SER C 94 5.68 3.90 -19.37
N PRO C 95 4.38 3.65 -19.20
CA PRO C 95 3.63 3.04 -20.29
C PRO C 95 3.49 3.97 -21.49
N ALA C 96 4.62 4.24 -22.13
CA ALA C 96 4.66 4.99 -23.38
C ALA C 96 5.56 4.37 -24.44
N LEU C 97 6.49 3.51 -24.06
CA LEU C 97 7.40 2.84 -24.98
C LEU C 97 7.08 1.36 -25.04
N THR C 98 7.74 0.67 -25.98
CA THR C 98 7.45 -0.73 -26.26
C THR C 98 8.74 -1.54 -26.23
N ILE C 99 8.59 -2.86 -26.34
CA ILE C 99 9.72 -3.76 -26.20
C ILE C 99 10.80 -3.48 -27.24
N SER C 100 10.41 -2.98 -28.42
CA SER C 100 11.41 -2.63 -29.42
C SER C 100 12.35 -1.56 -28.88
N LYS C 101 11.80 -0.58 -28.17
CA LYS C 101 12.64 0.44 -27.54
C LYS C 101 13.59 -0.18 -26.55
N VAL C 102 13.11 -1.14 -25.75
CA VAL C 102 13.96 -1.79 -24.76
C VAL C 102 15.10 -2.53 -25.44
N LEU C 103 14.81 -3.26 -26.51
CA LEU C 103 15.85 -4.00 -27.20
C LEU C 103 16.90 -3.04 -27.79
N LEU C 104 16.45 -1.95 -28.39
CA LEU C 104 17.40 -0.96 -28.90
C LEU C 104 18.23 -0.37 -27.77
N SER C 105 17.60 -0.13 -26.62
CA SER C 105 18.33 0.43 -25.49
C SER C 105 19.40 -0.53 -24.99
N ILE C 106 19.07 -1.82 -24.92
CA ILE C 106 20.06 -2.80 -24.49
C ILE C 106 21.19 -2.90 -25.50
N SER C 107 20.86 -2.78 -26.79
CA SER C 107 21.91 -2.75 -27.80
C SER C 107 22.83 -1.56 -27.60
N SER C 108 22.25 -0.39 -27.29
CA SER C 108 23.06 0.80 -27.04
C SER C 108 23.95 0.60 -25.82
N LEU C 109 23.37 0.11 -24.72
CA LEU C 109 24.17 -0.16 -23.53
C LEU C 109 25.31 -1.13 -23.83
N LEU C 110 25.09 -2.07 -24.74
CA LEU C 110 26.19 -2.89 -25.23
C LEU C 110 27.21 -2.04 -25.99
N THR C 111 26.72 -1.03 -26.72
CA THR C 111 27.62 -0.24 -27.56
C THR C 111 28.59 0.59 -26.72
N ASP C 112 28.14 1.12 -25.58
CA ASP C 112 29.03 1.95 -24.76
C ASP C 112 28.72 1.80 -23.27
N PRO C 113 29.55 1.08 -22.52
CA PRO C 113 29.27 0.88 -21.10
C PRO C 113 29.42 2.17 -20.29
N ASN C 114 28.81 2.18 -19.11
CA ASN C 114 28.88 3.30 -18.18
C ASN C 114 29.54 2.85 -16.89
N PRO C 115 30.84 3.12 -16.70
CA PRO C 115 31.51 2.66 -15.47
C PRO C 115 31.35 3.57 -14.28
N ASP C 116 30.77 4.76 -14.45
CA ASP C 116 30.65 5.68 -13.32
C ASP C 116 29.71 5.15 -12.26
N ASP C 117 28.70 4.38 -12.66
CA ASP C 117 27.75 3.75 -11.73
C ASP C 117 27.69 2.26 -12.09
N PRO C 118 28.72 1.51 -11.74
CA PRO C 118 28.84 0.14 -12.25
C PRO C 118 27.98 -0.85 -11.47
N LEU C 119 27.85 -2.04 -12.06
CA LEU C 119 27.26 -3.18 -11.40
C LEU C 119 28.25 -4.29 -11.11
N VAL C 120 29.37 -4.33 -11.84
CA VAL C 120 30.45 -5.28 -11.61
C VAL C 120 31.72 -4.47 -11.37
N PRO C 121 32.05 -4.13 -10.13
CA PRO C 121 33.14 -3.16 -9.90
C PRO C 121 34.47 -3.53 -10.52
N GLU C 122 34.83 -4.82 -10.55
CA GLU C 122 36.14 -5.19 -11.09
C GLU C 122 36.22 -4.87 -12.58
N ILE C 123 35.16 -5.17 -13.33
CA ILE C 123 35.17 -4.89 -14.76
C ILE C 123 35.21 -3.39 -15.01
N ALA C 124 34.49 -2.61 -14.20
CA ALA C 124 34.54 -1.16 -14.35
C ALA C 124 35.93 -0.62 -14.05
N HIS C 125 36.59 -1.18 -13.04
CA HIS C 125 37.95 -0.76 -12.73
C HIS C 125 38.90 -1.06 -13.89
N VAL C 126 38.77 -2.25 -14.48
CA VAL C 126 39.60 -2.59 -15.63
C VAL C 126 39.31 -1.63 -16.79
N TYR C 127 38.03 -1.35 -17.02
CA TYR C 127 37.65 -0.46 -18.12
C TYR C 127 38.22 0.93 -17.94
N LYS C 128 38.20 1.45 -16.71
CA LYS C 128 38.70 2.79 -16.47
C LYS C 128 40.23 2.84 -16.54
N THR C 129 40.90 1.83 -15.99
CA THR C 129 42.36 1.89 -15.89
C THR C 129 43.05 1.37 -17.15
N ASP C 130 42.81 0.12 -17.51
CA ASP C 130 43.48 -0.54 -18.63
C ASP C 130 42.44 -0.88 -19.69
N ARG C 131 42.21 0.07 -20.61
CA ARG C 131 41.15 -0.12 -21.60
C ARG C 131 41.46 -1.29 -22.52
N SER C 132 42.72 -1.45 -22.93
CA SER C 132 43.07 -2.48 -23.88
C SER C 132 42.79 -3.87 -23.31
N ARG C 133 43.10 -4.08 -22.03
CA ARG C 133 42.81 -5.36 -21.41
C ARG C 133 41.31 -5.62 -21.41
N TYR C 134 40.51 -4.60 -21.12
CA TYR C 134 39.06 -4.75 -21.19
C TYR C 134 38.61 -5.14 -22.58
N GLU C 135 39.16 -4.49 -23.61
CA GLU C 135 38.78 -4.82 -24.98
C GLU C 135 39.10 -6.27 -25.29
N LEU C 136 40.31 -6.71 -24.94
CA LEU C 136 40.72 -8.08 -25.22
C LEU C 136 39.81 -9.07 -24.49
N SER C 137 39.54 -8.81 -23.21
CA SER C 137 38.70 -9.73 -22.44
C SER C 137 37.29 -9.80 -23.01
N ALA C 138 36.72 -8.64 -23.37
CA ALA C 138 35.37 -8.63 -23.93
C ALA C 138 35.32 -9.38 -25.25
N ARG C 139 36.30 -9.16 -26.12
CA ARG C 139 36.31 -9.87 -27.39
C ARG C 139 36.43 -11.37 -27.18
N GLU C 140 37.32 -11.79 -26.28
CA GLU C 140 37.47 -13.22 -26.03
C GLU C 140 36.18 -13.83 -25.47
N TRP C 141 35.54 -13.14 -24.53
CA TRP C 141 34.30 -13.66 -23.95
C TRP C 141 33.21 -13.77 -25.00
N THR C 142 33.05 -12.75 -25.85
CA THR C 142 32.05 -12.82 -26.89
C THR C 142 32.35 -13.96 -27.86
N ARG C 143 33.63 -14.12 -28.22
CA ARG C 143 34.00 -15.17 -29.16
C ARG C 143 33.69 -16.55 -28.59
N LYS C 144 33.96 -16.76 -27.30
CA LYS C 144 33.82 -18.09 -26.72
C LYS C 144 32.46 -18.35 -26.10
N TYR C 145 31.59 -17.35 -26.04
CA TYR C 145 30.25 -17.56 -25.48
C TYR C 145 29.13 -17.16 -26.43
N ALA C 146 29.29 -16.06 -27.16
CA ALA C 146 28.22 -15.54 -27.99
C ALA C 146 28.25 -16.07 -29.42
N ILE C 147 29.21 -16.94 -29.75
CA ILE C 147 29.30 -17.55 -31.07
C ILE C 147 29.33 -19.06 -30.90
N GLY C 148 28.44 -19.74 -31.61
CA GLY C 148 28.35 -21.19 -31.53
C GLY C 148 26.97 -21.67 -31.14
N MET D 5 26.87 39.26 -23.05
CA MET D 5 27.26 39.48 -21.63
C MET D 5 28.02 38.26 -21.11
N GLN D 6 28.33 38.27 -19.81
CA GLN D 6 29.09 37.22 -19.18
C GLN D 6 28.37 36.72 -17.94
N ILE D 7 28.41 35.42 -17.71
CA ILE D 7 27.80 34.79 -16.54
C ILE D 7 28.77 33.78 -15.94
N PHE D 8 28.50 33.40 -14.70
CA PHE D 8 29.31 32.44 -13.96
C PHE D 8 28.43 31.28 -13.50
N VAL D 9 28.95 30.06 -13.63
CA VAL D 9 28.26 28.85 -13.23
C VAL D 9 29.16 28.11 -12.24
N LYS D 10 28.62 27.83 -11.06
CA LYS D 10 29.37 27.15 -10.00
C LYS D 10 28.86 25.73 -9.83
N THR D 11 29.79 24.78 -9.72
CA THR D 11 29.45 23.38 -9.58
C THR D 11 29.45 22.99 -8.10
N LEU D 12 29.12 21.73 -7.82
CA LEU D 12 29.12 21.25 -6.44
C LEU D 12 30.53 21.11 -5.90
N THR D 13 31.55 21.09 -6.75
CA THR D 13 32.93 20.91 -6.33
C THR D 13 33.67 22.25 -6.19
N GLY D 14 32.97 23.37 -6.27
CA GLY D 14 33.56 24.67 -6.10
C GLY D 14 34.17 25.26 -7.35
N LYS D 15 34.12 24.56 -8.48
CA LYS D 15 34.67 25.08 -9.73
C LYS D 15 33.74 26.12 -10.31
N THR D 16 34.32 27.19 -10.85
CA THR D 16 33.57 28.27 -11.48
C THR D 16 33.90 28.32 -12.96
N ILE D 17 32.87 28.32 -13.80
CA ILE D 17 33.01 28.36 -15.24
C ILE D 17 32.39 29.66 -15.74
N THR D 18 33.15 30.43 -16.49
CA THR D 18 32.68 31.69 -17.04
C THR D 18 32.22 31.47 -18.48
N LEU D 19 31.05 32.02 -18.82
CA LEU D 19 30.46 31.86 -20.14
C LEU D 19 30.09 33.22 -20.70
N GLU D 20 30.27 33.37 -22.02
CA GLU D 20 29.85 34.56 -22.74
C GLU D 20 28.55 34.23 -23.45
N VAL D 21 27.44 34.84 -23.01
CA VAL D 21 26.12 34.53 -23.49
C VAL D 21 25.35 35.82 -23.75
N GLU D 22 24.18 35.68 -24.35
CA GLU D 22 23.27 36.79 -24.61
C GLU D 22 21.92 36.50 -23.97
N SER D 23 21.19 37.57 -23.66
CA SER D 23 19.91 37.42 -22.98
C SER D 23 18.92 36.63 -23.82
N SER D 24 19.07 36.63 -25.14
CA SER D 24 18.19 35.89 -26.02
C SER D 24 18.60 34.44 -26.23
N ASP D 25 19.77 34.05 -25.75
CA ASP D 25 20.23 32.67 -25.93
C ASP D 25 19.33 31.71 -25.17
N THR D 26 19.02 30.58 -25.82
CA THR D 26 18.18 29.58 -25.19
C THR D 26 18.96 28.83 -24.12
N ILE D 27 18.21 28.19 -23.21
CA ILE D 27 18.83 27.35 -22.19
C ILE D 27 19.60 26.21 -22.85
N ASP D 28 19.07 25.69 -23.95
CA ASP D 28 19.74 24.60 -24.65
C ASP D 28 21.11 25.02 -25.15
N ASN D 29 21.24 26.25 -25.65
CA ASN D 29 22.55 26.73 -26.11
C ASN D 29 23.53 26.83 -24.95
N VAL D 30 23.07 27.30 -23.80
CA VAL D 30 23.95 27.37 -22.63
C VAL D 30 24.38 25.98 -22.20
N LYS D 31 23.44 25.02 -22.20
CA LYS D 31 23.80 23.65 -21.88
C LYS D 31 24.79 23.08 -22.88
N SER D 32 24.64 23.45 -24.16
CA SER D 32 25.61 23.01 -25.17
C SER D 32 26.99 23.60 -24.88
N LYS D 33 27.05 24.87 -24.47
CA LYS D 33 28.33 25.45 -24.09
C LYS D 33 28.94 24.71 -22.91
N ILE D 34 28.11 24.37 -21.92
CA ILE D 34 28.61 23.64 -20.76
C ILE D 34 29.11 22.26 -21.17
N GLN D 35 28.41 21.61 -22.10
CA GLN D 35 28.87 20.31 -22.59
C GLN D 35 30.20 20.45 -23.31
N ASP D 36 30.35 21.50 -24.12
CA ASP D 36 31.61 21.72 -24.82
C ASP D 36 32.76 21.94 -23.84
N LYS D 37 32.51 22.71 -22.78
CA LYS D 37 33.59 23.05 -21.86
C LYS D 37 33.92 21.91 -20.90
N GLU D 38 32.92 21.13 -20.48
CA GLU D 38 33.12 20.12 -19.45
C GLU D 38 32.81 18.70 -19.90
N GLY D 39 32.12 18.51 -21.02
CA GLY D 39 31.76 17.17 -21.46
C GLY D 39 30.54 16.60 -20.79
N ILE D 40 29.83 17.38 -19.97
CA ILE D 40 28.64 16.90 -19.28
C ILE D 40 27.47 16.91 -20.26
N PRO D 41 26.79 15.80 -20.50
CA PRO D 41 25.65 15.80 -21.41
C PRO D 41 24.57 16.76 -20.94
N PRO D 42 23.90 17.46 -21.86
CA PRO D 42 22.86 18.41 -21.44
C PRO D 42 21.74 17.77 -20.64
N ASP D 43 21.38 16.52 -20.95
CA ASP D 43 20.29 15.87 -20.22
C ASP D 43 20.59 15.78 -18.73
N GLN D 44 21.87 15.68 -18.36
CA GLN D 44 22.25 15.54 -16.97
C GLN D 44 22.49 16.88 -16.28
N GLN D 45 22.49 17.99 -17.02
CA GLN D 45 22.70 19.29 -16.42
C GLN D 45 21.41 19.80 -15.79
N ARG D 46 21.54 20.41 -14.61
CA ARG D 46 20.43 21.06 -13.93
C ARG D 46 20.93 22.40 -13.44
N LEU D 47 20.48 23.47 -14.08
CA LEU D 47 20.93 24.83 -13.80
C LEU D 47 19.89 25.52 -12.94
N ILE D 48 20.33 26.14 -11.85
CA ILE D 48 19.46 26.79 -10.88
C ILE D 48 19.91 28.25 -10.74
N PHE D 49 18.94 29.16 -10.84
CA PHE D 49 19.18 30.58 -10.66
C PHE D 49 18.05 31.14 -9.80
N ALA D 50 18.42 31.87 -8.76
CA ALA D 50 17.45 32.52 -7.86
C ALA D 50 16.40 31.53 -7.39
N GLY D 51 16.84 30.31 -7.08
CA GLY D 51 15.96 29.29 -6.54
C GLY D 51 15.04 28.63 -7.54
N LYS D 52 15.23 28.88 -8.84
CA LYS D 52 14.40 28.28 -9.88
C LYS D 52 15.29 27.48 -10.83
N GLN D 53 14.84 26.27 -11.17
CA GLN D 53 15.60 25.38 -12.03
C GLN D 53 15.29 25.72 -13.49
N LEU D 54 16.34 26.03 -14.25
CA LEU D 54 16.17 26.37 -15.66
C LEU D 54 15.66 25.15 -16.43
N GLU D 55 14.76 25.40 -17.37
CA GLU D 55 14.14 24.34 -18.16
C GLU D 55 14.44 24.53 -19.64
N ASP D 56 14.47 23.42 -20.37
CA ASP D 56 14.73 23.47 -21.80
C ASP D 56 13.59 24.15 -22.54
N GLY D 57 13.92 24.74 -23.69
CA GLY D 57 12.94 25.42 -24.51
C GLY D 57 12.72 26.88 -24.16
N ARG D 58 13.35 27.39 -23.11
CA ARG D 58 13.21 28.77 -22.68
C ARG D 58 14.53 29.51 -22.86
N THR D 59 14.56 30.76 -22.41
CA THR D 59 15.73 31.62 -22.54
C THR D 59 16.14 32.13 -21.16
N LEU D 60 17.35 32.70 -21.10
CA LEU D 60 17.82 33.30 -19.86
C LEU D 60 16.96 34.47 -19.45
N SER D 61 16.51 35.28 -20.42
CA SER D 61 15.68 36.44 -20.10
C SER D 61 14.38 36.02 -19.41
N ASP D 62 13.86 34.84 -19.74
CA ASP D 62 12.66 34.36 -19.07
C ASP D 62 12.86 34.24 -17.57
N TYR D 63 14.10 34.00 -17.13
CA TYR D 63 14.43 33.90 -15.72
C TYR D 63 15.07 35.17 -15.17
N ASN D 64 14.99 36.28 -15.92
CA ASN D 64 15.52 37.56 -15.47
C ASN D 64 17.00 37.47 -15.12
N ILE D 65 17.75 36.74 -15.93
CA ILE D 65 19.19 36.65 -15.77
C ILE D 65 19.83 37.86 -16.43
N GLN D 66 20.68 38.58 -15.68
CA GLN D 66 21.27 39.82 -16.16
C GLN D 66 22.78 39.79 -16.01
N LYS D 67 23.44 40.94 -16.18
CA LYS D 67 24.89 41.00 -16.21
C LYS D 67 25.49 40.32 -14.97
N GLU D 68 26.48 39.46 -15.22
CA GLU D 68 27.24 38.80 -14.16
C GLU D 68 26.33 38.15 -13.13
N SER D 69 25.34 37.40 -13.63
CA SER D 69 24.54 36.56 -12.76
C SER D 69 25.30 35.28 -12.44
N THR D 70 24.94 34.68 -11.31
CA THR D 70 25.58 33.46 -10.84
C THR D 70 24.54 32.32 -10.83
N LEU D 71 24.89 31.21 -11.47
CA LEU D 71 24.04 30.04 -11.53
C LEU D 71 24.73 28.87 -10.84
N HIS D 72 23.95 27.86 -10.49
CA HIS D 72 24.46 26.63 -9.90
C HIS D 72 24.17 25.48 -10.83
N LEU D 73 25.17 24.64 -11.09
CA LEU D 73 25.04 23.50 -11.98
C LEU D 73 25.18 22.22 -11.17
N VAL D 74 24.12 21.43 -11.11
CA VAL D 74 24.12 20.14 -10.44
C VAL D 74 23.75 19.07 -11.46
N LEU D 75 24.44 17.94 -11.40
CA LEU D 75 24.23 16.87 -12.37
C LEU D 75 23.64 15.64 -11.69
N ARG D 76 22.80 14.92 -12.43
CA ARG D 76 22.14 13.74 -11.90
C ARG D 76 23.06 12.53 -11.98
N LEU D 77 22.83 11.58 -11.10
CA LEU D 77 23.56 10.31 -11.07
C LEU D 77 22.68 9.26 -11.75
N ARG D 78 23.03 8.90 -12.98
CA ARG D 78 22.29 7.86 -13.68
C ARG D 78 22.47 6.53 -12.96
N GLY D 79 21.42 5.71 -13.01
CA GLY D 79 21.39 4.49 -12.25
C GLY D 79 22.14 3.33 -12.87
MG MG E . -2.05 -9.41 6.37
MG MG F . -1.79 -14.19 9.72
PG ATP G . -1.08 -9.44 9.66
O1G ATP G . 0.09 -10.34 9.92
O2G ATP G . -1.29 -8.39 10.74
O3G ATP G . -1.04 -8.76 8.30
PB ATP G . -3.24 -11.27 8.71
O1B ATP G . -3.38 -12.61 9.30
O2B ATP G . -2.57 -11.22 7.33
O3B ATP G . -2.43 -10.28 9.65
PA ATP G . -5.22 -9.27 7.76
O1A ATP G . -5.72 -8.21 8.67
O2A ATP G . -4.15 -8.83 6.78
O3A ATP G . -4.64 -10.51 8.58
O5' ATP G . -6.44 -9.91 6.96
C5' ATP G . -6.22 -10.62 5.72
C4' ATP G . -6.98 -11.92 5.79
O4' ATP G . -7.22 -12.33 4.43
C3' ATP G . -6.11 -13.02 6.40
O3' ATP G . -6.99 -13.96 6.99
C2' ATP G . -5.53 -13.71 5.16
O2' ATP G . -5.40 -15.08 5.48
C1' ATP G . -6.74 -13.64 4.25
N9 ATP G . -6.36 -13.76 2.85
C8 ATP G . -5.33 -13.12 2.20
N7 ATP G . -5.22 -13.44 0.93
C5 ATP G . -6.25 -14.33 0.72
C6 ATP G . -6.68 -15.04 -0.42
N6 ATP G . -6.10 -14.95 -1.62
N1 ATP G . -7.75 -15.85 -0.29
C2 ATP G . -8.33 -15.95 0.90
N3 ATP G . -8.01 -15.35 2.05
C4 ATP G . -6.96 -14.54 1.89
N01 A1AIV H . 22.55 2.45 -11.97
C02 A1AIV H . 23.24 1.23 -12.37
C03 A1AIV H . 22.34 0.13 -11.82
C04 A1AIV H . 20.87 0.37 -12.19
C05 A1AIV H . 20.05 -0.89 -11.93
N06 A1AIV H . 19.43 -1.82 -11.76
#